data_3TNN
#
_entry.id   3TNN
#
_cell.length_a   73.437
_cell.length_b   84.505
_cell.length_c   143.125
_cell.angle_alpha   90.00
_cell.angle_beta   101.08
_cell.angle_gamma   90.00
#
_symmetry.space_group_name_H-M   'P 1 21 1'
#
loop_
_entity.id
_entity.type
_entity.pdbx_description
1 polymer 'Fab heavy chain of ADCC and non-neutralizing anti-HIV-1 antibody N5-i5'
2 polymer 'Fab light chain of ADCC and non-neutralizing anti-HIV-1 antibody N5-i5'
3 non-polymer 'SULFATE ION'
4 non-polymer GLYCEROL
5 non-polymer 'CHLORIDE ION'
6 water water
#
loop_
_entity_poly.entity_id
_entity_poly.type
_entity_poly.pdbx_seq_one_letter_code
_entity_poly.pdbx_strand_id
1 'polypeptide(L)'
;EVQLVESGGGLVQPGGSLRLSCAASGFTFSTYAMSWVRQAPGKGLEWVSSINNSGRNTFSADSVKGRFTISRDNSKNTLF
LVMNSLRAEDTAVYYCAKDLRLGGGSDYWGQGTLVTVSSASTKGPSVFPLAPSSKSTSGGTAALGCLVKDYFPEPVTVSW
NSGALTSGVHTFPAVLQSSGLYSLSSVVTVPSSSLGTQTYICNVNHKPSNTKVDKRVEPKSCDKTH
;
H,A,C,E
2 'polypeptide(L)'
;QSALTQPASVSGSPGQSITISCTGTSSDVGSYNFVSWYQQHPGKAPKLMIYEVSERPSGISNRFSGSKSGNTASLTISGL
QAEDEADYYCSSYAGSTTFRVFGGGTKLTVRGQPKAAPSVTLFPPSSEELQANKATLVCLISDFYPGAVTVAWKADSSPV
KAGVETTTPSKQSNNKYAASSYLSLTPEQWKSHRSYSCQVTHEGSTVEKTVAPTECS
;
L,B,D,F
#
# COMPACT_ATOMS: atom_id res chain seq x y z
N GLU A 1 -43.25 16.72 28.22
CA GLU A 1 -42.18 17.74 28.13
C GLU A 1 -41.89 18.09 26.65
N VAL A 2 -41.28 19.26 26.47
CA VAL A 2 -40.87 19.72 25.17
C VAL A 2 -39.69 18.87 24.77
N GLN A 3 -39.71 18.34 23.58
CA GLN A 3 -38.61 17.49 23.16
C GLN A 3 -38.22 17.85 21.74
N LEU A 4 -36.92 17.96 21.47
CA LEU A 4 -36.37 18.03 20.12
C LEU A 4 -35.35 16.90 19.94
N VAL A 5 -35.78 15.81 19.32
CA VAL A 5 -34.98 14.60 19.27
C VAL A 5 -34.20 14.64 17.98
N GLU A 6 -32.88 14.73 18.09
CA GLU A 6 -32.03 14.78 16.90
C GLU A 6 -31.54 13.39 16.46
N SER A 7 -31.37 13.17 15.12
CA SER A 7 -30.72 12.00 14.58
C SER A 7 -30.04 12.33 13.25
N GLY A 8 -29.33 11.35 12.74
CA GLY A 8 -28.75 11.38 11.41
C GLY A 8 -27.35 11.92 11.41
N GLY A 9 -26.77 12.11 12.59
CA GLY A 9 -25.41 12.60 12.63
C GLY A 9 -24.45 11.41 12.47
N GLY A 10 -23.19 11.58 12.82
CA GLY A 10 -22.20 10.50 12.74
C GLY A 10 -21.08 10.77 11.74
N LEU A 11 -20.55 9.69 11.13
CA LEU A 11 -19.34 9.80 10.30
C LEU A 11 -19.64 9.96 8.82
N VAL A 12 -18.86 10.83 8.18
CA VAL A 12 -19.00 11.09 6.76
C VAL A 12 -17.64 11.50 6.16
N GLN A 13 -17.35 10.96 4.99
CA GLN A 13 -16.17 11.38 4.20
C GLN A 13 -16.28 12.85 3.75
N PRO A 14 -15.16 13.54 3.65
CA PRO A 14 -15.13 14.84 2.94
C PRO A 14 -15.80 14.72 1.56
N GLY A 15 -16.57 15.72 1.19
CA GLY A 15 -17.34 15.69 -0.06
C GLY A 15 -18.69 14.99 0.08
N GLY A 16 -18.87 14.24 1.16
CA GLY A 16 -20.08 13.39 1.37
C GLY A 16 -21.31 14.16 1.85
N SER A 17 -22.41 13.45 2.15
CA SER A 17 -23.66 14.10 2.48
C SER A 17 -24.25 13.42 3.68
N LEU A 18 -24.96 14.18 4.50
CA LEU A 18 -25.81 13.62 5.60
C LEU A 18 -27.13 14.36 5.62
N ARG A 19 -28.11 13.83 6.33
CA ARG A 19 -29.33 14.60 6.61
C ARG A 19 -29.65 14.52 8.09
N LEU A 20 -29.66 15.68 8.77
CA LEU A 20 -30.01 15.68 10.19
C LEU A 20 -31.54 15.81 10.29
N SER A 21 -32.12 15.14 11.27
CA SER A 21 -33.50 15.27 11.57
C SER A 21 -33.63 15.80 12.98
N CYS A 22 -34.71 16.54 13.25
CA CYS A 22 -35.01 17.03 14.59
C CYS A 22 -36.53 16.93 14.77
N ALA A 23 -36.92 15.95 15.55
CA ALA A 23 -38.32 15.66 15.69
C ALA A 23 -38.79 16.35 16.95
N ALA A 24 -39.84 17.18 16.83
CA ALA A 24 -40.29 18.04 17.91
C ALA A 24 -41.57 17.48 18.50
N SER A 25 -41.81 17.72 19.78
CA SER A 25 -43.12 17.40 20.37
C SER A 25 -43.36 18.26 21.64
N GLY A 26 -44.64 18.42 22.02
CA GLY A 26 -45.02 19.13 23.26
C GLY A 26 -45.06 20.65 23.04
N PHE A 27 -45.09 21.07 21.77
CA PHE A 27 -45.40 22.46 21.40
C PHE A 27 -45.91 22.43 19.97
N THR A 28 -46.53 23.52 19.50
CA THR A 28 -47.14 23.52 18.18
C THR A 28 -46.05 23.91 17.22
N PHE A 29 -45.41 22.86 16.70
CA PHE A 29 -44.19 22.97 15.88
C PHE A 29 -44.42 23.94 14.73
N SER A 30 -45.58 23.83 14.05
CA SER A 30 -45.94 24.68 12.92
C SER A 30 -46.05 26.19 13.23
N THR A 31 -46.09 26.57 14.50
CA THR A 31 -46.21 27.97 14.85
C THR A 31 -44.87 28.69 14.81
N TYR A 32 -43.78 27.96 14.97
CA TYR A 32 -42.48 28.62 15.21
C TYR A 32 -41.47 28.42 14.14
N ALA A 33 -40.67 29.47 13.97
CA ALA A 33 -39.43 29.44 13.26
C ALA A 33 -38.52 28.47 14.01
N MET A 34 -37.57 27.85 13.27
CA MET A 34 -36.55 26.90 13.84
C MET A 34 -35.17 27.23 13.31
N SER A 35 -34.12 26.82 14.03
CA SER A 35 -32.74 27.12 13.62
C SER A 35 -31.90 25.89 13.91
N TRP A 36 -30.80 25.85 13.21
CA TRP A 36 -29.66 24.97 13.45
C TRP A 36 -28.48 25.88 13.80
N VAL A 37 -27.81 25.48 14.87
CA VAL A 37 -26.68 26.17 15.36
C VAL A 37 -25.62 25.13 15.57
N ARG A 38 -24.36 25.41 15.23
CA ARG A 38 -23.36 24.35 15.48
C ARG A 38 -22.23 24.84 16.31
N GLN A 39 -21.46 23.86 16.81
CA GLN A 39 -20.40 24.16 17.73
C GLN A 39 -19.31 23.14 17.56
N ALA A 40 -18.20 23.59 16.98
CA ALA A 40 -17.02 22.74 16.84
C ALA A 40 -16.43 22.41 18.22
N PRO A 41 -15.72 21.27 18.31
CA PRO A 41 -15.29 20.82 19.66
C PRO A 41 -14.42 21.92 20.28
N GLY A 42 -14.73 22.30 21.52
CA GLY A 42 -14.03 23.38 22.23
C GLY A 42 -14.19 24.79 21.70
N LYS A 43 -15.15 25.03 20.80
CA LYS A 43 -15.28 26.34 20.17
C LYS A 43 -16.64 26.93 20.44
N GLY A 44 -16.94 28.04 19.78
CA GLY A 44 -18.16 28.79 20.10
C GLY A 44 -19.34 28.36 19.25
N LEU A 45 -20.52 28.92 19.55
CA LEU A 45 -21.74 28.69 18.79
C LEU A 45 -21.69 29.44 17.47
N GLU A 46 -22.11 28.77 16.40
CA GLU A 46 -22.20 29.42 15.12
C GLU A 46 -23.59 29.18 14.54
N TRP A 47 -24.30 30.24 14.11
CA TRP A 47 -25.64 30.03 13.50
C TRP A 47 -25.41 29.39 12.15
N VAL A 48 -26.19 28.38 11.82
CA VAL A 48 -26.05 27.71 10.50
C VAL A 48 -27.17 28.12 9.54
N SER A 49 -28.45 27.90 9.95
CA SER A 49 -29.58 28.38 9.12
C SER A 49 -30.85 28.42 9.95
N SER A 50 -31.84 29.17 9.47
CA SER A 50 -33.17 29.20 10.08
C SER A 50 -34.22 29.10 9.03
N ILE A 51 -35.44 28.74 9.44
CA ILE A 51 -36.49 28.57 8.52
C ILE A 51 -37.75 29.11 9.22
N ASN A 52 -38.59 29.86 8.50
CA ASN A 52 -39.85 30.46 9.06
C ASN A 52 -40.84 29.34 9.28
N ASN A 53 -41.96 29.63 9.97
CA ASN A 53 -42.89 28.60 10.45
C ASN A 53 -43.55 27.77 9.33
N SER A 54 -43.85 28.43 8.22
CA SER A 54 -44.43 27.75 7.07
C SER A 54 -43.39 26.97 6.29
N GLY A 55 -42.11 27.27 6.49
CA GLY A 55 -41.11 26.64 5.66
C GLY A 55 -40.88 27.29 4.31
N ARG A 56 -41.63 28.36 4.01
CA ARG A 56 -41.45 29.04 2.74
C ARG A 56 -40.28 29.95 2.67
N ASN A 57 -39.76 30.49 3.79
CA ASN A 57 -38.50 31.26 3.70
C ASN A 57 -37.37 30.67 4.54
N THR A 58 -36.11 30.73 4.03
CA THR A 58 -35.06 30.08 4.72
C THR A 58 -33.86 31.00 4.67
N PHE A 59 -32.91 30.81 5.56
CA PHE A 59 -31.78 31.82 5.67
C PHE A 59 -30.58 31.04 6.00
N SER A 60 -29.39 31.35 5.45
CA SER A 60 -28.34 30.45 5.75
C SER A 60 -27.08 31.25 5.88
N ALA A 61 -26.17 30.78 6.72
CA ALA A 61 -24.91 31.43 6.92
C ALA A 61 -24.12 31.35 5.65
N ASP A 62 -23.31 32.39 5.39
CA ASP A 62 -22.38 32.37 4.23
C ASP A 62 -21.45 31.16 4.17
N SER A 63 -20.92 30.74 5.31
CA SER A 63 -20.06 29.53 5.45
C SER A 63 -20.68 28.22 4.91
N VAL A 64 -21.99 28.20 4.73
CA VAL A 64 -22.80 27.01 4.40
C VAL A 64 -23.65 27.14 3.11
N LYS A 65 -23.59 28.33 2.48
CA LYS A 65 -24.48 28.68 1.37
C LYS A 65 -24.18 27.74 0.21
N GLY A 66 -25.23 27.22 -0.36
CA GLY A 66 -25.06 26.34 -1.47
C GLY A 66 -24.71 24.91 -1.10
N ARG A 67 -24.44 24.63 0.18
CA ARG A 67 -24.06 23.28 0.60
C ARG A 67 -25.14 22.67 1.49
N PHE A 68 -25.67 23.46 2.43
CA PHE A 68 -26.65 22.89 3.36
C PHE A 68 -28.01 23.47 3.04
N THR A 69 -29.04 22.69 3.28
CA THR A 69 -30.37 23.13 2.93
C THR A 69 -31.26 22.72 4.09
N ILE A 70 -31.90 23.74 4.71
CA ILE A 70 -32.79 23.58 5.82
C ILE A 70 -34.21 23.36 5.30
N SER A 71 -34.95 22.50 5.97
CA SER A 71 -36.31 22.32 5.54
C SER A 71 -37.11 21.80 6.69
N ARG A 72 -38.44 21.73 6.53
CA ARG A 72 -39.27 21.19 7.55
C ARG A 72 -40.49 20.50 6.98
N ASP A 73 -41.00 19.54 7.74
CA ASP A 73 -42.25 18.93 7.43
C ASP A 73 -43.18 19.18 8.62
N ASN A 74 -44.02 20.22 8.48
CA ASN A 74 -44.95 20.59 9.55
C ASN A 74 -45.90 19.49 9.94
N SER A 75 -46.25 18.68 8.95
CA SER A 75 -47.16 17.60 9.19
C SER A 75 -46.60 16.59 10.18
N LYS A 76 -45.31 16.32 10.06
CA LYS A 76 -44.65 15.27 10.84
C LYS A 76 -43.81 15.88 11.93
N ASN A 77 -44.05 17.16 12.20
CA ASN A 77 -43.35 17.93 13.29
C ASN A 77 -41.80 17.81 13.19
N THR A 78 -41.24 17.73 11.99
CA THR A 78 -39.76 17.53 11.87
C THR A 78 -39.08 18.60 11.06
N LEU A 79 -37.86 18.93 11.52
CA LEU A 79 -36.97 19.94 10.94
C LEU A 79 -35.76 19.16 10.42
N PHE A 80 -35.26 19.53 9.21
CA PHE A 80 -34.15 18.80 8.60
C PHE A 80 -33.00 19.73 8.25
N LEU A 81 -31.81 19.21 8.30
CA LEU A 81 -30.70 19.88 7.63
C LEU A 81 -30.09 18.88 6.66
N VAL A 82 -30.22 19.18 5.37
CA VAL A 82 -29.56 18.35 4.36
C VAL A 82 -28.18 18.94 4.24
N MET A 83 -27.16 18.14 4.45
CA MET A 83 -25.78 18.72 4.40
C MET A 83 -24.99 18.08 3.28
N ASN A 84 -24.68 18.85 2.22
CA ASN A 84 -23.98 18.22 1.09
C ASN A 84 -22.56 18.78 1.11
N SER A 85 -21.68 18.12 0.38
CA SER A 85 -20.31 18.66 0.19
C SER A 85 -19.58 18.95 1.49
N LEU A 86 -19.66 18.03 2.43
CA LEU A 86 -19.13 18.30 3.76
C LEU A 86 -17.58 18.44 3.74
N ARG A 87 -17.05 19.30 4.62
CA ARG A 87 -15.59 19.50 4.73
C ARG A 87 -15.25 19.23 6.19
N ALA A 88 -13.96 19.02 6.43
CA ALA A 88 -13.43 18.76 7.77
C ALA A 88 -13.88 19.83 8.77
N GLU A 89 -13.91 21.08 8.32
CA GLU A 89 -14.24 22.21 9.17
C GLU A 89 -15.74 22.26 9.55
N ASP A 90 -16.56 21.37 8.96
CA ASP A 90 -17.97 21.29 9.36
C ASP A 90 -18.19 20.34 10.55
N THR A 91 -17.11 19.70 11.00
CA THR A 91 -17.16 18.77 12.12
C THR A 91 -17.60 19.54 13.35
N ALA A 92 -18.68 19.10 13.98
CA ALA A 92 -19.17 19.96 15.01
C ALA A 92 -20.36 19.26 15.61
N VAL A 93 -20.75 19.65 16.82
CA VAL A 93 -22.06 19.23 17.32
C VAL A 93 -23.11 20.16 16.64
N TYR A 94 -24.24 19.61 16.14
CA TYR A 94 -25.34 20.40 15.52
C TYR A 94 -26.55 20.34 16.38
N TYR A 95 -27.01 21.52 16.82
CA TYR A 95 -28.24 21.66 17.58
C TYR A 95 -29.38 22.16 16.74
N CYS A 96 -30.56 21.60 16.91
CA CYS A 96 -31.72 22.34 16.42
C CYS A 96 -32.33 23.10 17.62
N ALA A 97 -33.01 24.23 17.32
CA ALA A 97 -33.66 25.00 18.33
C ALA A 97 -34.92 25.66 17.79
N LYS A 98 -35.88 25.75 18.67
CA LYS A 98 -37.14 26.44 18.40
C LYS A 98 -36.92 27.88 18.78
N ASP A 99 -37.29 28.79 17.87
CA ASP A 99 -37.02 30.22 18.05
C ASP A 99 -38.30 30.87 18.53
N LEU A 100 -38.13 31.86 19.40
CA LEU A 100 -39.32 32.53 19.92
C LEU A 100 -39.99 33.29 18.78
N ARG A 101 -39.13 33.83 17.89
CA ARG A 101 -39.53 34.43 16.63
C ARG A 101 -38.43 34.40 15.64
N LEU A 102 -38.83 34.59 14.38
CA LEU A 102 -37.90 34.48 13.29
C LEU A 102 -36.84 35.51 13.48
N GLY A 103 -35.61 35.06 13.53
CA GLY A 103 -34.43 35.94 13.67
C GLY A 103 -34.20 36.34 15.13
N GLY A 104 -35.09 35.92 16.04
CA GLY A 104 -34.93 36.19 17.46
C GLY A 104 -34.25 35.09 18.26
N GLY A 105 -34.55 35.03 19.57
CA GLY A 105 -33.92 34.07 20.47
C GLY A 105 -34.43 32.65 20.40
N SER A 106 -33.58 31.69 20.78
CA SER A 106 -33.94 30.29 20.62
C SER A 106 -34.26 29.73 22.01
N ASP A 107 -35.51 29.35 22.28
CA ASP A 107 -35.89 29.05 23.67
C ASP A 107 -35.87 27.58 24.06
N TYR A 108 -35.85 26.66 23.11
CA TYR A 108 -35.65 25.24 23.46
C TYR A 108 -34.67 24.69 22.45
N TRP A 109 -33.68 23.93 22.93
CA TRP A 109 -32.62 23.39 22.16
C TRP A 109 -32.74 21.87 22.28
N GLY A 110 -32.46 21.14 21.18
CA GLY A 110 -32.24 19.72 21.34
C GLY A 110 -30.85 19.44 21.94
N GLN A 111 -30.54 18.20 22.23
CA GLN A 111 -29.27 17.85 22.88
C GLN A 111 -28.03 17.88 21.99
N GLY A 112 -28.20 18.03 20.68
CA GLY A 112 -27.02 18.11 19.77
C GLY A 112 -26.71 16.75 19.15
N THR A 113 -26.21 16.73 17.91
CA THR A 113 -25.75 15.45 17.37
C THR A 113 -24.40 15.75 16.71
N LEU A 114 -23.41 14.88 16.95
CA LEU A 114 -22.09 15.09 16.49
C LEU A 114 -21.98 14.61 15.02
N VAL A 115 -21.43 15.50 14.19
CA VAL A 115 -21.15 15.23 12.81
C VAL A 115 -19.63 15.24 12.69
N THR A 116 -19.07 14.09 12.28
CA THR A 116 -17.62 13.94 12.07
C THR A 116 -17.33 13.72 10.61
N VAL A 117 -16.66 14.68 9.99
CA VAL A 117 -16.21 14.65 8.61
C VAL A 117 -14.70 14.30 8.62
N SER A 118 -14.45 13.08 8.21
CA SER A 118 -13.17 12.44 8.27
C SER A 118 -13.16 11.28 7.24
N SER A 119 -11.97 11.03 6.68
CA SER A 119 -11.65 9.93 5.77
C SER A 119 -11.37 8.62 6.50
N ALA A 120 -11.26 8.67 7.82
CA ALA A 120 -11.02 7.44 8.59
C ALA A 120 -12.25 6.56 8.55
N SER A 121 -12.07 5.26 8.70
CA SER A 121 -13.23 4.41 8.58
C SER A 121 -13.71 4.10 9.98
N THR A 122 -14.98 3.72 10.09
CA THR A 122 -15.56 3.42 11.36
C THR A 122 -14.92 2.20 11.96
N LYS A 123 -14.86 2.18 13.29
CA LYS A 123 -14.46 0.99 14.02
C LYS A 123 -15.29 0.88 15.29
N GLY A 124 -15.88 -0.28 15.49
CA GLY A 124 -16.69 -0.52 16.65
C GLY A 124 -15.82 -0.88 17.87
N PRO A 125 -16.32 -0.55 19.08
CA PRO A 125 -15.50 -0.79 20.27
C PRO A 125 -15.53 -2.24 20.75
N SER A 126 -14.47 -2.63 21.45
CA SER A 126 -14.52 -3.80 22.35
C SER A 126 -15.05 -3.36 23.73
N VAL A 127 -15.83 -4.18 24.40
CA VAL A 127 -16.38 -3.82 25.70
C VAL A 127 -15.89 -4.81 26.77
N PHE A 128 -15.40 -4.27 27.88
CA PHE A 128 -14.88 -5.14 28.97
C PHE A 128 -15.45 -4.68 30.30
N PRO A 129 -15.91 -5.62 31.14
CA PRO A 129 -16.37 -5.29 32.51
C PRO A 129 -15.25 -4.78 33.45
N LEU A 130 -15.52 -3.74 34.24
CA LEU A 130 -14.64 -3.26 35.31
C LEU A 130 -15.29 -3.58 36.67
N ALA A 131 -14.78 -4.61 37.36
CA ALA A 131 -15.23 -4.89 38.73
C ALA A 131 -14.08 -4.73 39.71
N PRO A 132 -14.40 -4.42 40.99
CA PRO A 132 -13.38 -4.52 42.06
C PRO A 132 -12.87 -5.97 42.23
N GLY A 140 -18.73 0.16 52.30
CA GLY A 140 -19.89 1.04 52.23
C GLY A 140 -20.34 1.24 50.79
N THR A 141 -19.53 1.94 50.01
CA THR A 141 -19.81 2.20 48.60
C THR A 141 -18.79 1.47 47.68
N ALA A 142 -19.23 1.03 46.50
CA ALA A 142 -18.32 0.40 45.54
C ALA A 142 -18.58 0.90 44.10
N ALA A 143 -17.54 0.83 43.28
CA ALA A 143 -17.66 1.27 41.87
C ALA A 143 -17.42 0.09 40.94
N LEU A 144 -18.29 -0.04 39.95
CA LEU A 144 -18.13 -1.05 38.92
C LEU A 144 -18.31 -0.34 37.57
N GLY A 145 -17.72 -0.87 36.50
CA GLY A 145 -17.87 -0.18 35.25
C GLY A 145 -17.74 -1.03 34.02
N CYS A 146 -17.67 -0.36 32.88
CA CYS A 146 -17.41 -1.03 31.61
C CYS A 146 -16.37 -0.23 30.90
N LEU A 147 -15.46 -0.95 30.23
CA LEU A 147 -14.43 -0.29 29.47
C LEU A 147 -14.81 -0.40 28.00
N VAL A 148 -14.93 0.73 27.32
CA VAL A 148 -15.31 0.74 25.93
C VAL A 148 -14.08 1.12 25.08
N LYS A 149 -13.44 0.13 24.49
CA LYS A 149 -12.10 0.30 23.94
C LYS A 149 -11.99 0.36 22.40
N ASP A 150 -11.28 1.38 21.94
CA ASP A 150 -10.78 1.43 20.56
C ASP A 150 -11.82 1.61 19.49
N TYR A 151 -12.50 2.74 19.49
CA TYR A 151 -13.56 2.96 18.54
C TYR A 151 -13.42 4.27 17.79
N PHE A 152 -14.06 4.38 16.62
CA PHE A 152 -14.04 5.65 15.92
C PHE A 152 -15.27 5.72 15.09
N PRO A 153 -15.92 6.90 15.01
CA PRO A 153 -15.69 8.19 15.67
C PRO A 153 -16.40 8.24 17.01
N GLU A 154 -16.30 9.35 17.74
CA GLU A 154 -17.30 9.55 18.80
C GLU A 154 -18.72 9.78 18.19
N PRO A 155 -19.77 9.68 19.00
CA PRO A 155 -19.81 9.28 20.42
C PRO A 155 -20.19 7.82 20.61
N VAL A 156 -20.21 7.37 21.86
CA VAL A 156 -20.62 6.05 22.24
C VAL A 156 -21.60 6.35 23.33
N THR A 157 -22.70 5.63 23.44
CA THR A 157 -23.53 5.87 24.61
C THR A 157 -23.51 4.65 25.53
N VAL A 158 -23.48 4.91 26.84
CA VAL A 158 -23.52 3.82 27.81
C VAL A 158 -24.71 4.03 28.76
N SER A 159 -25.55 3.02 28.91
CA SER A 159 -26.55 3.06 29.97
C SER A 159 -26.34 1.85 30.84
N TRP A 160 -27.07 1.77 31.95
CA TRP A 160 -26.91 0.67 32.88
C TRP A 160 -28.27 0.04 33.15
N ASN A 161 -28.32 -1.28 33.14
CA ASN A 161 -29.58 -2.00 33.29
C ASN A 161 -30.67 -1.44 32.37
N SER A 162 -30.29 -1.17 31.12
CA SER A 162 -31.26 -0.68 30.11
C SER A 162 -31.90 0.66 30.45
N GLY A 163 -31.17 1.50 31.18
CA GLY A 163 -31.66 2.81 31.60
C GLY A 163 -32.33 2.77 32.98
N ALA A 164 -32.52 1.58 33.54
CA ALA A 164 -33.12 1.44 34.87
C ALA A 164 -32.21 2.02 35.96
N LEU A 165 -30.90 1.89 35.79
CA LEU A 165 -29.95 2.44 36.75
C LEU A 165 -29.36 3.75 36.22
N THR A 166 -29.58 4.84 36.95
CA THR A 166 -29.10 6.15 36.53
C THR A 166 -28.36 6.88 37.64
N SER A 167 -28.77 6.64 38.88
CA SER A 167 -28.16 7.31 40.02
C SER A 167 -26.78 6.70 40.30
N GLY A 168 -25.77 7.56 40.34
CA GLY A 168 -24.42 7.11 40.65
C GLY A 168 -23.57 6.80 39.42
N VAL A 169 -24.17 6.96 38.23
CA VAL A 169 -23.52 6.69 36.94
C VAL A 169 -22.69 7.89 36.50
N HIS A 170 -21.41 7.67 36.20
CA HIS A 170 -20.56 8.69 35.59
C HIS A 170 -19.84 8.12 34.36
N THR A 171 -20.25 8.55 33.19
CA THR A 171 -19.52 8.23 31.96
C THR A 171 -18.53 9.32 31.65
N PHE A 172 -17.26 8.92 31.63
CA PHE A 172 -16.13 9.77 31.51
C PHE A 172 -15.83 10.20 30.08
N PRO A 173 -15.30 11.40 29.94
CA PRO A 173 -14.77 11.81 28.65
C PRO A 173 -13.76 10.78 28.12
N ALA A 174 -13.77 10.60 26.80
CA ALA A 174 -13.01 9.56 26.19
C ALA A 174 -11.58 10.06 26.03
N VAL A 175 -10.61 9.14 26.05
CA VAL A 175 -9.23 9.51 25.68
C VAL A 175 -9.14 9.33 24.19
N LEU A 176 -8.32 10.16 23.53
CA LEU A 176 -7.99 9.98 22.12
C LEU A 176 -6.56 9.51 22.11
N GLN A 177 -6.39 8.28 21.65
CA GLN A 177 -5.11 7.60 21.63
C GLN A 177 -4.33 8.10 20.41
N SER A 178 -3.02 7.89 20.44
CA SER A 178 -2.13 8.27 19.33
C SER A 178 -2.63 7.72 18.02
N SER A 179 -3.15 6.49 18.07
CA SER A 179 -3.71 5.74 16.93
C SER A 179 -4.85 6.45 16.19
N GLY A 180 -5.53 7.36 16.88
CA GLY A 180 -6.66 8.03 16.29
C GLY A 180 -7.94 7.40 16.82
N LEU A 181 -7.81 6.32 17.56
CA LEU A 181 -8.98 5.68 18.20
C LEU A 181 -9.23 6.21 19.62
N TYR A 182 -10.49 6.18 20.03
CA TYR A 182 -11.01 6.62 21.32
C TYR A 182 -11.28 5.39 22.24
N SER A 183 -11.14 5.59 23.54
CA SER A 183 -11.66 4.66 24.50
C SER A 183 -12.26 5.49 25.63
N LEU A 184 -13.31 4.96 26.25
CA LEU A 184 -13.83 5.56 27.46
C LEU A 184 -14.23 4.51 28.47
N SER A 185 -14.48 4.93 29.71
CA SER A 185 -15.12 4.07 30.66
C SER A 185 -16.41 4.73 31.24
N SER A 186 -17.37 3.91 31.58
CA SER A 186 -18.50 4.34 32.34
C SER A 186 -18.42 3.58 33.64
N VAL A 187 -18.61 4.29 34.75
CA VAL A 187 -18.62 3.68 36.07
C VAL A 187 -19.92 3.99 36.80
N VAL A 188 -20.30 3.11 37.69
CA VAL A 188 -21.41 3.41 38.57
C VAL A 188 -21.03 3.05 40.01
N THR A 189 -21.27 3.97 40.93
CA THR A 189 -21.10 3.65 42.33
C THR A 189 -22.40 3.08 42.91
N VAL A 190 -22.24 1.97 43.62
CA VAL A 190 -23.34 1.27 44.28
C VAL A 190 -23.00 0.88 45.71
N PRO A 191 -24.02 0.59 46.53
CA PRO A 191 -23.74 0.03 47.85
C PRO A 191 -23.00 -1.27 47.66
N SER A 192 -21.93 -1.46 48.43
CA SER A 192 -21.18 -2.72 48.46
C SER A 192 -22.04 -3.94 48.68
N SER A 193 -23.05 -3.80 49.52
CA SER A 193 -23.95 -4.93 49.81
C SER A 193 -24.73 -5.43 48.56
N SER A 194 -24.81 -4.60 47.52
CA SER A 194 -25.52 -4.94 46.30
C SER A 194 -24.80 -5.96 45.42
N LEU A 195 -23.47 -6.03 45.59
CA LEU A 195 -22.61 -6.85 44.75
C LEU A 195 -22.90 -8.33 44.98
N GLY A 196 -22.92 -9.11 43.92
CA GLY A 196 -23.34 -10.51 44.07
C GLY A 196 -24.76 -10.67 44.62
N THR A 197 -25.59 -9.63 44.54
CA THR A 197 -27.04 -9.85 44.57
C THR A 197 -27.73 -9.16 43.40
N GLN A 198 -27.59 -7.86 43.27
CA GLN A 198 -28.13 -7.13 42.13
C GLN A 198 -27.32 -7.46 40.89
N THR A 199 -27.97 -7.46 39.74
CA THR A 199 -27.26 -7.67 38.47
C THR A 199 -27.00 -6.33 37.81
N TYR A 200 -25.77 -6.13 37.35
CA TYR A 200 -25.42 -4.86 36.74
C TYR A 200 -24.89 -5.16 35.35
N ILE A 201 -25.49 -4.48 34.37
CA ILE A 201 -25.21 -4.70 32.96
C ILE A 201 -25.06 -3.33 32.30
N CYS A 202 -23.90 -3.06 31.69
CA CYS A 202 -23.75 -1.88 30.84
C CYS A 202 -24.23 -2.18 29.41
N ASN A 203 -25.02 -1.25 28.87
CA ASN A 203 -25.50 -1.34 27.50
C ASN A 203 -24.71 -0.33 26.67
N VAL A 204 -23.94 -0.84 25.73
CA VAL A 204 -23.09 0.02 25.00
C VAL A 204 -23.63 0.17 23.60
N ASN A 205 -23.76 1.40 23.16
CA ASN A 205 -24.08 1.60 21.74
C ASN A 205 -23.05 2.48 21.04
N HIS A 206 -22.56 1.98 19.92
CA HIS A 206 -21.80 2.82 19.01
C HIS A 206 -22.52 2.80 17.65
N LYS A 207 -23.38 3.80 17.50
CA LYS A 207 -24.18 3.94 16.29
C LYS A 207 -23.44 3.88 14.95
N PRO A 208 -22.32 4.61 14.80
CA PRO A 208 -21.68 4.52 13.48
C PRO A 208 -21.26 3.09 13.06
N SER A 209 -21.01 2.21 14.01
CA SER A 209 -20.65 0.84 13.63
C SER A 209 -21.81 -0.14 13.87
N ASN A 210 -22.96 0.39 14.26
CA ASN A 210 -24.09 -0.44 14.69
C ASN A 210 -23.69 -1.44 15.76
N THR A 211 -22.75 -1.09 16.62
CA THR A 211 -22.37 -2.00 17.69
C THR A 211 -23.31 -1.78 18.85
N LYS A 212 -23.96 -2.86 19.27
CA LYS A 212 -24.86 -2.87 20.42
C LYS A 212 -24.39 -3.99 21.32
N VAL A 213 -23.93 -3.67 22.51
CA VAL A 213 -23.34 -4.69 23.38
C VAL A 213 -23.87 -4.55 24.77
N ASP A 214 -24.29 -5.67 25.35
CA ASP A 214 -24.62 -5.73 26.76
C ASP A 214 -23.58 -6.61 27.45
N LYS A 215 -22.89 -6.01 28.41
CA LYS A 215 -21.96 -6.75 29.26
C LYS A 215 -22.48 -6.80 30.70
N ARG A 216 -22.70 -8.02 31.21
CA ARG A 216 -22.79 -8.23 32.67
C ARG A 216 -21.47 -7.93 33.37
N VAL A 217 -21.56 -7.32 34.54
CA VAL A 217 -20.42 -6.91 35.37
C VAL A 217 -20.60 -7.54 36.78
N GLU A 218 -19.66 -8.41 37.20
CA GLU A 218 -19.85 -9.31 38.39
C GLU A 218 -18.99 -9.05 39.64
N ALA B 3 -19.23 37.53 14.61
CA ALA B 3 -18.99 38.94 14.31
C ALA B 3 -19.30 39.85 15.54
N LEU B 4 -19.73 39.29 16.67
CA LEU B 4 -19.95 40.18 17.84
C LEU B 4 -18.81 39.99 18.82
N THR B 5 -18.38 41.05 19.51
CA THR B 5 -17.21 41.00 20.39
C THR B 5 -17.57 40.96 21.86
N GLN B 6 -17.15 39.91 22.55
CA GLN B 6 -17.40 39.73 23.97
C GLN B 6 -16.01 39.55 24.58
N PRO B 7 -15.84 39.94 25.85
CA PRO B 7 -14.60 39.59 26.57
C PRO B 7 -14.49 38.04 26.67
N ALA B 8 -13.28 37.54 26.56
CA ALA B 8 -13.04 36.12 26.69
C ALA B 8 -13.44 35.57 28.06
N SER B 9 -13.19 36.35 29.12
CA SER B 9 -13.33 35.85 30.50
C SER B 9 -13.81 36.95 31.39
N VAL B 10 -14.75 36.54 32.44
CA VAL B 10 -15.01 37.52 33.49
C VAL B 10 -15.05 36.71 34.71
N SER B 11 -14.86 37.32 35.88
CA SER B 11 -14.86 36.54 37.11
C SER B 11 -15.33 37.46 38.21
N GLY B 12 -15.93 36.88 39.23
CA GLY B 12 -16.38 37.65 40.38
C GLY B 12 -16.49 36.66 41.51
N SER B 13 -16.71 37.16 42.73
CA SER B 13 -16.84 36.30 43.89
C SER B 13 -18.33 36.18 44.25
N PRO B 14 -18.69 35.22 45.12
CA PRO B 14 -20.12 34.98 45.36
C PRO B 14 -20.86 36.20 45.95
N GLY B 15 -22.13 36.44 45.55
CA GLY B 15 -22.84 37.61 46.01
C GLY B 15 -22.51 38.90 45.24
N GLN B 16 -21.41 38.88 44.50
CA GLN B 16 -21.06 40.03 43.63
C GLN B 16 -21.92 40.22 42.38
N SER B 17 -21.73 41.35 41.70
CA SER B 17 -22.36 41.53 40.40
C SER B 17 -21.29 41.57 39.34
N ILE B 18 -21.57 40.97 38.18
CA ILE B 18 -20.64 41.08 37.03
C ILE B 18 -21.41 41.46 35.79
N THR B 19 -20.71 41.99 34.83
CA THR B 19 -21.34 42.46 33.60
C THR B 19 -20.55 41.88 32.43
N ILE B 20 -21.29 41.33 31.48
CA ILE B 20 -20.62 40.79 30.25
C ILE B 20 -21.04 41.67 29.08
N SER B 21 -20.08 42.21 28.34
CA SER B 21 -20.40 43.13 27.22
C SER B 21 -20.44 42.37 25.87
N CYS B 22 -21.15 42.93 24.88
CA CYS B 22 -21.37 42.26 23.59
C CYS B 22 -21.45 43.39 22.60
N THR B 23 -20.34 43.67 21.91
CA THR B 23 -20.29 44.81 20.97
C THR B 23 -20.43 44.37 19.50
N GLY B 24 -21.33 44.98 18.75
CA GLY B 24 -21.49 44.72 17.33
C GLY B 24 -21.44 46.09 16.70
N THR B 25 -22.33 46.33 15.73
CA THR B 25 -22.34 47.57 14.93
C THR B 25 -23.75 47.96 14.69
N SER B 26 -23.94 49.05 13.96
CA SER B 26 -25.27 49.44 13.56
C SER B 26 -25.93 48.41 12.63
N SER B 27 -25.18 47.52 12.00
CA SER B 27 -25.87 46.46 11.21
C SER B 27 -26.69 45.42 12.01
N ASP B 28 -26.45 45.37 13.30
CA ASP B 28 -27.05 44.34 14.15
C ASP B 28 -27.44 44.92 15.52
N VAL B 29 -26.49 45.01 16.44
CA VAL B 29 -26.80 45.43 17.80
C VAL B 29 -27.36 46.85 17.86
N GLY B 30 -26.72 47.77 17.14
CA GLY B 30 -27.12 49.17 17.11
C GLY B 30 -28.54 49.41 16.59
N SER B 31 -29.03 48.61 15.64
CA SER B 31 -30.27 48.98 14.98
C SER B 31 -31.48 48.23 15.38
N TYR B 32 -31.29 47.11 16.08
CA TYR B 32 -32.43 46.22 16.45
C TYR B 32 -32.55 45.96 17.94
N ASN B 33 -33.74 45.58 18.42
CA ASN B 33 -33.87 45.08 19.79
C ASN B 33 -33.93 43.56 19.77
N PHE B 34 -32.97 42.93 19.09
CA PHE B 34 -32.96 41.47 18.94
C PHE B 34 -31.68 40.83 19.49
N VAL B 35 -31.33 41.19 20.73
CA VAL B 35 -30.18 40.57 21.39
C VAL B 35 -30.68 39.52 22.34
N SER B 36 -30.01 38.39 22.33
CA SER B 36 -30.37 37.27 23.21
C SER B 36 -29.11 36.82 23.82
N TRP B 37 -29.23 36.19 24.99
CA TRP B 37 -28.05 35.74 25.68
C TRP B 37 -28.27 34.31 26.10
N TYR B 38 -27.20 33.53 26.03
CA TYR B 38 -27.22 32.06 26.29
C TYR B 38 -26.23 31.68 27.34
N GLN B 39 -26.59 30.71 28.17
CA GLN B 39 -25.74 30.15 29.18
C GLN B 39 -25.41 28.76 28.72
N GLN B 40 -24.14 28.35 28.79
CA GLN B 40 -23.87 26.96 28.46
C GLN B 40 -22.96 26.32 29.47
N HIS B 41 -23.48 25.31 30.13
CA HIS B 41 -22.61 24.49 30.97
C HIS B 41 -21.89 23.42 30.19
N PRO B 42 -20.69 23.00 30.67
CA PRO B 42 -19.91 22.04 29.90
C PRO B 42 -20.77 20.77 29.69
N GLY B 43 -20.74 20.19 28.49
CA GLY B 43 -21.51 18.98 28.15
C GLY B 43 -23.00 19.20 27.98
N LYS B 44 -23.46 20.45 27.76
CA LYS B 44 -24.92 20.70 27.77
C LYS B 44 -25.27 21.64 26.63
N ALA B 45 -26.52 21.60 26.21
CA ALA B 45 -27.01 22.50 25.22
C ALA B 45 -27.09 23.91 25.86
N PRO B 46 -26.90 24.99 25.08
CA PRO B 46 -27.15 26.38 25.52
C PRO B 46 -28.60 26.54 26.06
N LYS B 47 -28.83 27.50 26.94
CA LYS B 47 -30.14 27.74 27.62
C LYS B 47 -30.31 29.23 27.45
N LEU B 48 -31.50 29.62 26.99
CA LEU B 48 -31.79 31.01 26.76
C LEU B 48 -31.94 31.73 28.13
N MET B 49 -31.15 32.78 28.34
CA MET B 49 -31.33 33.58 29.61
C MET B 49 -32.08 34.85 29.38
N ILE B 50 -31.90 35.46 28.20
CA ILE B 50 -32.47 36.78 27.93
C ILE B 50 -32.78 36.87 26.47
N TYR B 51 -33.94 37.46 26.14
CA TYR B 51 -34.22 37.73 24.74
C TYR B 51 -34.76 39.12 24.50
N GLU B 52 -34.72 39.61 23.25
CA GLU B 52 -35.19 41.00 22.94
C GLU B 52 -34.58 41.97 23.94
N VAL B 53 -33.27 41.80 24.08
CA VAL B 53 -32.40 42.63 24.89
C VAL B 53 -32.55 42.52 26.39
N SER B 54 -33.80 42.46 26.88
CA SER B 54 -34.01 42.59 28.31
C SER B 54 -35.01 41.59 28.84
N GLU B 55 -35.66 40.79 27.98
CA GLU B 55 -36.79 39.97 28.51
C GLU B 55 -36.28 38.64 29.01
N ARG B 56 -36.87 38.14 30.10
CA ARG B 56 -36.40 36.94 30.70
C ARG B 56 -37.46 35.86 30.44
N PRO B 57 -37.06 34.71 29.89
CA PRO B 57 -38.06 33.57 29.78
C PRO B 57 -38.51 33.17 31.15
N SER B 58 -39.71 32.58 31.21
CA SER B 58 -40.20 32.09 32.45
C SER B 58 -39.23 31.12 33.09
N GLY B 59 -38.91 31.34 34.34
CA GLY B 59 -38.08 30.34 35.01
C GLY B 59 -36.65 30.81 35.24
N ILE B 60 -36.25 31.89 34.55
CA ILE B 60 -34.89 32.43 34.66
C ILE B 60 -34.82 33.36 35.91
N SER B 61 -33.83 33.14 36.75
CA SER B 61 -33.65 33.99 37.97
C SER B 61 -33.63 35.49 37.58
N ASN B 62 -34.27 36.34 38.40
CA ASN B 62 -34.25 37.72 38.13
C ASN B 62 -32.90 38.34 38.55
N ARG B 63 -31.93 37.50 38.93
CA ARG B 63 -30.54 37.95 39.07
C ARG B 63 -29.95 38.34 37.72
N PHE B 64 -30.49 37.76 36.65
CA PHE B 64 -30.02 38.01 35.27
C PHE B 64 -30.76 39.15 34.69
N SER B 65 -30.06 40.09 34.08
CA SER B 65 -30.77 41.23 33.42
C SER B 65 -29.98 41.63 32.20
N GLY B 66 -30.64 42.29 31.26
CA GLY B 66 -29.92 42.68 30.07
C GLY B 66 -30.28 44.06 29.70
N SER B 67 -29.38 44.70 28.94
CA SER B 67 -29.70 46.02 28.41
C SER B 67 -28.82 46.28 27.21
N LYS B 68 -28.95 47.49 26.63
CA LYS B 68 -28.16 47.82 25.48
C LYS B 68 -28.05 49.35 25.34
N SER B 69 -26.91 49.80 24.91
CA SER B 69 -26.65 51.22 24.66
C SER B 69 -25.82 51.29 23.41
N GLY B 70 -26.29 52.06 22.43
CA GLY B 70 -25.63 52.13 21.12
C GLY B 70 -25.35 50.76 20.55
N ASN B 71 -24.09 50.46 20.24
CA ASN B 71 -23.78 49.18 19.64
C ASN B 71 -23.44 48.07 20.63
N THR B 72 -23.56 48.34 21.93
CA THR B 72 -23.15 47.35 22.91
C THR B 72 -24.30 46.97 23.80
N ALA B 73 -24.54 45.65 23.86
CA ALA B 73 -25.49 45.02 24.78
C ALA B 73 -24.75 44.46 25.98
N SER B 74 -25.46 44.33 27.11
CA SER B 74 -24.83 43.93 28.36
C SER B 74 -25.63 42.91 29.06
N LEU B 75 -24.96 41.86 29.57
CA LEU B 75 -25.68 40.91 30.44
C LEU B 75 -25.20 41.14 31.87
N THR B 76 -26.12 41.35 32.80
CA THR B 76 -25.71 41.53 34.21
C THR B 76 -26.10 40.35 35.04
N ILE B 77 -25.16 39.75 35.75
CA ILE B 77 -25.59 38.80 36.80
C ILE B 77 -25.31 39.39 38.16
N SER B 78 -26.36 39.59 38.95
CA SER B 78 -26.18 40.05 40.33
C SER B 78 -26.28 38.86 41.35
N GLY B 79 -25.87 39.08 42.58
CA GLY B 79 -25.87 37.99 43.57
C GLY B 79 -25.21 36.71 43.04
N LEU B 80 -24.01 36.83 42.44
CA LEU B 80 -23.36 35.66 41.83
C LEU B 80 -23.38 34.39 42.73
N GLN B 81 -23.75 33.25 42.13
CA GLN B 81 -23.76 31.88 42.76
C GLN B 81 -22.79 31.00 41.96
N ALA B 82 -22.19 29.97 42.61
CA ALA B 82 -21.30 29.04 41.93
C ALA B 82 -21.98 28.39 40.74
N GLU B 83 -23.28 28.17 40.82
CA GLU B 83 -23.98 27.58 39.67
C GLU B 83 -23.96 28.44 38.36
N ASP B 84 -23.72 29.73 38.47
CA ASP B 84 -23.65 30.62 37.31
C ASP B 84 -22.37 30.44 36.48
N GLU B 85 -21.38 29.73 37.00
CA GLU B 85 -20.16 29.47 36.23
C GLU B 85 -20.49 28.73 34.92
N ALA B 86 -20.02 29.25 33.79
CA ALA B 86 -20.54 28.74 32.49
C ALA B 86 -19.99 29.67 31.44
N ASP B 87 -20.11 29.28 30.16
CA ASP B 87 -19.85 30.15 29.03
C ASP B 87 -21.12 30.84 28.69
N TYR B 88 -21.00 32.13 28.33
CA TYR B 88 -22.19 32.94 28.02
C TYR B 88 -21.97 33.50 26.62
N TYR B 89 -23.04 33.52 25.85
CA TYR B 89 -22.96 33.98 24.45
C TYR B 89 -24.07 34.97 24.19
N CYS B 90 -23.73 36.09 23.52
CA CYS B 90 -24.76 36.92 22.95
C CYS B 90 -25.01 36.56 21.46
N SER B 91 -26.21 36.87 20.92
CA SER B 91 -26.41 36.85 19.47
C SER B 91 -27.37 37.99 19.15
N SER B 92 -27.47 38.32 17.88
CA SER B 92 -28.29 39.46 17.46
C SER B 92 -28.85 39.15 16.10
N TYR B 93 -30.10 39.58 15.87
CA TYR B 93 -30.57 39.75 14.51
C TYR B 93 -29.62 40.68 13.74
N ALA B 94 -29.44 40.41 12.46
CA ALA B 94 -28.45 41.14 11.68
C ALA B 94 -28.92 41.58 10.28
N GLY B 95 -30.22 41.81 10.10
CA GLY B 95 -30.75 42.19 8.78
C GLY B 95 -31.15 40.96 7.96
N SER B 96 -31.75 41.23 6.80
CA SER B 96 -32.32 40.19 5.95
C SER B 96 -31.24 39.30 5.35
N THR B 97 -30.04 39.84 5.14
CA THR B 97 -28.95 39.09 4.50
C THR B 97 -28.17 38.25 5.50
N THR B 98 -27.57 38.89 6.50
CA THR B 98 -26.70 38.16 7.44
C THR B 98 -27.51 37.35 8.41
N PHE B 99 -28.71 37.88 8.71
CA PHE B 99 -29.72 37.28 9.55
C PHE B 99 -29.39 37.18 11.05
N ARG B 100 -28.32 36.48 11.40
CA ARG B 100 -28.01 36.27 12.79
C ARG B 100 -26.50 36.12 12.97
N VAL B 101 -25.98 36.77 14.02
CA VAL B 101 -24.57 36.70 14.41
C VAL B 101 -24.44 36.30 15.87
N PHE B 102 -23.43 35.48 16.20
CA PHE B 102 -23.08 35.24 17.61
C PHE B 102 -21.87 36.03 18.09
N GLY B 103 -21.78 36.25 19.40
CA GLY B 103 -20.51 36.64 19.99
C GLY B 103 -19.60 35.43 20.15
N GLY B 104 -18.31 35.67 20.39
CA GLY B 104 -17.41 34.54 20.54
C GLY B 104 -17.43 33.86 21.89
N GLY B 105 -18.27 34.30 22.83
CA GLY B 105 -18.40 33.60 24.10
C GLY B 105 -17.57 34.19 25.20
N THR B 106 -18.13 34.20 26.39
CA THR B 106 -17.46 34.65 27.61
C THR B 106 -17.41 33.57 28.69
N LYS B 107 -16.22 33.23 29.16
CA LYS B 107 -16.15 32.25 30.23
C LYS B 107 -16.24 33.03 31.58
N LEU B 108 -17.27 32.74 32.34
CA LEU B 108 -17.48 33.33 33.64
C LEU B 108 -17.02 32.34 34.68
N THR B 109 -16.09 32.75 35.52
CA THR B 109 -15.72 31.91 36.63
C THR B 109 -16.12 32.62 37.90
N VAL B 110 -16.62 31.85 38.85
CA VAL B 110 -17.01 32.32 40.18
C VAL B 110 -15.94 31.86 41.15
N ARG B 111 -15.25 32.82 41.78
CA ARG B 111 -14.13 32.57 42.69
C ARG B 111 -14.62 31.98 44.01
N GLY B 112 -13.69 31.38 44.74
CA GLY B 112 -13.94 30.89 46.06
C GLY B 112 -14.52 29.50 46.05
N GLN B 113 -14.40 28.81 44.93
CA GLN B 113 -14.89 27.45 44.89
C GLN B 113 -13.94 26.60 45.77
N PRO B 114 -14.49 25.75 46.67
CA PRO B 114 -13.64 24.86 47.48
C PRO B 114 -12.62 24.12 46.62
N LYS B 115 -11.36 24.11 47.04
CA LYS B 115 -10.45 23.18 46.42
C LYS B 115 -10.87 21.76 46.85
N ALA B 116 -10.85 20.81 45.92
CA ALA B 116 -11.36 19.46 46.19
C ALA B 116 -10.42 18.42 45.62
N ALA B 117 -10.12 17.43 46.46
CA ALA B 117 -9.17 16.38 46.11
C ALA B 117 -9.89 15.38 45.22
N PRO B 118 -9.16 14.76 44.27
CA PRO B 118 -9.70 13.79 43.31
C PRO B 118 -10.18 12.52 43.99
N SER B 119 -11.39 12.03 43.68
CA SER B 119 -11.67 10.63 44.02
C SER B 119 -11.06 9.73 42.94
N VAL B 120 -10.32 8.72 43.38
CA VAL B 120 -9.59 7.85 42.47
C VAL B 120 -10.13 6.42 42.57
N THR B 121 -10.48 5.86 41.40
CA THR B 121 -10.87 4.46 41.29
C THR B 121 -9.99 3.79 40.25
N LEU B 122 -9.37 2.69 40.65
CA LEU B 122 -8.44 2.00 39.76
C LEU B 122 -8.99 0.61 39.53
N PHE B 123 -9.23 0.25 38.27
CA PHE B 123 -9.64 -1.11 37.94
C PHE B 123 -8.51 -1.96 37.35
N PRO B 124 -8.46 -3.26 37.76
CA PRO B 124 -7.52 -4.22 37.15
C PRO B 124 -8.08 -4.68 35.78
N PRO B 125 -7.28 -5.41 34.97
CA PRO B 125 -7.77 -5.92 33.69
C PRO B 125 -8.78 -6.98 33.98
N SER B 126 -9.83 -7.06 33.16
CA SER B 126 -10.80 -8.12 33.30
C SER B 126 -10.24 -9.43 32.79
N SER B 127 -10.84 -10.49 33.31
CA SER B 127 -10.46 -11.82 32.94
C SER B 127 -10.65 -11.95 31.44
N GLU B 128 -11.78 -11.44 30.96
CA GLU B 128 -12.09 -11.43 29.54
C GLU B 128 -10.99 -10.77 28.72
N GLU B 129 -10.38 -9.70 29.22
CA GLU B 129 -9.37 -9.01 28.38
C GLU B 129 -8.06 -9.78 28.39
N LEU B 130 -7.77 -10.38 29.55
CA LEU B 130 -6.55 -11.15 29.76
C LEU B 130 -6.59 -12.34 28.83
N GLN B 131 -7.75 -13.01 28.77
CA GLN B 131 -7.91 -14.12 27.82
C GLN B 131 -7.76 -13.67 26.37
N ALA B 132 -7.97 -12.38 26.11
CA ALA B 132 -7.90 -11.92 24.74
C ALA B 132 -6.48 -11.41 24.45
N ASN B 133 -5.52 -11.73 25.33
CA ASN B 133 -4.09 -11.36 25.17
C ASN B 133 -3.67 -9.87 25.39
N LYS B 134 -4.55 -9.12 26.07
CA LYS B 134 -4.29 -7.72 26.48
C LYS B 134 -4.60 -7.47 27.93
N ALA B 135 -4.12 -6.32 28.42
CA ALA B 135 -4.38 -5.91 29.80
C ALA B 135 -4.37 -4.42 29.88
N THR B 136 -5.54 -3.86 30.24
CA THR B 136 -5.71 -2.42 30.48
C THR B 136 -6.07 -2.13 31.93
N LEU B 137 -5.24 -1.28 32.53
CA LEU B 137 -5.55 -0.74 33.86
C LEU B 137 -6.16 0.61 33.64
N VAL B 138 -7.28 0.83 34.34
CA VAL B 138 -8.14 1.98 34.10
C VAL B 138 -8.15 2.80 35.39
N CYS B 139 -7.59 3.99 35.31
CA CYS B 139 -7.59 4.88 36.49
C CYS B 139 -8.54 6.07 36.25
N LEU B 140 -9.60 6.12 37.04
CA LEU B 140 -10.67 7.11 36.91
C LEU B 140 -10.61 8.15 38.03
N ILE B 141 -10.65 9.43 37.66
CA ILE B 141 -10.27 10.52 38.54
C ILE B 141 -11.33 11.58 38.48
N SER B 142 -11.94 11.89 39.61
CA SER B 142 -13.11 12.75 39.52
C SER B 142 -13.29 13.68 40.70
N ASP B 143 -14.14 14.68 40.47
CA ASP B 143 -14.59 15.60 41.55
C ASP B 143 -13.46 16.38 42.10
N PHE B 144 -12.51 16.76 41.24
CA PHE B 144 -11.40 17.53 41.71
C PHE B 144 -11.42 18.97 41.19
N TYR B 145 -10.76 19.86 41.95
CA TYR B 145 -10.72 21.28 41.60
C TYR B 145 -9.65 21.96 42.42
N PRO B 146 -8.84 22.80 41.79
CA PRO B 146 -8.90 23.16 40.36
C PRO B 146 -8.53 22.01 39.37
N GLY B 147 -8.48 22.34 38.09
CA GLY B 147 -8.48 21.32 37.07
C GLY B 147 -7.17 20.63 36.75
N ALA B 148 -6.08 20.97 37.38
CA ALA B 148 -4.80 20.39 36.93
C ALA B 148 -4.36 19.23 37.81
N VAL B 149 -4.04 18.10 37.19
CA VAL B 149 -3.46 16.94 37.89
C VAL B 149 -2.32 16.40 37.05
N THR B 150 -1.45 15.62 37.67
CA THR B 150 -0.48 14.85 36.94
C THR B 150 -0.67 13.44 37.50
N VAL B 151 -0.71 12.44 36.62
CA VAL B 151 -0.83 11.08 37.11
C VAL B 151 0.44 10.34 36.77
N ALA B 152 0.89 9.48 37.66
CA ALA B 152 2.05 8.65 37.42
C ALA B 152 1.68 7.20 37.80
N TRP B 153 2.11 6.26 36.98
CA TRP B 153 1.88 4.85 37.24
C TRP B 153 3.13 4.19 37.80
N LYS B 154 2.91 3.17 38.63
CA LYS B 154 3.99 2.37 39.21
C LYS B 154 3.66 0.88 39.03
N ALA B 155 4.68 0.13 38.56
CA ALA B 155 4.71 -1.35 38.57
C ALA B 155 5.47 -1.71 39.82
N ASP B 156 4.79 -2.37 40.77
CA ASP B 156 5.30 -2.47 42.14
C ASP B 156 5.54 -1.07 42.68
N SER B 157 6.82 -0.65 42.79
CA SER B 157 7.15 0.70 43.22
C SER B 157 7.85 1.43 42.11
N SER B 158 8.11 0.76 41.00
CA SER B 158 8.86 1.42 39.92
C SER B 158 7.97 2.23 39.00
N PRO B 159 8.44 3.42 38.61
CA PRO B 159 7.74 4.28 37.67
C PRO B 159 7.59 3.58 36.29
N VAL B 160 6.40 3.67 35.69
CA VAL B 160 6.13 3.14 34.37
C VAL B 160 5.82 4.32 33.48
N LYS B 161 6.56 4.48 32.38
CA LYS B 161 6.21 5.53 31.40
C LYS B 161 5.46 5.02 30.18
N ALA B 162 5.90 3.86 29.67
CA ALA B 162 5.38 3.34 28.43
C ALA B 162 3.92 2.91 28.57
N GLY B 163 3.13 3.05 27.51
CA GLY B 163 1.75 2.49 27.48
C GLY B 163 0.71 3.29 28.26
N VAL B 164 1.06 4.55 28.57
CA VAL B 164 0.16 5.43 29.31
C VAL B 164 -0.50 6.43 28.38
N GLU B 165 -1.83 6.48 28.44
CA GLU B 165 -2.63 7.54 27.77
C GLU B 165 -3.48 8.21 28.84
N THR B 166 -3.36 9.53 28.97
CA THR B 166 -4.11 10.26 30.04
C THR B 166 -4.88 11.42 29.44
N THR B 167 -6.13 11.63 29.83
CA THR B 167 -6.89 12.68 29.18
C THR B 167 -6.48 14.04 29.75
N THR B 168 -6.83 15.12 29.06
CA THR B 168 -6.84 16.42 29.74
C THR B 168 -8.10 16.53 30.59
N PRO B 169 -7.99 17.05 31.85
CA PRO B 169 -9.15 17.25 32.71
C PRO B 169 -10.17 18.07 31.97
N SER B 170 -11.43 17.81 32.22
CA SER B 170 -12.49 18.54 31.60
C SER B 170 -13.61 18.62 32.65
N LYS B 171 -14.24 19.80 32.73
CA LYS B 171 -15.17 20.18 33.78
C LYS B 171 -16.42 19.30 33.77
N GLN B 172 -16.85 18.79 34.93
CA GLN B 172 -18.12 18.05 35.04
C GLN B 172 -19.28 19.00 35.39
N SER B 173 -20.44 18.42 35.68
CA SER B 173 -21.64 19.22 35.98
C SER B 173 -21.43 20.12 37.18
N ASN B 174 -20.82 19.56 38.21
CA ASN B 174 -20.76 20.21 39.50
C ASN B 174 -19.70 21.31 39.52
N ASN B 175 -19.04 21.56 38.39
CA ASN B 175 -17.93 22.54 38.32
C ASN B 175 -16.59 21.96 38.71
N LYS B 176 -16.61 20.69 39.08
CA LYS B 176 -15.39 19.94 39.37
C LYS B 176 -14.97 19.20 38.11
N TYR B 177 -13.73 18.70 38.13
CA TYR B 177 -13.15 18.10 36.96
C TYR B 177 -13.12 16.58 37.02
N ALA B 178 -13.05 15.96 35.83
CA ALA B 178 -12.70 14.54 35.67
C ALA B 178 -11.57 14.32 34.65
N ALA B 179 -10.76 13.29 34.87
CA ALA B 179 -9.76 12.80 33.95
C ALA B 179 -9.68 11.24 34.01
N SER B 180 -9.08 10.63 32.99
CA SER B 180 -8.88 9.15 32.96
C SER B 180 -7.50 8.93 32.56
N SER B 181 -6.91 7.84 33.04
CA SER B 181 -5.58 7.43 32.60
C SER B 181 -5.61 5.92 32.39
N TYR B 182 -4.99 5.46 31.29
CA TYR B 182 -5.05 4.09 30.86
C TYR B 182 -3.67 3.54 30.77
N LEU B 183 -3.41 2.39 31.42
CA LEU B 183 -2.05 1.74 31.28
C LEU B 183 -2.23 0.42 30.51
N SER B 184 -1.44 0.23 29.46
CA SER B 184 -1.48 -1.03 28.66
C SER B 184 -0.30 -1.90 29.04
N LEU B 185 -0.59 -3.17 29.32
CA LEU B 185 0.38 -4.15 29.73
C LEU B 185 0.09 -5.43 28.96
N THR B 186 1.03 -6.36 28.91
CA THR B 186 0.75 -7.72 28.49
C THR B 186 0.20 -8.41 29.71
N PRO B 187 -0.57 -9.51 29.51
CA PRO B 187 -1.03 -10.36 30.64
C PRO B 187 0.15 -10.82 31.51
N GLU B 188 1.29 -11.07 30.89
CA GLU B 188 2.49 -11.55 31.57
C GLU B 188 3.08 -10.50 32.51
N GLN B 189 3.11 -9.24 32.07
CA GLN B 189 3.51 -8.16 32.98
C GLN B 189 2.54 -8.07 34.15
N TRP B 190 1.23 -8.17 33.89
CA TRP B 190 0.23 -8.05 34.91
C TRP B 190 0.42 -9.08 36.02
N LYS B 191 0.65 -10.32 35.61
CA LYS B 191 0.84 -11.39 36.60
C LYS B 191 2.25 -11.50 37.25
N SER B 192 3.25 -10.79 36.74
CA SER B 192 4.61 -10.82 37.28
C SER B 192 4.94 -9.59 38.11
N HIS B 193 3.94 -8.85 38.56
CA HIS B 193 4.17 -7.89 39.61
C HIS B 193 3.25 -8.15 40.76
N ARG B 194 3.65 -7.70 41.93
CA ARG B 194 2.81 -7.83 43.11
C ARG B 194 1.55 -6.97 42.97
N SER B 195 1.71 -5.84 42.28
CA SER B 195 0.62 -4.89 42.09
C SER B 195 1.03 -3.75 41.15
N TYR B 196 0.04 -3.00 40.67
CA TYR B 196 0.32 -1.72 39.97
C TYR B 196 -0.45 -0.60 40.68
N SER B 197 0.10 0.62 40.60
CA SER B 197 -0.51 1.76 41.26
C SER B 197 -0.74 2.93 40.29
N CYS B 198 -1.87 3.61 40.50
CA CYS B 198 -2.20 4.87 39.85
C CYS B 198 -2.07 5.97 40.94
N GLN B 199 -1.25 6.96 40.67
CA GLN B 199 -0.91 7.93 41.68
C GLN B 199 -1.22 9.31 41.09
N VAL B 200 -2.16 10.02 41.70
CA VAL B 200 -2.67 11.30 41.19
C VAL B 200 -2.19 12.42 42.09
N THR B 201 -1.47 13.36 41.52
CA THR B 201 -1.02 14.53 42.26
C THR B 201 -1.88 15.72 41.89
N HIS B 202 -2.30 16.43 42.92
CA HIS B 202 -3.24 17.54 42.80
C HIS B 202 -2.87 18.48 43.90
N GLU B 203 -2.20 19.54 43.48
CA GLU B 203 -1.75 20.64 44.33
C GLU B 203 -0.93 20.20 45.51
N GLY B 204 0.29 19.75 45.21
CA GLY B 204 1.21 19.27 46.22
C GLY B 204 0.88 17.92 46.84
N SER B 205 -0.35 17.45 46.68
CA SER B 205 -0.87 16.34 47.46
C SER B 205 -1.29 15.09 46.62
N THR B 206 -0.76 13.93 47.00
CA THR B 206 -0.96 12.71 46.23
C THR B 206 -2.05 11.78 46.81
N VAL B 207 -2.84 11.22 45.90
CA VAL B 207 -3.83 10.20 46.19
C VAL B 207 -3.34 9.03 45.36
N GLU B 208 -3.25 7.84 45.93
CA GLU B 208 -2.79 6.68 45.15
C GLU B 208 -3.73 5.49 45.36
N LYS B 209 -3.95 4.70 44.31
CA LYS B 209 -4.72 3.45 44.43
C LYS B 209 -3.89 2.30 43.89
N THR B 210 -4.08 1.11 44.42
CA THR B 210 -3.26 0.00 44.05
C THR B 210 -4.17 -1.20 43.73
N VAL B 211 -3.88 -1.91 42.64
CA VAL B 211 -4.57 -3.16 42.35
C VAL B 211 -3.57 -4.30 42.11
N ALA B 212 -4.03 -5.49 42.44
CA ALA B 212 -3.19 -6.70 42.38
C ALA B 212 -3.88 -7.79 41.56
N PRO B 213 -3.11 -8.70 40.94
CA PRO B 213 -3.74 -9.85 40.28
C PRO B 213 -4.74 -10.63 41.17
N THR B 214 -5.72 -11.25 40.51
CA THR B 214 -7.01 -11.65 41.18
C THR B 214 -7.05 -11.29 42.66
N GLU C 1 -13.72 -44.86 15.75
CA GLU C 1 -12.63 -45.65 16.41
C GLU C 1 -11.74 -44.75 17.27
N VAL C 2 -10.49 -44.59 16.86
CA VAL C 2 -9.51 -43.77 17.56
C VAL C 2 -9.86 -42.31 17.40
N GLN C 3 -9.84 -41.57 18.49
CA GLN C 3 -9.98 -40.13 18.49
C GLN C 3 -8.88 -39.54 19.34
N LEU C 4 -8.34 -38.43 18.87
CA LEU C 4 -7.38 -37.66 19.60
C LEU C 4 -7.89 -36.25 19.42
N VAL C 5 -8.48 -35.70 20.49
CA VAL C 5 -9.16 -34.40 20.42
C VAL C 5 -8.29 -33.36 21.10
N GLU C 6 -7.93 -32.31 20.36
CA GLU C 6 -6.91 -31.39 20.84
C GLU C 6 -7.47 -30.04 21.29
N SER C 7 -6.87 -29.44 22.32
CA SER C 7 -7.26 -28.11 22.78
C SER C 7 -6.09 -27.46 23.50
N GLY C 8 -6.34 -26.25 23.97
CA GLY C 8 -5.35 -25.46 24.67
C GLY C 8 -4.48 -24.63 23.77
N GLY C 9 -4.72 -24.66 22.45
CA GLY C 9 -3.95 -23.83 21.51
C GLY C 9 -4.41 -22.37 21.49
N GLY C 10 -4.22 -21.67 20.37
CA GLY C 10 -4.73 -20.31 20.27
C GLY C 10 -3.59 -19.31 20.41
N LEU C 11 -3.91 -18.10 20.87
CA LEU C 11 -2.97 -16.98 20.82
C LEU C 11 -2.22 -16.83 22.13
N VAL C 12 -0.90 -16.62 22.01
CA VAL C 12 -0.04 -16.38 23.16
C VAL C 12 1.05 -15.32 22.86
N GLN C 13 1.35 -14.52 23.88
CA GLN C 13 2.36 -13.51 23.85
C GLN C 13 3.76 -14.12 23.75
N PRO C 14 4.65 -13.53 22.94
CA PRO C 14 6.03 -14.05 22.99
C PRO C 14 6.50 -13.97 24.44
N GLY C 15 7.26 -14.98 24.91
CA GLY C 15 7.61 -15.09 26.32
C GLY C 15 6.57 -15.83 27.17
N GLY C 16 5.35 -15.98 26.67
CA GLY C 16 4.28 -16.60 27.44
C GLY C 16 4.22 -18.12 27.42
N SER C 17 3.10 -18.68 27.88
CA SER C 17 3.00 -20.11 28.13
C SER C 17 1.65 -20.65 27.75
N LEU C 18 1.61 -21.92 27.36
CA LEU C 18 0.39 -22.65 27.01
C LEU C 18 0.47 -24.09 27.50
N ARG C 19 -0.66 -24.74 27.67
CA ARG C 19 -0.63 -26.16 27.82
C ARG C 19 -1.60 -26.79 26.85
N LEU C 20 -1.09 -27.66 25.98
CA LEU C 20 -1.96 -28.32 25.03
C LEU C 20 -2.41 -29.60 25.63
N SER C 21 -3.65 -29.99 25.33
CA SER C 21 -4.17 -31.26 25.77
C SER C 21 -4.60 -32.05 24.56
N CYS C 22 -4.42 -33.36 24.61
CA CYS C 22 -4.86 -34.30 23.60
C CYS C 22 -5.71 -35.39 24.28
N ALA C 23 -7.03 -35.36 24.09
CA ALA C 23 -7.90 -36.37 24.69
C ALA C 23 -8.11 -37.61 23.80
N ALA C 24 -7.64 -38.75 24.30
CA ALA C 24 -7.67 -39.99 23.55
C ALA C 24 -8.92 -40.83 23.84
N SER C 25 -9.48 -41.45 22.81
CA SER C 25 -10.61 -42.36 23.00
C SER C 25 -10.60 -43.44 21.92
N GLY C 26 -11.27 -44.56 22.19
CA GLY C 26 -11.39 -45.66 21.24
C GLY C 26 -10.21 -46.62 21.16
N PHE C 27 -9.28 -46.49 22.10
CA PHE C 27 -8.18 -47.45 22.26
C PHE C 27 -7.72 -47.50 23.72
N THR C 28 -6.90 -48.49 24.07
CA THR C 28 -6.38 -48.53 25.42
C THR C 28 -5.18 -47.59 25.51
N PHE C 29 -5.43 -46.40 26.06
CA PHE C 29 -4.49 -45.28 26.04
C PHE C 29 -3.19 -45.57 26.77
N SER C 30 -3.32 -46.25 27.90
CA SER C 30 -2.23 -46.52 28.82
C SER C 30 -1.17 -47.44 28.24
N THR C 31 -1.53 -48.22 27.23
CA THR C 31 -0.58 -49.13 26.61
C THR C 31 0.30 -48.51 25.49
N TYR C 32 0.00 -47.28 25.05
CA TYR C 32 0.71 -46.73 23.87
C TYR C 32 1.63 -45.54 24.14
N ALA C 33 2.82 -45.52 23.51
CA ALA C 33 3.63 -44.27 23.41
C ALA C 33 2.82 -43.25 22.61
N MET C 34 3.02 -41.96 22.90
CA MET C 34 2.33 -40.84 22.26
C MET C 34 3.39 -39.84 21.89
N SER C 35 3.08 -39.01 20.90
CA SER C 35 4.02 -38.04 20.34
C SER C 35 3.36 -36.69 20.06
N TRP C 36 4.16 -35.64 20.03
CA TRP C 36 3.76 -34.34 19.53
C TRP C 36 4.66 -34.04 18.37
N VAL C 37 4.06 -33.51 17.31
CA VAL C 37 4.82 -33.18 16.09
C VAL C 37 4.17 -31.92 15.64
N ARG C 38 4.96 -30.98 15.20
CA ARG C 38 4.42 -29.74 14.73
C ARG C 38 4.76 -29.42 13.29
N GLN C 39 4.00 -28.46 12.77
CA GLN C 39 4.18 -28.00 11.42
C GLN C 39 3.88 -26.52 11.33
N ALA C 40 4.94 -25.74 11.10
CA ALA C 40 4.81 -24.32 10.75
C ALA C 40 4.07 -24.14 9.42
N PRO C 41 3.30 -23.04 9.29
CA PRO C 41 2.44 -22.81 8.12
C PRO C 41 3.31 -22.93 6.89
N GLY C 42 2.88 -23.75 5.93
CA GLY C 42 3.64 -23.97 4.72
C GLY C 42 4.99 -24.68 4.81
N LYS C 43 5.32 -25.28 5.96
CA LYS C 43 6.65 -25.91 6.18
C LYS C 43 6.46 -27.42 6.45
N GLY C 44 7.54 -28.13 6.80
CA GLY C 44 7.43 -29.59 7.05
C GLY C 44 7.06 -30.02 8.45
N LEU C 45 7.01 -31.33 8.66
CA LEU C 45 6.76 -31.85 9.99
C LEU C 45 8.05 -31.81 10.81
N GLU C 46 7.90 -31.55 12.11
CA GLU C 46 9.03 -31.57 13.03
C GLU C 46 8.58 -32.26 14.31
N TRP C 47 9.25 -33.36 14.61
CA TRP C 47 9.03 -34.01 15.86
C TRP C 47 9.35 -33.06 17.02
N VAL C 48 8.51 -33.07 18.03
CA VAL C 48 8.71 -32.20 19.18
C VAL C 48 9.10 -33.03 20.37
N SER C 49 8.25 -33.98 20.75
CA SER C 49 8.59 -34.89 21.87
C SER C 49 7.76 -36.17 21.88
N SER C 50 8.23 -37.16 22.63
CA SER C 50 7.46 -38.35 22.87
C SER C 50 7.57 -38.78 24.30
N ILE C 51 6.66 -39.64 24.68
CA ILE C 51 6.51 -40.14 26.04
C ILE C 51 6.08 -41.60 25.97
N ASN C 52 6.69 -42.45 26.80
CA ASN C 52 6.30 -43.87 26.90
C ASN C 52 4.93 -44.09 27.53
N ASN C 53 4.45 -45.33 27.48
CA ASN C 53 3.11 -45.63 27.96
C ASN C 53 2.82 -45.20 29.41
N SER C 54 3.83 -45.37 30.27
CA SER C 54 3.70 -45.14 31.71
C SER C 54 3.78 -43.66 32.03
N GLY C 55 4.48 -42.91 31.19
CA GLY C 55 4.71 -41.51 31.46
C GLY C 55 6.05 -41.22 32.10
N ARG C 56 6.78 -42.26 32.50
CA ARG C 56 8.08 -42.10 33.20
C ARG C 56 9.30 -41.74 32.33
N ASN C 57 9.22 -42.00 31.04
CA ASN C 57 10.29 -41.64 30.14
C ASN C 57 9.79 -40.73 29.04
N THR C 58 10.46 -39.60 28.91
CA THR C 58 10.09 -38.60 27.93
C THR C 58 11.30 -38.29 27.09
N PHE C 59 11.08 -37.68 25.93
CA PHE C 59 12.15 -37.45 24.93
C PHE C 59 11.76 -36.20 24.19
N SER C 60 12.72 -35.32 23.96
CA SER C 60 12.35 -34.08 23.28
C SER C 60 13.39 -33.59 22.29
N ALA C 61 12.91 -32.90 21.27
CA ALA C 61 13.76 -32.27 20.27
C ALA C 61 14.63 -31.17 20.90
N ASP C 62 15.84 -31.00 20.39
CA ASP C 62 16.71 -29.90 20.85
C ASP C 62 16.10 -28.49 20.66
N SER C 63 15.53 -28.21 19.49
CA SER C 63 14.81 -26.94 19.23
C SER C 63 13.87 -26.51 20.39
N VAL C 64 13.52 -27.46 21.25
CA VAL C 64 12.44 -27.31 22.20
C VAL C 64 12.91 -27.56 23.66
N LYS C 65 14.16 -28.03 23.80
CA LYS C 65 14.71 -28.51 25.07
C LYS C 65 14.80 -27.41 26.15
N GLY C 66 14.19 -27.69 27.30
CA GLY C 66 14.18 -26.72 28.38
C GLY C 66 12.93 -25.86 28.41
N ARG C 67 12.19 -25.85 27.30
CA ARG C 67 11.04 -24.98 27.20
C ARG C 67 9.73 -25.77 27.20
N PHE C 68 9.69 -26.86 26.43
CA PHE C 68 8.46 -27.66 26.33
C PHE C 68 8.63 -28.95 27.12
N THR C 69 7.55 -29.43 27.74
CA THR C 69 7.59 -30.65 28.53
C THR C 69 6.36 -31.48 28.23
N ILE C 70 6.56 -32.74 27.85
CA ILE C 70 5.47 -33.66 27.57
C ILE C 70 5.05 -34.46 28.82
N SER C 71 3.77 -34.66 29.01
CA SER C 71 3.36 -35.48 30.11
C SER C 71 2.02 -36.09 29.76
N ARG C 72 1.59 -37.02 30.58
CA ARG C 72 0.30 -37.61 30.39
C ARG C 72 -0.32 -38.04 31.72
N ASP C 73 -1.63 -38.13 31.76
CA ASP C 73 -2.35 -38.66 32.88
C ASP C 73 -3.17 -39.79 32.31
N ASN C 74 -2.79 -41.02 32.63
CA ASN C 74 -3.50 -42.17 32.09
C ASN C 74 -4.88 -42.40 32.66
N SER C 75 -5.13 -41.89 33.86
CA SER C 75 -6.46 -42.06 34.44
C SER C 75 -7.52 -41.23 33.69
N LYS C 76 -7.13 -40.07 33.16
CA LYS C 76 -8.05 -39.23 32.38
C LYS C 76 -7.91 -39.39 30.85
N ASN C 77 -7.10 -40.36 30.40
CA ASN C 77 -6.82 -40.56 28.97
C ASN C 77 -6.36 -39.28 28.24
N THR C 78 -5.51 -38.48 28.87
CA THR C 78 -5.07 -37.22 28.28
C THR C 78 -3.55 -37.13 28.16
N LEU C 79 -3.09 -36.65 27.00
CA LEU C 79 -1.69 -36.29 26.76
C LEU C 79 -1.55 -34.79 26.81
N PHE C 80 -0.50 -34.28 27.45
CA PHE C 80 -0.26 -32.84 27.55
C PHE C 80 1.04 -32.42 26.92
N LEU C 81 1.12 -31.14 26.57
CA LEU C 81 2.41 -30.51 26.26
C LEU C 81 2.47 -29.12 26.88
N VAL C 82 3.47 -28.90 27.77
CA VAL C 82 3.61 -27.64 28.49
C VAL C 82 4.60 -26.83 27.70
N MET C 83 4.24 -25.62 27.33
CA MET C 83 5.14 -24.84 26.48
C MET C 83 5.50 -23.53 27.16
N ASN C 84 6.78 -23.34 27.51
CA ASN C 84 7.20 -22.07 28.12
C ASN C 84 8.09 -21.29 27.17
N SER C 85 8.27 -19.99 27.46
CA SER C 85 9.19 -19.14 26.69
C SER C 85 8.89 -19.21 25.22
N LEU C 86 7.61 -19.06 24.90
CA LEU C 86 7.16 -19.18 23.52
C LEU C 86 7.71 -18.04 22.67
N ARG C 87 8.01 -18.38 21.42
CA ARG C 87 8.66 -17.48 20.49
C ARG C 87 7.88 -17.51 19.18
N ALA C 88 8.05 -16.47 18.38
CA ALA C 88 7.36 -16.40 17.09
C ALA C 88 7.61 -17.69 16.26
N GLU C 89 8.83 -18.19 16.34
CA GLU C 89 9.30 -19.34 15.61
C GLU C 89 8.51 -20.64 15.97
N ASP C 90 7.78 -20.62 17.09
CA ASP C 90 6.99 -21.76 17.56
C ASP C 90 5.56 -21.78 17.04
N THR C 91 5.17 -20.70 16.35
CA THR C 91 3.86 -20.62 15.68
C THR C 91 3.73 -21.83 14.72
N ALA C 92 2.70 -22.66 14.92
CA ALA C 92 2.60 -23.90 14.20
C ALA C 92 1.32 -24.63 14.56
N VAL C 93 0.96 -25.58 13.71
CA VAL C 93 -0.05 -26.58 14.08
C VAL C 93 0.63 -27.67 14.90
N TYR C 94 0.04 -28.04 16.05
CA TYR C 94 0.63 -29.07 16.91
C TYR C 94 -0.23 -30.27 16.85
N TYR C 95 0.33 -31.38 16.31
CA TYR C 95 -0.39 -32.63 16.25
C TYR C 95 0.03 -33.50 17.38
N CYS C 96 -0.94 -34.15 18.02
CA CYS C 96 -0.59 -35.29 18.87
C CYS C 96 -0.77 -36.54 18.02
N ALA C 97 -0.06 -37.61 18.35
CA ALA C 97 -0.07 -38.80 17.56
C ALA C 97 -0.01 -40.04 18.48
N LYS C 98 -0.80 -41.07 18.13
CA LYS C 98 -0.61 -42.43 18.69
C LYS C 98 0.54 -43.15 17.97
N ASP C 99 1.46 -43.74 18.73
CA ASP C 99 2.63 -44.38 18.13
C ASP C 99 2.47 -45.87 18.18
N LEU C 100 2.87 -46.53 17.09
CA LEU C 100 2.87 -48.00 17.08
C LEU C 100 3.70 -48.52 18.26
N ARG C 101 4.91 -48.00 18.36
CA ARG C 101 5.85 -48.44 19.35
C ARG C 101 6.59 -47.18 19.78
N LEU C 102 6.93 -47.10 21.06
CA LEU C 102 7.77 -46.02 21.52
C LEU C 102 8.92 -45.90 20.56
N GLY C 103 9.09 -44.71 19.97
CA GLY C 103 10.19 -44.48 19.01
C GLY C 103 9.86 -44.93 17.59
N GLY C 104 8.70 -45.53 17.40
CA GLY C 104 8.28 -46.01 16.09
C GLY C 104 7.45 -44.97 15.36
N GLY C 105 6.85 -45.36 14.25
CA GLY C 105 5.91 -44.53 13.50
C GLY C 105 4.62 -44.24 14.24
N SER C 106 3.97 -43.17 13.80
CA SER C 106 2.73 -42.69 14.42
C SER C 106 1.57 -43.09 13.55
N ASP C 107 0.69 -43.91 14.12
CA ASP C 107 -0.33 -44.53 13.30
C ASP C 107 -1.67 -43.87 13.35
N TYR C 108 -1.89 -43.02 14.34
CA TYR C 108 -3.05 -42.15 14.26
C TYR C 108 -2.70 -40.73 14.71
N TRP C 109 -3.15 -39.72 13.96
CA TRP C 109 -2.88 -38.27 14.20
C TRP C 109 -4.15 -37.47 14.50
N GLY C 110 -4.13 -36.63 15.52
CA GLY C 110 -5.24 -35.68 15.75
C GLY C 110 -5.27 -34.67 14.60
N GLN C 111 -6.32 -33.86 14.51
CA GLN C 111 -6.42 -32.78 13.51
C GLN C 111 -5.38 -31.66 13.66
N GLY C 112 -4.89 -31.49 14.89
CA GLY C 112 -3.91 -30.46 15.18
C GLY C 112 -4.52 -29.23 15.82
N THR C 113 -3.76 -28.51 16.61
CA THR C 113 -4.28 -27.26 17.16
C THR C 113 -3.26 -26.22 16.79
N LEU C 114 -3.72 -25.10 16.24
CA LEU C 114 -2.83 -23.98 15.89
C LEU C 114 -2.50 -23.06 17.09
N VAL C 115 -1.21 -22.91 17.37
CA VAL C 115 -0.68 -21.97 18.37
C VAL C 115 -0.10 -20.78 17.60
N THR C 116 -0.52 -19.56 17.94
CA THR C 116 -0.02 -18.36 17.31
C THR C 116 0.66 -17.55 18.41
N VAL C 117 1.97 -17.32 18.25
CA VAL C 117 2.74 -16.50 19.18
C VAL C 117 2.82 -15.07 18.64
N SER C 118 2.06 -14.19 19.27
CA SER C 118 1.90 -12.82 18.80
C SER C 118 1.53 -11.86 19.96
N SER C 119 1.90 -10.60 19.82
CA SER C 119 1.54 -9.56 20.78
C SER C 119 0.19 -8.88 20.49
N ALA C 120 -0.42 -9.24 19.35
CA ALA C 120 -1.76 -8.76 18.99
C ALA C 120 -2.88 -9.30 19.91
N SER C 121 -4.02 -8.63 19.84
CA SER C 121 -5.17 -9.01 20.60
C SER C 121 -5.96 -10.02 19.80
N THR C 122 -6.62 -10.91 20.52
CA THR C 122 -7.68 -11.71 19.96
C THR C 122 -8.77 -10.75 19.47
N LYS C 123 -9.39 -11.11 18.34
CA LYS C 123 -10.61 -10.46 17.85
C LYS C 123 -11.57 -11.49 17.28
N GLY C 124 -12.83 -11.40 17.72
CA GLY C 124 -13.86 -12.32 17.26
C GLY C 124 -14.46 -11.82 15.98
N PRO C 125 -14.91 -12.76 15.12
CA PRO C 125 -15.37 -12.38 13.80
C PRO C 125 -16.81 -11.86 13.78
N SER C 126 -17.12 -11.00 12.84
CA SER C 126 -18.52 -10.76 12.52
C SER C 126 -18.92 -11.82 11.52
N VAL C 127 -20.10 -12.39 11.63
CA VAL C 127 -20.56 -13.34 10.62
C VAL C 127 -21.71 -12.75 9.83
N PHE C 128 -21.57 -12.75 8.51
CA PHE C 128 -22.62 -12.28 7.65
C PHE C 128 -23.13 -13.39 6.70
N PRO C 129 -24.47 -13.47 6.50
CA PRO C 129 -25.01 -14.36 5.46
C PRO C 129 -24.68 -13.86 4.05
N LEU C 130 -24.35 -14.78 3.16
CA LEU C 130 -24.16 -14.47 1.74
C LEU C 130 -25.35 -15.16 1.04
N ALA C 131 -26.42 -14.41 0.81
CA ALA C 131 -27.64 -15.00 0.30
C ALA C 131 -27.46 -15.45 -1.16
N PRO C 132 -28.16 -16.52 -1.53
CA PRO C 132 -28.12 -17.02 -2.91
C PRO C 132 -28.64 -15.97 -3.92
N GLY C 140 -29.46 -25.46 -12.69
CA GLY C 140 -30.41 -25.43 -11.58
C GLY C 140 -29.61 -25.49 -10.30
N THR C 141 -28.47 -24.79 -10.24
CA THR C 141 -27.60 -24.82 -9.05
C THR C 141 -27.47 -23.43 -8.39
N ALA C 142 -27.37 -23.37 -7.06
CA ALA C 142 -27.21 -22.05 -6.37
C ALA C 142 -26.16 -22.09 -5.30
N ALA C 143 -25.50 -20.95 -5.14
CA ALA C 143 -24.46 -20.80 -4.15
C ALA C 143 -24.91 -19.85 -3.05
N LEU C 144 -24.81 -20.31 -1.82
CA LEU C 144 -25.08 -19.45 -0.68
C LEU C 144 -23.93 -19.63 0.26
N GLY C 145 -23.70 -18.69 1.17
CA GLY C 145 -22.56 -18.81 2.08
C GLY C 145 -22.67 -17.98 3.36
N CYS C 146 -21.54 -17.92 4.06
CA CYS C 146 -21.39 -17.08 5.23
C CYS C 146 -20.01 -16.49 5.11
N LEU C 147 -19.93 -15.21 5.40
CA LEU C 147 -18.68 -14.48 5.38
C LEU C 147 -18.33 -14.31 6.86
N VAL C 148 -17.08 -14.68 7.20
CA VAL C 148 -16.51 -14.62 8.54
C VAL C 148 -15.42 -13.54 8.55
N LYS C 149 -15.79 -12.36 9.05
CA LYS C 149 -14.99 -11.20 8.75
C LYS C 149 -14.24 -10.70 9.97
N ASP C 150 -12.93 -10.45 9.82
CA ASP C 150 -12.12 -9.72 10.78
C ASP C 150 -11.92 -10.45 12.09
N TYR C 151 -11.06 -11.45 12.07
CA TYR C 151 -10.75 -12.17 13.27
C TYR C 151 -9.25 -12.39 13.40
N PHE C 152 -8.82 -12.66 14.64
CA PHE C 152 -7.47 -13.01 14.88
C PHE C 152 -7.46 -13.77 16.24
N PRO C 153 -6.60 -14.79 16.37
CA PRO C 153 -5.76 -15.38 15.31
C PRO C 153 -6.62 -16.38 14.48
N GLU C 154 -6.01 -17.04 13.51
CA GLU C 154 -6.58 -18.27 12.97
C GLU C 154 -6.59 -19.37 14.07
N PRO C 155 -7.44 -20.39 13.92
CA PRO C 155 -8.29 -20.59 12.79
C PRO C 155 -9.79 -20.36 13.11
N VAL C 156 -10.62 -20.39 12.07
CA VAL C 156 -12.07 -20.55 12.31
C VAL C 156 -12.49 -21.84 11.64
N THR C 157 -13.37 -22.58 12.29
CA THR C 157 -13.98 -23.71 11.64
C THR C 157 -15.45 -23.42 11.32
N VAL C 158 -15.94 -24.02 10.25
CA VAL C 158 -17.26 -23.71 9.77
C VAL C 158 -17.90 -25.00 9.39
N SER C 159 -19.12 -25.23 9.86
CA SER C 159 -19.83 -26.38 9.42
C SER C 159 -21.21 -25.88 8.97
N TRP C 160 -21.95 -26.71 8.26
CA TRP C 160 -23.31 -26.38 7.85
C TRP C 160 -24.32 -27.40 8.39
N ASN C 161 -25.41 -26.88 8.93
CA ASN C 161 -26.48 -27.69 9.47
C ASN C 161 -25.97 -28.62 10.59
N SER C 162 -25.17 -28.06 11.49
CA SER C 162 -24.46 -28.85 12.55
C SER C 162 -23.68 -30.09 12.07
N GLY C 163 -23.21 -30.06 10.83
CA GLY C 163 -22.43 -31.18 10.30
C GLY C 163 -23.24 -32.14 9.44
N ALA C 164 -24.57 -32.00 9.43
CA ALA C 164 -25.42 -32.82 8.57
C ALA C 164 -25.24 -32.58 7.06
N LEU C 165 -24.86 -31.36 6.69
CA LEU C 165 -24.66 -31.01 5.29
C LEU C 165 -23.16 -30.87 4.97
N THR C 166 -22.66 -31.68 4.05
CA THR C 166 -21.23 -31.80 3.79
C THR C 166 -20.99 -31.68 2.30
N SER C 167 -21.90 -32.22 1.50
CA SER C 167 -21.74 -32.29 0.05
C SER C 167 -21.96 -30.90 -0.57
N GLY C 168 -21.06 -30.50 -1.44
CA GLY C 168 -21.14 -29.16 -2.04
C GLY C 168 -20.71 -28.04 -1.09
N VAL C 169 -20.17 -28.39 0.08
CA VAL C 169 -19.61 -27.39 1.01
C VAL C 169 -18.15 -27.09 0.66
N HIS C 170 -17.80 -25.82 0.51
CA HIS C 170 -16.41 -25.46 0.22
C HIS C 170 -16.03 -24.24 1.09
N THR C 171 -15.20 -24.45 2.10
CA THR C 171 -14.74 -23.37 3.01
C THR C 171 -13.33 -22.94 2.59
N PHE C 172 -13.15 -21.66 2.28
CA PHE C 172 -11.94 -21.26 1.55
C PHE C 172 -10.88 -20.88 2.54
N PRO C 173 -9.58 -21.07 2.21
CA PRO C 173 -8.57 -20.49 3.08
C PRO C 173 -8.82 -18.97 3.23
N ALA C 174 -8.43 -18.46 4.39
CA ALA C 174 -8.56 -17.06 4.72
C ALA C 174 -7.61 -16.09 4.03
N VAL C 175 -8.04 -14.84 3.86
CA VAL C 175 -7.14 -13.75 3.48
C VAL C 175 -6.71 -13.08 4.76
N LEU C 176 -5.50 -12.52 4.70
CA LEU C 176 -5.05 -11.59 5.73
C LEU C 176 -5.20 -10.18 5.19
N GLN C 177 -5.96 -9.34 5.87
CA GLN C 177 -6.09 -7.95 5.44
C GLN C 177 -4.97 -7.09 6.02
N SER C 178 -4.95 -5.83 5.58
CA SER C 178 -3.90 -4.85 5.94
C SER C 178 -3.82 -4.65 7.45
N SER C 179 -5.01 -4.68 8.05
CA SER C 179 -5.23 -4.61 9.49
C SER C 179 -4.56 -5.69 10.35
N GLY C 180 -4.09 -6.78 9.76
CA GLY C 180 -3.60 -7.95 10.51
C GLY C 180 -4.71 -8.91 10.90
N LEU C 181 -5.94 -8.63 10.46
CA LEU C 181 -7.07 -9.54 10.73
C LEU C 181 -7.38 -10.40 9.51
N TYR C 182 -7.99 -11.57 9.75
CA TYR C 182 -8.29 -12.52 8.71
C TYR C 182 -9.76 -12.45 8.38
N SER C 183 -10.15 -12.81 7.14
CA SER C 183 -11.56 -13.16 6.85
C SER C 183 -11.54 -14.41 5.97
N LEU C 184 -12.61 -15.21 6.00
CA LEU C 184 -12.74 -16.34 5.08
C LEU C 184 -14.16 -16.43 4.76
N SER C 185 -14.49 -17.17 3.69
CA SER C 185 -15.87 -17.46 3.48
C SER C 185 -16.05 -18.94 3.34
N SER C 186 -17.28 -19.42 3.62
CA SER C 186 -17.65 -20.79 3.32
C SER C 186 -18.87 -20.76 2.44
N VAL C 187 -18.88 -21.58 1.39
CA VAL C 187 -19.97 -21.56 0.42
C VAL C 187 -20.46 -22.98 0.20
N VAL C 188 -21.78 -23.14 0.05
CA VAL C 188 -22.34 -24.43 -0.32
C VAL C 188 -23.13 -24.22 -1.62
N THR C 189 -22.95 -25.16 -2.55
CA THR C 189 -23.68 -25.26 -3.81
C THR C 189 -24.80 -26.29 -3.66
N VAL C 190 -26.02 -25.84 -3.95
CA VAL C 190 -27.21 -26.63 -3.67
C VAL C 190 -28.19 -26.50 -4.83
N PRO C 191 -29.09 -27.49 -4.98
CA PRO C 191 -30.11 -27.33 -5.99
C PRO C 191 -30.92 -26.06 -5.76
N SER C 192 -31.07 -25.27 -6.83
CA SER C 192 -31.87 -24.07 -6.69
C SER C 192 -33.32 -24.42 -6.30
N SER C 193 -33.81 -25.61 -6.68
CA SER C 193 -35.19 -25.99 -6.32
C SER C 193 -35.35 -26.22 -4.80
N SER C 194 -34.21 -26.26 -4.10
CA SER C 194 -34.24 -26.60 -2.68
C SER C 194 -34.34 -25.35 -1.86
N LEU C 195 -34.14 -24.19 -2.51
CA LEU C 195 -33.90 -22.95 -1.74
C LEU C 195 -35.05 -22.58 -0.80
N GLY C 196 -36.28 -22.88 -1.20
CA GLY C 196 -37.41 -22.53 -0.37
C GLY C 196 -37.80 -23.59 0.67
N THR C 197 -37.26 -24.80 0.58
CA THR C 197 -37.73 -25.95 1.41
C THR C 197 -36.64 -26.44 2.37
N GLN C 198 -35.40 -26.05 2.14
CA GLN C 198 -34.29 -26.57 2.91
C GLN C 198 -33.62 -25.41 3.71
N THR C 199 -33.42 -25.62 5.00
CA THR C 199 -32.82 -24.57 5.78
C THR C 199 -31.31 -24.73 5.77
N TYR C 200 -30.64 -23.64 5.56
CA TYR C 200 -29.18 -23.65 5.52
C TYR C 200 -28.61 -22.73 6.63
N ILE C 201 -27.93 -23.35 7.59
CA ILE C 201 -27.33 -22.65 8.72
C ILE C 201 -25.82 -22.93 8.73
N CYS C 202 -25.03 -21.86 8.76
CA CYS C 202 -23.57 -22.02 8.89
C CYS C 202 -23.18 -21.90 10.38
N ASN C 203 -22.41 -22.86 10.87
CA ASN C 203 -22.02 -22.91 12.27
C ASN C 203 -20.56 -22.51 12.30
N VAL C 204 -20.31 -21.37 12.93
CA VAL C 204 -18.97 -20.74 12.87
C VAL C 204 -18.42 -20.80 14.28
N ASN C 205 -17.25 -21.36 14.44
CA ASN C 205 -16.60 -21.37 15.75
C ASN C 205 -15.24 -20.73 15.63
N HIS C 206 -14.95 -19.79 16.52
CA HIS C 206 -13.61 -19.18 16.63
C HIS C 206 -13.20 -19.33 18.09
N LYS C 207 -12.49 -20.40 18.43
CA LYS C 207 -12.32 -20.73 19.85
C LYS C 207 -11.59 -19.62 20.68
N PRO C 208 -10.49 -19.05 20.12
CA PRO C 208 -9.69 -18.03 20.83
C PRO C 208 -10.52 -16.88 21.37
N SER C 209 -11.65 -16.59 20.77
CA SER C 209 -12.44 -15.47 21.24
C SER C 209 -13.70 -16.01 21.84
N ASN C 210 -13.77 -17.34 21.97
CA ASN C 210 -14.97 -18.00 22.42
C ASN C 210 -16.23 -17.55 21.66
N THR C 211 -16.08 -17.46 20.33
CA THR C 211 -17.19 -17.09 19.48
C THR C 211 -17.74 -18.38 18.85
N LYS C 212 -19.06 -18.60 19.01
CA LYS C 212 -19.77 -19.64 18.27
C LYS C 212 -21.00 -18.96 17.73
N VAL C 213 -21.09 -18.82 16.40
CA VAL C 213 -22.26 -18.18 15.79
C VAL C 213 -23.00 -19.23 14.93
N ASP C 214 -24.32 -19.15 14.94
CA ASP C 214 -25.13 -19.89 13.97
C ASP C 214 -25.91 -18.87 13.18
N LYS C 215 -25.73 -18.88 11.86
CA LYS C 215 -26.45 -17.94 10.98
C LYS C 215 -27.25 -18.71 9.96
N ARG C 216 -28.57 -18.50 9.95
CA ARG C 216 -29.46 -19.06 8.92
C ARG C 216 -29.19 -18.19 7.70
N VAL C 217 -29.04 -18.81 6.53
CA VAL C 217 -28.78 -18.03 5.32
C VAL C 217 -30.01 -18.18 4.48
N GLU C 218 -30.69 -17.07 4.25
CA GLU C 218 -32.06 -17.08 3.72
C GLU C 218 -31.96 -16.56 2.29
N PRO C 219 -32.62 -17.22 1.33
CA PRO C 219 -32.57 -16.82 -0.09
C PRO C 219 -33.13 -15.44 -0.36
N ALA D 3 17.27 -33.86 9.51
CA ALA D 3 18.52 -34.63 9.29
C ALA D 3 18.33 -35.74 8.25
N LEU D 4 17.10 -35.90 7.75
CA LEU D 4 16.86 -36.83 6.62
C LEU D 4 16.61 -35.99 5.39
N THR D 5 17.21 -36.38 4.29
CA THR D 5 17.08 -35.60 3.06
C THR D 5 16.23 -36.31 2.03
N GLN D 6 15.16 -35.67 1.62
CA GLN D 6 14.30 -36.14 0.53
C GLN D 6 14.44 -35.16 -0.64
N PRO D 7 14.11 -35.60 -1.87
CA PRO D 7 14.03 -34.60 -2.95
C PRO D 7 12.83 -33.70 -2.72
N ALA D 8 12.98 -32.41 -3.06
CA ALA D 8 11.86 -31.46 -2.93
C ALA D 8 10.59 -31.87 -3.66
N SER D 9 10.75 -32.44 -4.84
CA SER D 9 9.59 -32.80 -5.65
C SER D 9 9.94 -33.94 -6.59
N VAL D 10 8.98 -34.84 -6.93
CA VAL D 10 9.09 -35.93 -7.89
C VAL D 10 7.79 -35.84 -8.63
N SER D 11 7.82 -36.27 -9.89
CA SER D 11 6.58 -36.33 -10.66
C SER D 11 6.62 -37.53 -11.62
N GLY D 12 5.46 -38.01 -12.02
CA GLY D 12 5.39 -39.00 -13.07
C GLY D 12 4.01 -39.00 -13.66
N SER D 13 3.82 -39.75 -14.73
CA SER D 13 2.51 -39.83 -15.37
C SER D 13 1.66 -40.92 -14.75
N PRO D 14 0.34 -40.89 -14.99
CA PRO D 14 -0.52 -41.89 -14.35
C PRO D 14 -0.18 -43.31 -14.81
N GLY D 15 -0.33 -44.30 -13.93
CA GLY D 15 0.13 -45.66 -14.18
C GLY D 15 1.65 -45.90 -14.06
N GLN D 16 2.48 -44.85 -14.04
CA GLN D 16 3.92 -45.04 -13.92
C GLN D 16 4.33 -45.42 -12.49
N SER D 17 5.60 -45.75 -12.31
CA SER D 17 6.09 -45.96 -10.99
C SER D 17 7.09 -44.88 -10.66
N ILE D 18 7.06 -44.39 -9.43
CA ILE D 18 8.06 -43.40 -8.98
C ILE D 18 8.66 -43.79 -7.63
N THR D 19 9.86 -43.29 -7.39
CA THR D 19 10.55 -43.55 -6.15
C THR D 19 10.95 -42.24 -5.47
N ILE D 20 10.64 -42.15 -4.20
CA ILE D 20 11.04 -41.04 -3.34
C ILE D 20 12.12 -41.54 -2.36
N SER D 21 13.30 -40.91 -2.43
CA SER D 21 14.41 -41.31 -1.57
C SER D 21 14.42 -40.51 -0.26
N CYS D 22 14.99 -41.13 0.77
CA CYS D 22 15.11 -40.54 2.08
C CYS D 22 16.53 -40.90 2.57
N THR D 23 17.47 -39.96 2.46
CA THR D 23 18.85 -40.22 2.86
C THR D 23 19.15 -39.76 4.31
N GLY D 24 19.47 -40.71 5.20
CA GLY D 24 20.01 -40.37 6.51
C GLY D 24 21.47 -40.77 6.66
N THR D 25 21.81 -41.30 7.83
CA THR D 25 23.17 -41.74 8.13
C THR D 25 23.08 -43.03 8.93
N SER D 26 24.28 -43.52 9.31
CA SER D 26 24.40 -44.69 10.17
C SER D 26 23.54 -44.61 11.43
N SER D 27 23.44 -43.43 12.02
CA SER D 27 22.72 -43.21 13.28
C SER D 27 21.18 -43.39 13.25
N ASP D 28 20.59 -43.42 12.05
CA ASP D 28 19.14 -43.54 11.96
C ASP D 28 18.80 -44.61 10.93
N VAL D 29 18.69 -44.18 9.67
CA VAL D 29 18.35 -45.10 8.59
C VAL D 29 19.25 -46.31 8.46
N GLY D 30 20.56 -46.12 8.63
CA GLY D 30 21.52 -47.20 8.35
C GLY D 30 21.54 -48.32 9.40
N SER D 31 21.35 -47.97 10.68
CA SER D 31 21.43 -48.94 11.77
C SER D 31 20.08 -49.62 12.14
N TYR D 32 18.99 -48.94 11.88
CA TYR D 32 17.67 -49.34 12.41
C TYR D 32 16.67 -49.65 11.31
N ASN D 33 15.74 -50.55 11.61
CA ASN D 33 14.62 -50.79 10.75
C ASN D 33 13.38 -50.04 11.20
N PHE D 34 13.51 -48.75 11.47
CA PHE D 34 12.40 -47.93 11.89
C PHE D 34 12.22 -46.75 10.92
N VAL D 35 11.94 -47.02 9.65
CA VAL D 35 11.53 -45.92 8.81
C VAL D 35 10.05 -45.96 8.62
N SER D 36 9.43 -44.80 8.82
CA SER D 36 8.03 -44.57 8.51
C SER D 36 7.86 -43.60 7.35
N TRP D 37 6.75 -43.71 6.65
CA TRP D 37 6.46 -42.79 5.60
C TRP D 37 5.05 -42.32 5.83
N TYR D 38 4.88 -41.02 5.62
CA TYR D 38 3.55 -40.41 5.79
C TYR D 38 3.11 -39.68 4.55
N GLN D 39 1.81 -39.66 4.31
CA GLN D 39 1.25 -38.92 3.20
C GLN D 39 0.40 -37.80 3.80
N GLN D 40 0.60 -36.58 3.29
CA GLN D 40 -0.17 -35.45 3.76
C GLN D 40 -0.77 -34.68 2.59
N HIS D 41 -2.08 -34.76 2.50
CA HIS D 41 -2.88 -33.93 1.61
C HIS D 41 -3.14 -32.58 2.24
N PRO D 42 -3.27 -31.52 1.41
CA PRO D 42 -3.41 -30.14 1.84
C PRO D 42 -4.51 -29.98 2.84
N GLY D 43 -4.21 -29.31 3.95
CA GLY D 43 -5.19 -29.12 5.03
C GLY D 43 -5.65 -30.36 5.76
N LYS D 44 -4.88 -31.45 5.73
CA LYS D 44 -5.26 -32.66 6.46
C LYS D 44 -4.08 -33.10 7.29
N ALA D 45 -4.35 -34.00 8.24
CA ALA D 45 -3.32 -34.56 9.12
C ALA D 45 -2.52 -35.58 8.30
N PRO D 46 -1.21 -35.79 8.60
CA PRO D 46 -0.43 -36.86 8.01
C PRO D 46 -1.05 -38.22 8.22
N LYS D 47 -0.89 -39.09 7.22
CA LYS D 47 -1.41 -40.46 7.26
C LYS D 47 -0.23 -41.44 7.18
N LEU D 48 -0.20 -42.45 8.05
CA LEU D 48 0.87 -43.45 8.02
C LEU D 48 0.72 -44.37 6.80
N MET D 49 1.71 -44.36 5.91
CA MET D 49 1.70 -45.29 4.74
C MET D 49 2.56 -46.54 4.94
N ILE D 50 3.78 -46.39 5.45
CA ILE D 50 4.71 -47.53 5.67
C ILE D 50 5.36 -47.29 7.02
N TYR D 51 5.58 -48.36 7.78
CA TYR D 51 6.44 -48.27 8.94
C TYR D 51 7.41 -49.43 8.95
N GLU D 52 8.42 -49.33 9.81
CA GLU D 52 9.47 -50.32 9.96
C GLU D 52 10.01 -50.64 8.58
N VAL D 53 10.21 -49.56 7.84
CA VAL D 53 10.79 -49.50 6.51
C VAL D 53 9.97 -50.10 5.38
N SER D 54 9.32 -51.22 5.64
CA SER D 54 8.65 -51.98 4.57
C SER D 54 7.27 -52.50 4.98
N GLU D 55 6.80 -52.19 6.17
CA GLU D 55 5.58 -52.76 6.61
C GLU D 55 4.41 -51.83 6.28
N ARG D 56 3.32 -52.42 5.83
CA ARG D 56 2.17 -51.66 5.36
C ARG D 56 1.00 -51.86 6.30
N PRO D 57 0.49 -50.77 6.91
CA PRO D 57 -0.73 -50.87 7.74
C PRO D 57 -1.93 -51.43 6.95
N SER D 58 -2.88 -52.05 7.65
CA SER D 58 -4.17 -52.44 7.08
C SER D 58 -4.90 -51.21 6.57
N GLY D 59 -5.27 -51.27 5.31
CA GLY D 59 -6.00 -50.19 4.67
C GLY D 59 -5.14 -49.43 3.70
N ILE D 60 -3.82 -49.62 3.75
CA ILE D 60 -2.96 -49.03 2.73
C ILE D 60 -2.78 -49.95 1.49
N SER D 61 -2.94 -49.34 0.32
CA SER D 61 -2.76 -50.03 -0.97
C SER D 61 -1.36 -50.65 -1.20
N ASN D 62 -1.38 -51.86 -1.75
CA ASN D 62 -0.14 -52.53 -2.15
C ASN D 62 0.64 -51.83 -3.25
N ARG D 63 0.10 -50.74 -3.81
CA ARG D 63 0.87 -49.86 -4.71
C ARG D 63 1.96 -49.09 -3.95
N PHE D 64 1.81 -49.01 -2.65
CA PHE D 64 2.80 -48.37 -1.80
C PHE D 64 3.73 -49.43 -1.16
N SER D 65 5.02 -49.31 -1.38
CA SER D 65 5.98 -50.20 -0.72
C SER D 65 7.19 -49.42 -0.25
N GLY D 66 7.94 -49.92 0.71
CA GLY D 66 9.17 -49.24 1.07
C GLY D 66 10.28 -50.24 1.21
N SER D 67 11.50 -49.77 1.12
CA SER D 67 12.69 -50.59 1.24
C SER D 67 13.80 -49.67 1.72
N LYS D 68 15.01 -50.19 1.88
CA LYS D 68 16.20 -49.35 2.08
C LYS D 68 17.44 -50.14 1.74
N SER D 69 18.51 -49.41 1.41
CA SER D 69 19.85 -49.99 1.30
C SER D 69 20.84 -48.93 1.75
N GLY D 70 21.77 -49.37 2.60
CA GLY D 70 22.74 -48.47 3.23
C GLY D 70 22.01 -47.40 4.02
N ASN D 71 22.32 -46.16 3.71
CA ASN D 71 21.79 -45.06 4.47
C ASN D 71 20.58 -44.44 3.81
N THR D 72 20.12 -45.05 2.72
CA THR D 72 18.97 -44.49 2.02
C THR D 72 17.77 -45.40 2.05
N ALA D 73 16.64 -44.86 2.50
CA ALA D 73 15.30 -45.47 2.43
C ALA D 73 14.54 -44.97 1.21
N SER D 74 13.66 -45.83 0.67
CA SER D 74 12.85 -45.47 -0.51
C SER D 74 11.36 -45.72 -0.32
N LEU D 75 10.55 -44.75 -0.73
CA LEU D 75 9.14 -45.04 -0.92
C LEU D 75 8.89 -45.22 -2.40
N THR D 76 8.38 -46.38 -2.79
CA THR D 76 7.98 -46.61 -4.19
C THR D 76 6.46 -46.61 -4.29
N ILE D 77 5.95 -45.81 -5.22
CA ILE D 77 4.52 -45.82 -5.53
C ILE D 77 4.39 -46.39 -6.94
N SER D 78 3.68 -47.51 -7.05
CA SER D 78 3.54 -48.20 -8.33
C SER D 78 2.16 -47.83 -8.93
N GLY D 79 2.10 -47.64 -10.24
CA GLY D 79 0.82 -47.32 -10.87
C GLY D 79 0.22 -46.04 -10.31
N LEU D 80 0.85 -44.93 -10.61
CA LEU D 80 0.42 -43.66 -10.02
C LEU D 80 -1.04 -43.43 -10.34
N GLN D 81 -1.81 -43.00 -9.35
CA GLN D 81 -3.14 -42.45 -9.59
C GLN D 81 -3.16 -40.96 -9.18
N ALA D 82 -4.16 -40.22 -9.66
CA ALA D 82 -4.29 -38.78 -9.34
C ALA D 82 -4.41 -38.50 -7.80
N GLU D 83 -5.13 -39.36 -7.09
CA GLU D 83 -5.22 -39.25 -5.64
C GLU D 83 -3.87 -39.34 -4.90
N ASP D 84 -2.82 -39.84 -5.57
CA ASP D 84 -1.51 -39.94 -4.88
C ASP D 84 -0.83 -38.59 -4.69
N GLU D 85 -1.24 -37.54 -5.43
CA GLU D 85 -0.70 -36.19 -5.24
C GLU D 85 -0.87 -35.78 -3.77
N ALA D 86 0.21 -35.34 -3.12
CA ALA D 86 0.22 -35.04 -1.67
C ALA D 86 1.69 -34.75 -1.37
N ASP D 87 2.00 -34.33 -0.13
CA ASP D 87 3.39 -34.36 0.34
C ASP D 87 3.63 -35.68 1.06
N TYR D 88 4.83 -36.22 0.84
CA TYR D 88 5.31 -37.47 1.50
C TYR D 88 6.48 -37.20 2.40
N TYR D 89 6.43 -37.76 3.63
CA TYR D 89 7.48 -37.43 4.58
C TYR D 89 8.02 -38.75 5.05
N CYS D 90 9.34 -38.89 5.12
CA CYS D 90 9.90 -40.01 5.87
C CYS D 90 10.30 -39.57 7.27
N SER D 91 10.35 -40.53 8.19
CA SER D 91 10.94 -40.33 9.51
C SER D 91 11.63 -41.60 10.00
N SER D 92 12.51 -41.43 10.96
CA SER D 92 13.30 -42.57 11.45
C SER D 92 13.64 -42.41 12.90
N TYR D 93 13.64 -43.52 13.63
CA TYR D 93 14.26 -43.55 14.94
C TYR D 93 15.76 -43.15 14.77
N ALA D 94 16.31 -42.41 15.72
CA ALA D 94 17.65 -41.87 15.59
C ALA D 94 18.52 -42.08 16.86
N GLY D 95 18.22 -43.14 17.60
CA GLY D 95 18.88 -43.46 18.87
C GLY D 95 18.22 -42.78 20.04
N SER D 96 18.51 -43.26 21.24
CA SER D 96 17.77 -42.85 22.47
C SER D 96 17.95 -41.36 22.82
N THR D 97 18.95 -40.69 22.25
CA THR D 97 19.18 -39.25 22.50
C THR D 97 18.49 -38.29 21.49
N THR D 98 18.78 -38.43 20.20
CA THR D 98 18.11 -37.60 19.15
C THR D 98 16.68 -38.07 18.96
N PHE D 99 16.49 -39.37 19.16
CA PHE D 99 15.20 -40.07 19.14
C PHE D 99 14.54 -40.21 17.78
N ARG D 100 14.00 -39.11 17.25
CA ARG D 100 13.20 -39.14 16.04
C ARG D 100 13.56 -37.93 15.21
N VAL D 101 13.77 -38.17 13.91
CA VAL D 101 14.01 -37.10 12.90
C VAL D 101 13.06 -37.36 11.68
N PHE D 102 12.76 -36.29 10.95
CA PHE D 102 11.89 -36.34 9.78
C PHE D 102 12.68 -35.80 8.59
N GLY D 103 12.40 -36.29 7.39
CA GLY D 103 12.83 -35.63 6.15
C GLY D 103 12.04 -34.38 5.88
N GLY D 104 12.52 -33.55 4.95
CA GLY D 104 11.88 -32.29 4.66
C GLY D 104 10.62 -32.35 3.83
N GLY D 105 10.18 -33.55 3.50
CA GLY D 105 8.99 -33.70 2.66
C GLY D 105 9.28 -33.66 1.15
N THR D 106 8.49 -34.42 0.39
CA THR D 106 8.60 -34.45 -1.08
C THR D 106 7.19 -34.22 -1.62
N LYS D 107 7.04 -33.20 -2.47
CA LYS D 107 5.79 -32.96 -3.16
C LYS D 107 5.72 -33.83 -4.44
N LEU D 108 4.69 -34.68 -4.50
CA LEU D 108 4.46 -35.57 -5.63
C LEU D 108 3.44 -35.01 -6.59
N THR D 109 3.86 -34.81 -7.84
CA THR D 109 2.96 -34.32 -8.89
C THR D 109 2.66 -35.45 -9.88
N VAL D 110 1.37 -35.71 -10.11
CA VAL D 110 0.91 -36.71 -11.07
C VAL D 110 0.49 -35.96 -12.35
N ARG D 111 1.17 -36.27 -13.45
CA ARG D 111 1.48 -35.34 -14.54
C ARG D 111 0.37 -35.01 -15.49
N GLY D 112 -0.66 -35.85 -15.57
CA GLY D 112 -1.64 -35.60 -16.67
C GLY D 112 -2.89 -34.78 -16.41
N GLN D 113 -2.89 -33.94 -15.37
CA GLN D 113 -4.13 -33.28 -14.98
C GLN D 113 -4.73 -32.35 -16.06
N PRO D 114 -6.01 -32.57 -16.41
CA PRO D 114 -6.74 -31.75 -17.40
C PRO D 114 -6.87 -30.32 -16.89
N LYS D 115 -6.65 -29.36 -17.78
CA LYS D 115 -6.89 -27.96 -17.45
C LYS D 115 -8.36 -27.76 -17.03
N ALA D 116 -8.58 -26.79 -16.17
CA ALA D 116 -9.91 -26.54 -15.66
C ALA D 116 -10.02 -25.05 -15.44
N ALA D 117 -11.12 -24.48 -15.97
CA ALA D 117 -11.40 -23.05 -15.90
C ALA D 117 -11.93 -22.73 -14.49
N PRO D 118 -11.65 -21.54 -13.95
CA PRO D 118 -12.20 -21.33 -12.63
C PRO D 118 -13.74 -21.24 -12.63
N SER D 119 -14.35 -21.74 -11.56
CA SER D 119 -15.76 -21.53 -11.28
C SER D 119 -15.83 -20.30 -10.35
N VAL D 120 -16.51 -19.24 -10.75
CA VAL D 120 -16.53 -17.97 -10.00
C VAL D 120 -17.90 -17.66 -9.43
N THR D 121 -17.95 -17.32 -8.13
CA THR D 121 -19.12 -16.78 -7.49
C THR D 121 -18.75 -15.48 -6.79
N LEU D 122 -19.51 -14.44 -7.12
CA LEU D 122 -19.39 -13.12 -6.53
C LEU D 122 -20.60 -12.81 -5.65
N PHE D 123 -20.35 -12.38 -4.41
CA PHE D 123 -21.46 -11.98 -3.55
C PHE D 123 -21.40 -10.50 -3.30
N PRO D 124 -22.60 -9.83 -3.33
CA PRO D 124 -22.73 -8.43 -2.97
C PRO D 124 -22.63 -8.23 -1.43
N PRO D 125 -22.48 -7.00 -0.96
CA PRO D 125 -22.46 -6.88 0.49
C PRO D 125 -23.82 -7.25 1.07
N SER D 126 -23.83 -7.96 2.19
CA SER D 126 -25.10 -8.23 2.89
C SER D 126 -25.71 -6.95 3.46
N SER D 127 -27.03 -6.95 3.66
CA SER D 127 -27.69 -5.79 4.25
C SER D 127 -27.23 -5.62 5.72
N GLU D 128 -26.99 -6.73 6.41
CA GLU D 128 -26.47 -6.71 7.75
C GLU D 128 -25.11 -5.98 7.78
N GLU D 129 -24.24 -6.23 6.80
CA GLU D 129 -22.94 -5.56 6.81
C GLU D 129 -23.07 -4.08 6.49
N LEU D 130 -23.97 -3.76 5.55
CA LEU D 130 -24.25 -2.37 5.19
C LEU D 130 -24.78 -1.58 6.40
N GLN D 131 -25.58 -2.24 7.24
CA GLN D 131 -26.08 -1.65 8.48
C GLN D 131 -24.97 -1.33 9.49
N ALA D 132 -23.87 -2.08 9.44
CA ALA D 132 -22.68 -1.74 10.19
C ALA D 132 -21.78 -0.75 9.42
N ASN D 133 -22.33 -0.09 8.39
CA ASN D 133 -21.62 0.95 7.62
C ASN D 133 -20.30 0.53 6.95
N LYS D 134 -20.33 -0.73 6.53
CA LYS D 134 -19.24 -1.39 5.87
C LYS D 134 -19.81 -2.14 4.67
N ALA D 135 -18.97 -2.47 3.69
CA ALA D 135 -19.42 -3.25 2.54
C ALA D 135 -18.23 -4.10 2.10
N THR D 136 -18.45 -5.40 1.88
CA THR D 136 -17.39 -6.29 1.36
C THR D 136 -18.02 -7.06 0.19
N LEU D 137 -17.39 -6.99 -0.97
CA LEU D 137 -17.66 -7.87 -2.13
C LEU D 137 -16.79 -9.11 -2.02
N VAL D 138 -17.38 -10.28 -2.26
CA VAL D 138 -16.71 -11.54 -1.95
C VAL D 138 -16.67 -12.37 -3.21
N CYS D 139 -15.47 -12.51 -3.77
CA CYS D 139 -15.30 -13.25 -5.02
C CYS D 139 -14.61 -14.58 -4.75
N LEU D 140 -15.33 -15.67 -4.98
CA LEU D 140 -14.83 -17.03 -4.62
C LEU D 140 -14.48 -17.81 -5.92
N ILE D 141 -13.26 -18.29 -6.00
CA ILE D 141 -12.75 -18.85 -7.24
C ILE D 141 -12.28 -20.30 -7.01
N SER D 142 -12.84 -21.30 -7.69
CA SER D 142 -12.47 -22.67 -7.34
C SER D 142 -12.35 -23.56 -8.61
N ASP D 143 -11.85 -24.79 -8.41
CA ASP D 143 -11.85 -25.79 -9.46
C ASP D 143 -11.04 -25.37 -10.72
N PHE D 144 -9.97 -24.60 -10.54
CA PHE D 144 -9.12 -24.25 -11.66
C PHE D 144 -7.82 -24.98 -11.62
N TYR D 145 -7.30 -25.28 -12.81
CA TYR D 145 -6.00 -25.91 -12.97
C TYR D 145 -5.43 -25.50 -14.34
N PRO D 146 -4.13 -25.12 -14.38
CA PRO D 146 -3.13 -25.02 -13.30
C PRO D 146 -3.41 -23.90 -12.28
N GLY D 147 -2.60 -23.83 -11.25
CA GLY D 147 -2.91 -23.11 -10.03
C GLY D 147 -2.46 -21.67 -10.04
N ALA D 148 -2.76 -20.94 -11.10
CA ALA D 148 -2.41 -19.52 -11.17
C ALA D 148 -3.58 -18.77 -11.78
N VAL D 149 -4.00 -17.69 -11.10
CA VAL D 149 -5.00 -16.78 -11.66
C VAL D 149 -4.60 -15.36 -11.36
N THR D 150 -5.10 -14.43 -12.16
CA THR D 150 -5.01 -13.02 -11.84
C THR D 150 -6.47 -12.52 -11.67
N VAL D 151 -6.69 -11.66 -10.70
CA VAL D 151 -8.04 -11.23 -10.41
C VAL D 151 -8.01 -9.72 -10.58
N ALA D 152 -9.02 -9.17 -11.26
CA ALA D 152 -9.19 -7.72 -11.42
C ALA D 152 -10.64 -7.32 -11.06
N TRP D 153 -10.77 -6.25 -10.27
CA TRP D 153 -12.07 -5.69 -9.91
C TRP D 153 -12.40 -4.47 -10.74
N LYS D 154 -13.68 -4.34 -11.03
CA LYS D 154 -14.23 -3.21 -11.76
C LYS D 154 -15.38 -2.62 -11.02
N ALA D 155 -15.33 -1.30 -10.88
CA ALA D 155 -16.47 -0.52 -10.46
C ALA D 155 -17.07 -0.02 -11.76
N ASP D 156 -18.32 -0.41 -12.04
CA ASP D 156 -18.87 -0.19 -13.37
C ASP D 156 -17.90 -0.87 -14.38
N SER D 157 -17.24 -0.12 -15.28
CA SER D 157 -16.19 -0.70 -16.13
C SER D 157 -14.75 -0.28 -15.78
N SER D 158 -14.62 0.58 -14.76
CA SER D 158 -13.33 1.10 -14.34
C SER D 158 -12.61 0.19 -13.33
N PRO D 159 -11.31 -0.06 -13.57
CA PRO D 159 -10.46 -0.88 -12.72
C PRO D 159 -10.33 -0.24 -11.34
N VAL D 160 -10.37 -1.09 -10.32
CA VAL D 160 -10.33 -0.67 -8.94
C VAL D 160 -9.04 -1.23 -8.34
N LYS D 161 -8.14 -0.32 -7.95
CA LYS D 161 -6.80 -0.68 -7.50
C LYS D 161 -6.57 -0.42 -5.99
N ALA D 162 -7.63 -0.13 -5.24
CA ALA D 162 -7.51 0.00 -3.77
C ALA D 162 -8.54 -0.87 -3.04
N GLY D 163 -8.20 -1.36 -1.86
CA GLY D 163 -9.15 -2.12 -1.04
C GLY D 163 -9.27 -3.59 -1.47
N VAL D 164 -8.40 -4.04 -2.38
CA VAL D 164 -8.46 -5.43 -2.90
C VAL D 164 -7.52 -6.35 -2.16
N GLU D 165 -8.01 -7.47 -1.64
CA GLU D 165 -7.11 -8.50 -1.08
C GLU D 165 -7.43 -9.86 -1.74
N THR D 166 -6.43 -10.53 -2.27
CA THR D 166 -6.64 -11.81 -2.98
C THR D 166 -5.67 -12.81 -2.38
N THR D 167 -6.14 -14.01 -2.11
CA THR D 167 -5.31 -15.03 -1.48
C THR D 167 -4.46 -15.65 -2.59
N THR D 168 -3.36 -16.30 -2.18
CA THR D 168 -2.65 -17.15 -3.10
C THR D 168 -3.53 -18.37 -3.28
N PRO D 169 -3.42 -19.02 -4.46
CA PRO D 169 -4.20 -20.24 -4.73
C PRO D 169 -3.77 -21.39 -3.84
N SER D 170 -4.70 -22.19 -3.39
CA SER D 170 -4.36 -23.36 -2.58
C SER D 170 -4.99 -24.60 -3.23
N LYS D 171 -4.28 -25.73 -3.13
CA LYS D 171 -4.75 -26.99 -3.69
C LYS D 171 -5.94 -27.53 -2.86
N GLN D 172 -6.98 -27.91 -3.58
CA GLN D 172 -8.18 -28.50 -3.01
C GLN D 172 -8.04 -30.04 -3.03
N SER D 173 -8.97 -30.74 -2.39
CA SER D 173 -8.80 -32.18 -2.30
C SER D 173 -8.99 -32.87 -3.66
N ASN D 174 -9.72 -32.23 -4.57
CA ASN D 174 -9.85 -32.80 -5.89
C ASN D 174 -8.64 -32.46 -6.79
N ASN D 175 -7.62 -31.86 -6.18
CA ASN D 175 -6.34 -31.53 -6.88
C ASN D 175 -6.40 -30.31 -7.79
N LYS D 176 -7.57 -29.75 -7.95
CA LYS D 176 -7.72 -28.42 -8.60
C LYS D 176 -7.39 -27.33 -7.54
N TYR D 177 -7.52 -26.05 -7.88
CA TYR D 177 -7.07 -24.97 -6.97
C TYR D 177 -8.23 -24.03 -6.69
N ALA D 178 -8.17 -23.38 -5.53
CA ALA D 178 -9.08 -22.33 -5.07
C ALA D 178 -8.32 -21.08 -4.64
N ALA D 179 -9.04 -19.96 -4.70
CA ALA D 179 -8.53 -18.69 -4.18
C ALA D 179 -9.74 -17.81 -3.94
N SER D 180 -9.53 -16.69 -3.26
CA SER D 180 -10.64 -15.82 -2.81
C SER D 180 -10.12 -14.45 -3.06
N SER D 181 -10.99 -13.57 -3.49
CA SER D 181 -10.66 -12.16 -3.54
C SER D 181 -11.76 -11.31 -2.88
N TYR D 182 -11.33 -10.29 -2.13
CA TYR D 182 -12.22 -9.46 -1.29
C TYR D 182 -12.00 -7.99 -1.66
N LEU D 183 -13.10 -7.29 -1.95
CA LEU D 183 -13.04 -5.84 -2.20
C LEU D 183 -13.76 -5.11 -1.10
N SER D 184 -13.02 -4.23 -0.39
CA SER D 184 -13.65 -3.41 0.64
C SER D 184 -14.17 -2.12 0.02
N LEU D 185 -15.41 -1.75 0.30
CA LEU D 185 -15.93 -0.45 -0.17
C LEU D 185 -16.80 0.23 0.89
N THR D 186 -17.00 1.52 0.75
CA THR D 186 -17.90 2.22 1.64
C THR D 186 -19.33 1.93 1.16
N PRO D 187 -20.31 1.99 2.06
CA PRO D 187 -21.66 1.86 1.49
C PRO D 187 -21.97 2.95 0.42
N GLU D 188 -21.39 4.16 0.55
CA GLU D 188 -21.58 5.19 -0.48
C GLU D 188 -21.07 4.72 -1.88
N GLN D 189 -19.88 4.12 -1.92
CA GLN D 189 -19.29 3.60 -3.17
C GLN D 189 -20.15 2.53 -3.78
N TRP D 190 -20.67 1.60 -2.96
CA TRP D 190 -21.53 0.54 -3.42
C TRP D 190 -22.82 1.08 -4.11
N LYS D 191 -23.40 2.10 -3.52
CA LYS D 191 -24.62 2.68 -4.06
C LYS D 191 -24.39 3.72 -5.13
N SER D 192 -23.14 4.07 -5.38
CA SER D 192 -22.83 5.10 -6.40
C SER D 192 -22.30 4.53 -7.68
N HIS D 193 -22.59 3.24 -7.92
CA HIS D 193 -22.19 2.59 -9.20
C HIS D 193 -23.30 1.73 -9.60
N ARG D 194 -23.32 1.42 -10.90
CA ARG D 194 -24.33 0.53 -11.47
C ARG D 194 -24.07 -0.82 -10.91
N SER D 195 -22.79 -1.19 -10.87
CA SER D 195 -22.42 -2.51 -10.46
C SER D 195 -20.94 -2.58 -10.22
N TYR D 196 -20.54 -3.73 -9.64
CA TYR D 196 -19.14 -4.10 -9.55
C TYR D 196 -18.86 -5.45 -10.16
N SER D 197 -17.64 -5.66 -10.66
CA SER D 197 -17.31 -6.96 -11.26
C SER D 197 -16.00 -7.50 -10.73
N CYS D 198 -15.97 -8.83 -10.60
CA CYS D 198 -14.79 -9.62 -10.29
C CYS D 198 -14.40 -10.39 -11.54
N GLN D 199 -13.22 -10.12 -12.11
CA GLN D 199 -12.90 -10.71 -13.38
C GLN D 199 -11.65 -11.57 -13.15
N VAL D 200 -11.74 -12.86 -13.46
CA VAL D 200 -10.61 -13.75 -13.17
C VAL D 200 -10.01 -14.30 -14.49
N THR D 201 -8.70 -14.17 -14.67
CA THR D 201 -8.15 -14.67 -15.89
C THR D 201 -7.24 -15.85 -15.62
N HIS D 202 -7.38 -16.88 -16.45
CA HIS D 202 -6.70 -18.13 -16.21
C HIS D 202 -6.26 -18.68 -17.56
N GLU D 203 -4.95 -18.71 -17.78
CA GLU D 203 -4.42 -19.17 -19.07
C GLU D 203 -5.11 -18.43 -20.22
N GLY D 204 -5.14 -17.09 -20.13
CA GLY D 204 -5.77 -16.30 -21.18
C GLY D 204 -7.26 -16.57 -21.43
N SER D 205 -7.97 -17.07 -20.42
CA SER D 205 -9.42 -17.20 -20.48
C SER D 205 -9.95 -16.39 -19.33
N THR D 206 -10.93 -15.55 -19.62
CA THR D 206 -11.46 -14.64 -18.66
C THR D 206 -12.84 -15.11 -18.23
N VAL D 207 -13.07 -15.15 -16.92
CA VAL D 207 -14.39 -15.44 -16.35
C VAL D 207 -14.77 -14.25 -15.48
N GLU D 208 -15.89 -13.59 -15.78
CA GLU D 208 -16.31 -12.40 -15.06
C GLU D 208 -17.71 -12.58 -14.42
N LYS D 209 -17.87 -12.19 -13.15
CA LYS D 209 -19.19 -12.06 -12.54
C LYS D 209 -19.43 -10.64 -12.11
N THR D 210 -20.71 -10.28 -12.02
CA THR D 210 -21.13 -8.93 -11.78
C THR D 210 -22.26 -8.91 -10.82
N VAL D 211 -22.18 -8.03 -9.82
CA VAL D 211 -23.28 -7.85 -8.86
C VAL D 211 -23.66 -6.37 -8.80
N ALA D 212 -24.91 -6.11 -8.44
CA ALA D 212 -25.44 -4.74 -8.36
C ALA D 212 -26.31 -4.56 -7.11
N PRO D 213 -26.49 -3.31 -6.68
CA PRO D 213 -27.36 -3.03 -5.54
C PRO D 213 -28.81 -3.61 -5.71
N THR D 214 -29.29 -3.87 -6.93
CA THR D 214 -30.64 -4.49 -7.12
C THR D 214 -30.63 -5.84 -7.86
N GLU E 1 13.23 -35.90 -16.52
CA GLU E 1 12.58 -35.37 -15.27
C GLU E 1 13.55 -34.47 -14.50
N VAL E 2 14.82 -34.52 -14.86
CA VAL E 2 15.86 -33.66 -14.26
C VAL E 2 15.65 -32.15 -14.51
N GLN E 3 15.68 -31.36 -13.44
CA GLN E 3 15.65 -29.90 -13.51
C GLN E 3 16.79 -29.31 -12.68
N LEU E 4 17.37 -28.23 -13.18
CA LEU E 4 18.36 -27.45 -12.46
C LEU E 4 17.91 -26.01 -12.58
N VAL E 5 17.33 -25.47 -11.51
CA VAL E 5 16.62 -24.20 -11.56
C VAL E 5 17.49 -23.12 -10.95
N GLU E 6 17.87 -22.14 -11.77
CA GLU E 6 18.90 -21.19 -11.37
C GLU E 6 18.34 -19.86 -10.90
N SER E 7 18.94 -19.28 -9.87
CA SER E 7 18.60 -17.90 -9.51
C SER E 7 19.78 -17.22 -8.85
N GLY E 8 19.57 -15.97 -8.46
CA GLY E 8 20.53 -15.22 -7.71
C GLY E 8 21.39 -14.36 -8.64
N GLY E 9 21.15 -14.41 -9.95
CA GLY E 9 21.92 -13.59 -10.90
C GLY E 9 21.36 -12.18 -11.03
N GLY E 10 21.61 -11.53 -12.14
CA GLY E 10 21.16 -10.18 -12.34
C GLY E 10 22.26 -9.17 -12.16
N LEU E 11 21.89 -7.97 -11.73
CA LEU E 11 22.81 -6.84 -11.78
C LEU E 11 23.56 -6.72 -10.47
N VAL E 12 24.87 -6.49 -10.57
CA VAL E 12 25.70 -6.27 -9.40
C VAL E 12 26.79 -5.22 -9.70
N GLN E 13 27.09 -4.41 -8.70
CA GLN E 13 28.12 -3.38 -8.82
C GLN E 13 29.49 -4.03 -8.90
N PRO E 14 30.39 -3.46 -9.70
CA PRO E 14 31.82 -3.85 -9.62
C PRO E 14 32.29 -3.85 -8.17
N GLY E 15 33.10 -4.85 -7.79
CA GLY E 15 33.52 -5.01 -6.40
C GLY E 15 32.52 -5.66 -5.47
N GLY E 16 31.25 -5.80 -5.87
CA GLY E 16 30.18 -6.39 -5.04
C GLY E 16 30.10 -7.91 -5.11
N SER E 17 29.07 -8.49 -4.50
CA SER E 17 28.95 -9.92 -4.25
C SER E 17 27.59 -10.45 -4.70
N LEU E 18 27.53 -11.71 -5.16
CA LEU E 18 26.25 -12.39 -5.44
C LEU E 18 26.32 -13.81 -4.95
N ARG E 19 25.20 -14.46 -4.78
CA ARG E 19 25.29 -15.87 -4.61
C ARG E 19 24.35 -16.55 -5.57
N LEU E 20 24.89 -17.37 -6.45
CA LEU E 20 24.02 -18.09 -7.39
C LEU E 20 23.50 -19.35 -6.73
N SER E 21 22.23 -19.65 -6.98
CA SER E 21 21.65 -20.91 -6.54
C SER E 21 21.20 -21.76 -7.69
N CYS E 22 21.32 -23.07 -7.54
CA CYS E 22 20.91 -24.02 -8.56
C CYS E 22 20.20 -25.09 -7.77
N ALA E 23 18.86 -25.07 -7.86
CA ALA E 23 18.03 -26.02 -7.15
C ALA E 23 17.72 -27.22 -8.04
N ALA E 24 18.00 -28.42 -7.55
CA ALA E 24 17.90 -29.64 -8.33
C ALA E 24 16.67 -30.51 -7.99
N SER E 25 16.10 -31.15 -9.01
CA SER E 25 15.08 -32.21 -8.82
C SER E 25 15.13 -33.25 -9.94
N GLY E 26 14.46 -34.39 -9.73
CA GLY E 26 14.39 -35.44 -10.73
C GLY E 26 15.59 -36.38 -10.74
N PHE E 27 16.53 -36.14 -9.83
CA PHE E 27 17.58 -37.11 -9.56
C PHE E 27 17.94 -37.11 -8.07
N THR E 28 18.85 -38.01 -7.66
CA THR E 28 19.31 -37.98 -6.29
C THR E 28 20.53 -37.06 -6.21
N PHE E 29 20.30 -35.83 -5.74
CA PHE E 29 21.26 -34.71 -5.85
C PHE E 29 22.58 -35.04 -5.15
N SER E 30 22.45 -35.50 -3.90
CA SER E 30 23.57 -35.82 -3.01
C SER E 30 24.59 -36.82 -3.58
N THR E 31 24.19 -37.54 -4.62
CA THR E 31 25.09 -38.55 -5.20
C THR E 31 25.95 -38.02 -6.34
N TYR E 32 25.61 -36.86 -6.89
CA TYR E 32 26.34 -36.39 -8.08
C TYR E 32 27.23 -35.19 -7.85
N ALA E 33 28.39 -35.24 -8.51
CA ALA E 33 29.28 -34.11 -8.63
C ALA E 33 28.54 -33.05 -9.44
N MET E 34 28.74 -31.76 -9.13
CA MET E 34 28.19 -30.68 -9.91
C MET E 34 29.22 -29.67 -10.35
N SER E 35 28.85 -28.90 -11.38
CA SER E 35 29.77 -27.93 -11.99
C SER E 35 29.10 -26.59 -12.26
N TRP E 36 29.94 -25.54 -12.33
CA TRP E 36 29.55 -24.23 -12.86
C TRP E 36 30.45 -23.92 -14.04
N VAL E 37 29.84 -23.43 -15.11
CA VAL E 37 30.51 -23.15 -16.35
C VAL E 37 29.87 -21.87 -16.78
N ARG E 38 30.68 -20.92 -17.25
CA ARG E 38 30.14 -19.64 -17.65
C ARG E 38 30.36 -19.36 -19.11
N GLN E 39 29.55 -18.44 -19.64
CA GLN E 39 29.66 -18.08 -21.04
C GLN E 39 29.43 -16.61 -21.23
N ALA E 40 30.49 -15.89 -21.54
CA ALA E 40 30.32 -14.47 -21.91
C ALA E 40 29.44 -14.28 -23.18
N PRO E 41 28.70 -13.18 -23.25
CA PRO E 41 27.85 -12.96 -24.44
C PRO E 41 28.73 -13.02 -25.71
N GLY E 42 28.32 -13.82 -26.70
CA GLY E 42 29.11 -14.00 -27.92
C GLY E 42 30.40 -14.83 -27.80
N LYS E 43 30.71 -15.33 -26.59
CA LYS E 43 31.95 -16.07 -26.38
C LYS E 43 31.76 -17.58 -26.13
N GLY E 44 32.86 -18.29 -25.85
CA GLY E 44 32.80 -19.74 -25.59
C GLY E 44 32.49 -20.10 -24.15
N LEU E 45 32.31 -21.39 -23.92
CA LEU E 45 32.21 -21.97 -22.54
C LEU E 45 33.57 -21.96 -21.78
N GLU E 46 33.53 -21.51 -20.54
CA GLU E 46 34.68 -21.55 -19.65
C GLU E 46 34.28 -22.22 -18.32
N TRP E 47 35.04 -23.26 -17.94
CA TRP E 47 34.77 -23.94 -16.66
C TRP E 47 35.06 -22.98 -15.50
N VAL E 48 34.21 -22.99 -14.50
CA VAL E 48 34.44 -22.09 -13.38
C VAL E 48 34.87 -22.89 -12.16
N SER E 49 34.03 -23.85 -11.76
CA SER E 49 34.35 -24.60 -10.57
C SER E 49 33.53 -25.90 -10.54
N SER E 50 34.09 -26.93 -9.88
CA SER E 50 33.38 -28.16 -9.63
C SER E 50 33.45 -28.59 -8.17
N ILE E 51 32.52 -29.46 -7.81
CA ILE E 51 32.39 -29.94 -6.44
C ILE E 51 31.94 -31.39 -6.39
N ASN E 52 32.58 -32.18 -5.52
CA ASN E 52 32.22 -33.59 -5.43
C ASN E 52 30.85 -33.76 -4.78
N ASN E 53 30.38 -35.00 -4.70
CA ASN E 53 29.05 -35.29 -4.19
C ASN E 53 28.82 -34.80 -2.73
N SER E 54 29.82 -35.01 -1.87
CA SER E 54 29.74 -34.62 -0.46
C SER E 54 29.95 -33.11 -0.23
N GLY E 55 30.51 -32.43 -1.22
CA GLY E 55 30.93 -31.05 -1.03
C GLY E 55 32.29 -30.89 -0.37
N ARG E 56 32.91 -31.99 0.03
CA ARG E 56 34.23 -31.95 0.72
C ARG E 56 35.41 -31.62 -0.18
N ASN E 57 35.25 -31.83 -1.49
CA ASN E 57 36.32 -31.49 -2.43
C ASN E 57 35.81 -30.56 -3.53
N THR E 58 36.46 -29.41 -3.65
CA THR E 58 36.08 -28.39 -4.58
C THR E 58 37.28 -28.02 -5.40
N PHE E 59 37.03 -27.55 -6.62
CA PHE E 59 38.07 -27.27 -7.61
C PHE E 59 37.63 -25.99 -8.29
N SER E 60 38.54 -25.08 -8.61
CA SER E 60 38.08 -23.88 -9.32
C SER E 60 39.14 -23.34 -10.25
N ALA E 61 38.68 -22.63 -11.29
CA ALA E 61 39.56 -22.07 -12.29
C ALA E 61 40.48 -21.02 -11.72
N ASP E 62 41.70 -20.94 -12.24
CA ASP E 62 42.61 -19.84 -11.83
C ASP E 62 42.02 -18.42 -12.00
N SER E 63 41.20 -18.20 -13.02
CA SER E 63 40.54 -16.90 -13.25
C SER E 63 39.57 -16.45 -12.14
N VAL E 64 39.14 -17.36 -11.27
CA VAL E 64 38.20 -17.01 -10.18
C VAL E 64 38.75 -17.31 -8.79
N LYS E 65 40.02 -17.73 -8.71
CA LYS E 65 40.58 -18.18 -7.44
C LYS E 65 40.65 -17.05 -6.45
N GLY E 66 40.18 -17.31 -5.25
CA GLY E 66 40.22 -16.33 -4.18
C GLY E 66 39.05 -15.39 -4.27
N ARG E 67 38.13 -15.65 -5.22
CA ARG E 67 36.98 -14.75 -5.42
C ARG E 67 35.65 -15.50 -5.38
N PHE E 68 35.58 -16.63 -6.10
CA PHE E 68 34.36 -17.42 -6.20
C PHE E 68 34.59 -18.66 -5.38
N THR E 69 33.53 -19.14 -4.76
CA THR E 69 33.60 -20.32 -3.94
C THR E 69 32.38 -21.14 -4.25
N ILE E 70 32.60 -22.36 -4.69
CA ILE E 70 31.52 -23.26 -4.93
C ILE E 70 31.24 -24.01 -3.64
N SER E 71 29.96 -24.28 -3.40
CA SER E 71 29.56 -25.09 -2.29
C SER E 71 28.20 -25.69 -2.59
N ARG E 72 27.77 -26.61 -1.75
CA ARG E 72 26.46 -27.23 -1.94
C ARG E 72 25.86 -27.50 -0.56
N ASP E 73 24.54 -27.54 -0.50
CA ASP E 73 23.89 -27.95 0.71
C ASP E 73 23.01 -29.12 0.30
N ASN E 74 23.50 -30.34 0.50
CA ASN E 74 22.76 -31.55 0.14
C ASN E 74 21.35 -31.69 0.73
N SER E 75 21.14 -31.19 1.95
CA SER E 75 19.86 -31.35 2.62
C SER E 75 18.79 -30.40 2.05
N LYS E 76 19.24 -29.37 1.32
CA LYS E 76 18.33 -28.45 0.61
C LYS E 76 18.38 -28.63 -0.93
N ASN E 77 19.05 -29.69 -1.40
CA ASN E 77 19.15 -30.02 -2.82
C ASN E 77 19.63 -28.82 -3.66
N THR E 78 20.59 -28.07 -3.15
CA THR E 78 21.02 -26.86 -3.85
C THR E 78 22.53 -26.77 -3.96
N LEU E 79 22.94 -26.23 -5.10
CA LEU E 79 24.31 -25.90 -5.40
C LEU E 79 24.41 -24.39 -5.40
N PHE E 80 25.49 -23.87 -4.84
CA PHE E 80 25.70 -22.47 -4.79
C PHE E 80 27.04 -22.14 -5.43
N LEU E 81 27.14 -20.91 -5.89
CA LEU E 81 28.40 -20.31 -6.26
C LEU E 81 28.42 -18.93 -5.58
N VAL E 82 29.37 -18.72 -4.68
CA VAL E 82 29.46 -17.44 -4.02
C VAL E 82 30.50 -16.62 -4.77
N MET E 83 30.10 -15.44 -5.22
CA MET E 83 31.02 -14.63 -6.02
C MET E 83 31.32 -13.31 -5.30
N ASN E 84 32.55 -13.12 -4.88
CA ASN E 84 33.03 -11.88 -4.33
C ASN E 84 33.87 -11.13 -5.39
N SER E 85 34.10 -9.84 -5.12
CA SER E 85 35.06 -8.99 -5.87
C SER E 85 34.77 -9.07 -7.34
N LEU E 86 33.49 -8.95 -7.69
CA LEU E 86 33.05 -9.11 -9.07
C LEU E 86 33.56 -7.97 -9.95
N ARG E 87 33.91 -8.33 -11.18
CA ARG E 87 34.47 -7.40 -12.19
C ARG E 87 33.64 -7.48 -13.45
N ALA E 88 33.72 -6.42 -14.27
CA ALA E 88 33.02 -6.38 -15.57
C ALA E 88 33.29 -7.66 -16.39
N GLU E 89 34.55 -8.10 -16.35
CA GLU E 89 35.05 -9.29 -17.02
C GLU E 89 34.27 -10.59 -16.59
N ASP E 90 33.48 -10.52 -15.51
CA ASP E 90 32.73 -11.69 -15.03
C ASP E 90 31.31 -11.73 -15.53
N THR E 91 30.93 -10.70 -16.27
CA THR E 91 29.61 -10.67 -16.92
C THR E 91 29.52 -11.85 -17.89
N ALA E 92 28.48 -12.67 -17.73
CA ALA E 92 28.43 -13.93 -18.44
C ALA E 92 27.15 -14.60 -18.02
N VAL E 93 26.68 -15.54 -18.82
CA VAL E 93 25.63 -16.47 -18.39
C VAL E 93 26.28 -17.59 -17.56
N TYR E 94 25.73 -17.91 -16.37
CA TYR E 94 26.38 -18.90 -15.48
C TYR E 94 25.53 -20.13 -15.50
N TYR E 95 26.07 -21.22 -16.07
CA TYR E 95 25.35 -22.49 -16.05
C TYR E 95 25.80 -23.32 -14.90
N CYS E 96 24.86 -23.97 -14.24
CA CYS E 96 25.21 -25.09 -13.36
C CYS E 96 24.99 -26.39 -14.16
N ALA E 97 25.75 -27.44 -13.87
CA ALA E 97 25.62 -28.71 -14.59
C ALA E 97 25.72 -29.90 -13.66
N LYS E 98 24.87 -30.91 -13.87
CA LYS E 98 25.06 -32.22 -13.20
C LYS E 98 26.12 -33.02 -13.99
N ASP E 99 27.17 -33.50 -13.31
CA ASP E 99 28.26 -34.21 -13.98
C ASP E 99 28.03 -35.71 -13.87
N LEU E 100 28.41 -36.47 -14.88
CA LEU E 100 28.29 -37.92 -14.79
C LEU E 100 29.28 -38.57 -13.78
N ARG E 101 30.51 -38.07 -13.79
CA ARG E 101 31.54 -38.39 -12.79
C ARG E 101 32.19 -37.09 -12.33
N LEU E 102 32.78 -37.07 -11.15
CA LEU E 102 33.57 -35.92 -10.78
C LEU E 102 34.74 -35.84 -11.74
N GLY E 103 34.96 -34.67 -12.32
CA GLY E 103 36.02 -34.51 -13.33
C GLY E 103 35.55 -34.97 -14.71
N GLY E 104 34.36 -35.60 -14.75
CA GLY E 104 33.75 -36.08 -15.99
C GLY E 104 32.92 -35.05 -16.75
N GLY E 105 32.36 -35.45 -17.88
CA GLY E 105 31.49 -34.57 -18.68
C GLY E 105 30.19 -34.24 -17.97
N SER E 106 29.56 -33.14 -18.36
CA SER E 106 28.34 -32.70 -17.69
C SER E 106 27.15 -33.17 -18.49
N ASP E 107 26.31 -34.02 -17.91
CA ASP E 107 25.22 -34.60 -18.70
C ASP E 107 23.89 -33.86 -18.66
N TYR E 108 23.74 -32.93 -17.74
CA TYR E 108 22.53 -32.11 -17.77
C TYR E 108 22.85 -30.69 -17.38
N TRP E 109 22.45 -29.70 -18.18
CA TRP E 109 22.71 -28.27 -17.90
C TRP E 109 21.43 -27.49 -17.54
N GLY E 110 21.49 -26.63 -16.52
CA GLY E 110 20.40 -25.66 -16.29
C GLY E 110 20.36 -24.70 -17.47
N GLN E 111 19.33 -23.86 -17.50
CA GLN E 111 19.17 -22.89 -18.57
C GLN E 111 20.15 -21.71 -18.46
N GLY E 112 20.79 -21.53 -17.32
CA GLY E 112 21.73 -20.42 -17.15
C GLY E 112 21.11 -19.22 -16.51
N THR E 113 21.91 -18.48 -15.73
CA THR E 113 21.47 -17.19 -15.21
C THR E 113 22.47 -16.10 -15.58
N LEU E 114 21.99 -14.97 -16.05
CA LEU E 114 22.91 -13.91 -16.50
C LEU E 114 23.37 -13.05 -15.35
N VAL E 115 24.68 -12.88 -15.22
CA VAL E 115 25.22 -11.95 -14.24
C VAL E 115 25.79 -10.75 -14.97
N THR E 116 25.25 -9.57 -14.68
CA THR E 116 25.75 -8.32 -15.26
C THR E 116 26.44 -7.47 -14.18
N VAL E 117 27.73 -7.22 -14.37
CA VAL E 117 28.47 -6.45 -13.38
C VAL E 117 28.58 -5.03 -13.95
N SER E 118 27.94 -4.07 -13.27
CA SER E 118 27.83 -2.68 -13.82
C SER E 118 27.45 -1.71 -12.70
N SER E 119 27.80 -0.44 -12.85
CA SER E 119 27.38 0.60 -11.89
C SER E 119 26.04 1.25 -12.25
N ALA E 120 25.43 0.79 -13.34
CA ALA E 120 24.14 1.30 -13.73
C ALA E 120 23.08 0.84 -12.72
N SER E 121 21.88 1.42 -12.85
CA SER E 121 20.74 0.99 -12.08
C SER E 121 19.85 0.00 -12.87
N THR E 122 19.16 -0.85 -12.15
CA THR E 122 18.03 -1.62 -12.68
C THR E 122 16.94 -0.67 -13.25
N LYS E 123 16.29 -1.08 -14.33
CA LYS E 123 15.22 -0.28 -14.92
C LYS E 123 14.18 -1.26 -15.47
N GLY E 124 12.96 -1.16 -14.93
CA GLY E 124 11.89 -2.03 -15.33
C GLY E 124 11.30 -1.52 -16.64
N PRO E 125 10.89 -2.43 -17.53
CA PRO E 125 10.49 -2.00 -18.86
C PRO E 125 9.04 -1.41 -18.85
N SER E 126 8.70 -0.58 -19.82
CA SER E 126 7.31 -0.34 -20.17
C SER E 126 6.85 -1.44 -21.11
N VAL E 127 5.61 -1.91 -20.94
CA VAL E 127 5.07 -2.91 -21.83
C VAL E 127 3.86 -2.36 -22.61
N PHE E 128 3.93 -2.46 -23.93
CA PHE E 128 2.90 -1.96 -24.81
C PHE E 128 2.39 -3.03 -25.73
N PRO E 129 1.07 -3.07 -25.93
CA PRO E 129 0.50 -4.01 -26.86
C PRO E 129 0.80 -3.59 -28.30
N LEU E 130 1.11 -4.57 -29.14
CA LEU E 130 1.26 -4.36 -30.56
C LEU E 130 0.11 -5.08 -31.26
N ALA E 131 -0.96 -4.34 -31.49
CA ALA E 131 -2.23 -4.86 -32.03
C ALA E 131 -2.10 -5.39 -33.46
N PRO E 132 -2.84 -6.47 -33.80
CA PRO E 132 -2.89 -6.93 -35.20
C PRO E 132 -3.38 -5.85 -36.20
N GLY E 140 -3.89 -15.33 -44.21
CA GLY E 140 -4.72 -15.99 -43.20
C GLY E 140 -4.10 -15.84 -41.82
N THR E 141 -2.96 -15.16 -41.80
CA THR E 141 -2.22 -14.96 -40.56
C THR E 141 -2.28 -13.50 -40.08
N ALA E 142 -2.62 -13.35 -38.81
CA ALA E 142 -2.39 -12.07 -38.13
C ALA E 142 -1.14 -12.15 -37.25
N ALA E 143 -0.38 -11.07 -37.19
CA ALA E 143 0.67 -10.94 -36.19
C ALA E 143 0.22 -9.94 -35.14
N LEU E 144 0.23 -10.35 -33.88
CA LEU E 144 -0.04 -9.42 -32.77
C LEU E 144 1.12 -9.53 -31.78
N GLY E 145 1.37 -8.49 -30.97
CA GLY E 145 2.61 -8.51 -30.21
C GLY E 145 2.65 -7.74 -28.91
N CYS E 146 3.83 -7.72 -28.30
CA CYS E 146 4.12 -6.92 -27.11
C CYS E 146 5.49 -6.31 -27.28
N LEU E 147 5.54 -5.00 -27.10
CA LEU E 147 6.80 -4.28 -27.07
C LEU E 147 7.22 -4.13 -25.62
N VAL E 148 8.41 -4.61 -25.31
CA VAL E 148 8.98 -4.56 -23.98
C VAL E 148 10.12 -3.56 -24.05
N LYS E 149 9.85 -2.36 -23.59
CA LYS E 149 10.66 -1.22 -23.93
C LYS E 149 11.46 -0.66 -22.75
N ASP E 150 12.74 -0.37 -23.02
CA ASP E 150 13.64 0.38 -22.14
C ASP E 150 13.89 -0.30 -20.81
N TYR E 151 14.61 -1.41 -20.83
CA TYR E 151 14.87 -2.11 -19.58
C TYR E 151 16.37 -2.39 -19.42
N PHE E 152 16.81 -2.65 -18.18
CA PHE E 152 18.20 -2.97 -17.86
C PHE E 152 18.27 -3.64 -16.48
N PRO E 153 19.10 -4.71 -16.33
CA PRO E 153 19.89 -5.33 -17.39
C PRO E 153 19.03 -6.33 -18.17
N GLU E 154 19.62 -7.06 -19.11
CA GLU E 154 18.99 -8.27 -19.62
C GLU E 154 18.97 -9.32 -18.49
N PRO E 155 18.11 -10.34 -18.59
CA PRO E 155 17.20 -10.68 -19.65
C PRO E 155 15.73 -10.33 -19.33
N VAL E 156 14.85 -10.52 -20.29
CA VAL E 156 13.40 -10.53 -20.08
C VAL E 156 12.93 -11.84 -20.71
N THR E 157 11.96 -12.51 -20.08
CA THR E 157 11.30 -13.63 -20.72
C THR E 157 9.88 -13.16 -21.00
N VAL E 158 9.26 -13.76 -22.01
CA VAL E 158 7.90 -13.39 -22.37
C VAL E 158 7.07 -14.65 -22.60
N SER E 159 5.90 -14.72 -21.99
CA SER E 159 5.03 -15.85 -22.25
C SER E 159 3.76 -15.35 -22.83
N TRP E 160 3.03 -16.25 -23.46
CA TRP E 160 1.69 -15.93 -23.88
C TRP E 160 0.65 -16.83 -23.19
N ASN E 161 -0.39 -16.19 -22.66
CA ASN E 161 -1.44 -16.87 -21.91
C ASN E 161 -0.88 -17.87 -20.89
N SER E 162 0.11 -17.41 -20.16
CA SER E 162 0.71 -18.13 -19.03
C SER E 162 1.51 -19.35 -19.48
N GLY E 163 2.04 -19.32 -20.70
CA GLY E 163 2.69 -20.48 -21.29
C GLY E 163 1.73 -21.46 -21.96
N ALA E 164 0.42 -21.20 -21.90
CA ALA E 164 -0.57 -22.03 -22.62
C ALA E 164 -0.46 -21.88 -24.13
N LEU E 165 0.31 -20.88 -24.57
CA LEU E 165 0.54 -20.57 -25.98
C LEU E 165 2.04 -20.61 -26.30
N THR E 166 2.42 -21.55 -27.17
CA THR E 166 3.80 -21.74 -27.60
C THR E 166 3.80 -21.69 -29.12
N SER E 167 2.63 -21.91 -29.68
CA SER E 167 2.52 -22.09 -31.11
C SER E 167 2.35 -20.77 -31.91
N GLY E 168 3.30 -20.53 -32.80
CA GLY E 168 3.36 -19.27 -33.58
C GLY E 168 3.87 -18.07 -32.78
N VAL E 169 4.47 -18.35 -31.63
CA VAL E 169 5.05 -17.36 -30.73
C VAL E 169 6.52 -17.21 -31.08
N HIS E 170 6.98 -15.98 -31.27
CA HIS E 170 8.41 -15.73 -31.57
C HIS E 170 8.88 -14.47 -30.81
N THR E 171 9.78 -14.67 -29.86
CA THR E 171 10.30 -13.59 -29.04
C THR E 171 11.68 -13.21 -29.55
N PHE E 172 11.86 -11.95 -29.95
CA PHE E 172 13.05 -11.56 -30.71
C PHE E 172 14.13 -11.18 -29.74
N PRO E 173 15.38 -11.51 -30.08
CA PRO E 173 16.47 -10.90 -29.31
C PRO E 173 16.34 -9.34 -29.19
N ALA E 174 16.90 -8.84 -28.10
CA ALA E 174 16.79 -7.43 -27.75
C ALA E 174 17.70 -6.57 -28.57
N VAL E 175 17.31 -5.31 -28.69
CA VAL E 175 18.16 -4.28 -29.28
C VAL E 175 18.73 -3.50 -28.11
N LEU E 176 19.95 -2.99 -28.26
CA LEU E 176 20.54 -2.04 -27.32
C LEU E 176 20.36 -0.61 -27.86
N GLN E 177 19.65 0.25 -27.11
CA GLN E 177 19.49 1.66 -27.50
C GLN E 177 20.75 2.45 -27.20
N SER E 178 20.81 3.71 -27.71
CA SER E 178 21.94 4.62 -27.43
C SER E 178 22.07 4.88 -25.92
N SER E 179 20.91 5.00 -25.25
CA SER E 179 20.85 5.22 -23.81
C SER E 179 21.47 4.08 -23.00
N GLY E 180 21.87 2.99 -23.64
CA GLY E 180 22.34 1.82 -22.87
C GLY E 180 21.22 0.94 -22.31
N LEU E 181 19.97 1.27 -22.60
CA LEU E 181 18.82 0.41 -22.25
C LEU E 181 18.42 -0.56 -23.39
N TYR E 182 17.71 -1.63 -23.08
CA TYR E 182 17.30 -2.61 -24.05
C TYR E 182 15.79 -2.57 -24.30
N SER E 183 15.42 -3.00 -25.51
CA SER E 183 14.04 -3.27 -25.86
C SER E 183 14.00 -4.54 -26.67
N LEU E 184 12.90 -5.29 -26.55
CA LEU E 184 12.68 -6.49 -27.38
C LEU E 184 11.18 -6.59 -27.65
N SER E 185 10.77 -7.38 -28.65
CA SER E 185 9.34 -7.58 -28.89
C SER E 185 9.13 -9.06 -28.93
N SER E 186 7.90 -9.49 -28.64
CA SER E 186 7.47 -10.87 -28.78
C SER E 186 6.24 -10.87 -29.66
N VAL E 187 6.23 -11.76 -30.65
CA VAL E 187 5.17 -11.78 -31.66
C VAL E 187 4.39 -13.10 -31.63
N VAL E 188 3.09 -13.02 -31.88
CA VAL E 188 2.29 -14.23 -32.05
C VAL E 188 1.65 -14.19 -33.40
N THR E 189 1.99 -15.19 -34.21
CA THR E 189 1.37 -15.35 -35.51
C THR E 189 0.24 -16.36 -35.32
N VAL E 190 -0.96 -15.95 -35.70
CA VAL E 190 -2.18 -16.74 -35.52
C VAL E 190 -3.08 -16.61 -36.76
N PRO E 191 -3.94 -17.63 -37.03
CA PRO E 191 -4.99 -17.50 -38.06
C PRO E 191 -5.83 -16.23 -37.87
N SER E 192 -6.03 -15.43 -38.93
CA SER E 192 -6.95 -14.27 -38.89
C SER E 192 -8.28 -14.72 -38.30
N SER E 193 -8.82 -15.81 -38.87
CA SER E 193 -10.09 -16.39 -38.44
C SER E 193 -10.20 -16.59 -36.91
N SER E 194 -9.10 -16.36 -36.18
CA SER E 194 -9.10 -16.39 -34.72
C SER E 194 -8.92 -15.00 -34.09
N LEU E 195 -8.56 -14.01 -34.93
CA LEU E 195 -8.24 -12.63 -34.48
C LEU E 195 -9.04 -12.08 -33.29
N GLY E 196 -10.26 -11.62 -33.57
CA GLY E 196 -11.18 -11.12 -32.57
C GLY E 196 -11.98 -12.23 -31.89
N THR E 197 -11.53 -13.46 -31.99
CA THR E 197 -12.27 -14.57 -31.38
C THR E 197 -11.65 -15.10 -30.08
N GLN E 198 -10.35 -14.87 -29.88
CA GLN E 198 -9.60 -15.41 -28.73
C GLN E 198 -8.79 -14.33 -28.02
N THR E 199 -8.50 -14.57 -26.74
CA THR E 199 -7.75 -13.64 -25.93
C THR E 199 -6.26 -13.93 -25.99
N TYR E 200 -5.48 -12.89 -26.25
CA TYR E 200 -4.02 -12.96 -26.19
C TYR E 200 -3.48 -12.02 -25.12
N ILE E 201 -2.77 -12.59 -24.17
CA ILE E 201 -2.16 -11.86 -23.09
C ILE E 201 -0.67 -12.18 -23.09
N CYS E 202 0.17 -11.16 -23.20
CA CYS E 202 1.59 -11.41 -23.02
C CYS E 202 1.95 -11.23 -21.55
N ASN E 203 2.76 -12.14 -21.04
CA ASN E 203 3.23 -12.16 -19.67
C ASN E 203 4.71 -11.83 -19.62
N VAL E 204 5.03 -10.64 -19.16
CA VAL E 204 6.38 -10.16 -19.26
C VAL E 204 7.02 -10.23 -17.90
N ASN E 205 8.19 -10.86 -17.83
CA ASN E 205 8.93 -10.90 -16.58
C ASN E 205 10.32 -10.35 -16.71
N HIS E 206 10.59 -9.30 -15.92
CA HIS E 206 11.96 -8.77 -15.80
C HIS E 206 12.40 -8.95 -14.35
N LYS E 207 13.04 -10.09 -14.09
CA LYS E 207 13.42 -10.53 -12.74
C LYS E 207 14.28 -9.51 -11.99
N PRO E 208 15.34 -8.96 -12.63
CA PRO E 208 16.12 -7.91 -11.93
C PRO E 208 15.31 -6.75 -11.31
N SER E 209 14.35 -6.23 -12.04
CA SER E 209 13.55 -5.11 -11.55
C SER E 209 12.29 -5.55 -10.82
N ASN E 210 12.18 -6.86 -10.58
CA ASN E 210 10.97 -7.45 -10.04
C ASN E 210 9.71 -6.98 -10.71
N THR E 211 9.77 -6.85 -12.03
CA THR E 211 8.67 -6.37 -12.82
C THR E 211 7.99 -7.56 -13.46
N LYS E 212 6.70 -7.65 -13.26
CA LYS E 212 5.90 -8.72 -13.84
C LYS E 212 4.62 -8.10 -14.38
N VAL E 213 4.46 -8.11 -15.71
CA VAL E 213 3.34 -7.43 -16.36
C VAL E 213 2.54 -8.38 -17.25
N ASP E 214 1.21 -8.24 -17.18
CA ASP E 214 0.30 -8.87 -18.13
C ASP E 214 -0.38 -7.78 -18.99
N LYS E 215 -0.28 -7.92 -20.31
CA LYS E 215 -0.96 -7.03 -21.25
C LYS E 215 -1.84 -7.84 -22.17
N ARG E 216 -3.14 -7.56 -22.12
CA ARG E 216 -4.11 -8.04 -23.10
C ARG E 216 -3.77 -7.33 -24.40
N VAL E 217 -3.75 -8.07 -25.51
CA VAL E 217 -3.43 -7.47 -26.78
C VAL E 217 -4.64 -7.55 -27.68
N GLU E 218 -5.31 -6.42 -27.83
CA GLU E 218 -6.62 -6.37 -28.49
C GLU E 218 -6.52 -6.00 -29.97
N PRO E 219 -7.33 -6.67 -30.81
CA PRO E 219 -7.54 -6.34 -32.23
C PRO E 219 -8.15 -4.96 -32.43
N ALA F 3 42.50 -23.47 -23.99
CA ALA F 3 43.65 -24.41 -23.76
C ALA F 3 43.55 -25.65 -24.63
N LEU F 4 42.35 -25.96 -25.11
CA LEU F 4 42.15 -26.97 -26.14
C LEU F 4 41.88 -26.21 -27.41
N THR F 5 42.51 -26.59 -28.51
CA THR F 5 42.29 -25.92 -29.79
C THR F 5 41.33 -26.69 -30.69
N GLN F 6 40.27 -26.00 -31.10
CA GLN F 6 39.34 -26.45 -32.11
C GLN F 6 39.49 -25.49 -33.29
N PRO F 7 39.16 -25.95 -34.51
CA PRO F 7 39.02 -24.99 -35.61
C PRO F 7 37.78 -24.11 -35.40
N ALA F 8 37.82 -22.88 -35.93
CA ALA F 8 36.73 -21.93 -35.72
C ALA F 8 35.44 -22.46 -36.30
N SER F 9 35.54 -23.01 -37.50
CA SER F 9 34.37 -23.49 -38.19
C SER F 9 34.72 -24.64 -39.12
N VAL F 10 33.57 -25.56 -39.35
CA VAL F 10 33.71 -26.61 -40.32
C VAL F 10 32.40 -26.58 -41.00
N SER F 11 32.40 -27.05 -42.24
CA SER F 11 31.13 -27.16 -42.96
C SER F 11 31.11 -28.41 -43.85
N GLY F 12 29.94 -28.82 -44.27
CA GLY F 12 29.80 -29.99 -45.10
C GLY F 12 28.38 -30.02 -45.58
N SER F 13 28.13 -30.77 -46.66
CA SER F 13 26.83 -30.91 -47.24
C SER F 13 26.04 -32.00 -46.56
N PRO F 14 24.69 -31.95 -46.65
CA PRO F 14 23.87 -32.99 -46.02
C PRO F 14 24.29 -34.37 -46.48
N GLY F 15 24.31 -35.32 -45.55
CA GLY F 15 24.68 -36.70 -45.84
C GLY F 15 26.17 -36.95 -45.75
N GLN F 16 26.97 -35.88 -45.80
CA GLN F 16 28.41 -36.04 -45.77
C GLN F 16 28.91 -36.40 -44.34
N SER F 17 30.22 -36.50 -44.19
CA SER F 17 30.80 -36.66 -42.88
C SER F 17 31.79 -35.56 -42.67
N ILE F 18 31.76 -35.00 -41.46
CA ILE F 18 32.74 -34.03 -41.04
C ILE F 18 33.37 -34.48 -39.70
N THR F 19 34.57 -33.95 -39.47
CA THR F 19 35.33 -34.24 -38.27
C THR F 19 35.71 -32.92 -37.65
N ILE F 20 35.44 -32.79 -36.35
CA ILE F 20 35.90 -31.64 -35.57
C ILE F 20 37.04 -32.09 -34.63
N SER F 21 38.20 -31.45 -34.79
CA SER F 21 39.35 -31.77 -33.96
C SER F 21 39.45 -30.90 -32.71
N CYS F 22 40.08 -31.49 -31.70
CA CYS F 22 40.24 -30.88 -30.39
C CYS F 22 41.66 -31.25 -29.91
N THR F 23 42.57 -30.29 -29.97
CA THR F 23 43.96 -30.57 -29.58
C THR F 23 44.36 -29.99 -28.23
N GLY F 24 44.72 -30.85 -27.27
CA GLY F 24 45.30 -30.41 -26.00
C GLY F 24 46.77 -30.83 -25.87
N THR F 25 47.15 -31.35 -24.71
CA THR F 25 48.53 -31.76 -24.46
C THR F 25 48.50 -33.05 -23.70
N SER F 26 49.66 -33.64 -23.43
CA SER F 26 49.71 -34.88 -22.65
C SER F 26 49.02 -34.75 -21.28
N SER F 27 48.98 -33.54 -20.73
CA SER F 27 48.39 -33.37 -19.40
C SER F 27 46.86 -33.31 -19.38
N ASP F 28 46.20 -33.36 -20.55
CA ASP F 28 44.73 -33.48 -20.55
C ASP F 28 44.26 -34.50 -21.57
N VAL F 29 44.17 -34.09 -22.84
CA VAL F 29 43.74 -35.03 -23.87
C VAL F 29 44.63 -36.27 -23.95
N GLY F 30 45.94 -36.09 -23.87
CA GLY F 30 46.89 -37.18 -24.06
C GLY F 30 46.89 -38.28 -23.00
N SER F 31 46.63 -37.94 -21.74
CA SER F 31 46.73 -38.91 -20.65
C SER F 31 45.42 -39.62 -20.26
N TYR F 32 44.31 -38.91 -20.36
CA TYR F 32 43.04 -39.38 -19.82
C TYR F 32 42.04 -39.74 -20.91
N ASN F 33 41.07 -40.57 -20.59
CA ASN F 33 39.97 -40.80 -21.51
C ASN F 33 38.74 -40.05 -21.01
N PHE F 34 38.89 -38.74 -20.89
CA PHE F 34 37.83 -37.96 -20.29
C PHE F 34 37.20 -36.90 -21.22
N VAL F 35 37.57 -36.91 -22.49
CA VAL F 35 37.02 -35.94 -23.45
C VAL F 35 35.51 -36.01 -23.62
N SER F 36 34.88 -34.85 -23.52
CA SER F 36 33.46 -34.74 -23.78
C SER F 36 33.24 -33.75 -24.89
N TRP F 37 32.10 -33.90 -25.56
CA TRP F 37 31.72 -33.02 -26.66
C TRP F 37 30.33 -32.50 -26.40
N TYR F 38 30.12 -31.19 -26.59
CA TYR F 38 28.80 -30.59 -26.37
C TYR F 38 28.34 -29.87 -27.63
N GLN F 39 27.03 -29.95 -27.86
CA GLN F 39 26.36 -29.27 -28.96
C GLN F 39 25.66 -28.10 -28.31
N GLN F 40 25.85 -26.91 -28.86
CA GLN F 40 25.09 -25.78 -28.38
C GLN F 40 24.47 -24.99 -29.54
N HIS F 41 23.16 -25.05 -29.61
CA HIS F 41 22.37 -24.28 -30.58
C HIS F 41 22.15 -22.90 -29.98
N PRO F 42 22.00 -21.89 -30.85
CA PRO F 42 21.93 -20.52 -30.39
C PRO F 42 20.79 -20.35 -29.42
N GLY F 43 21.07 -19.68 -28.31
CA GLY F 43 20.05 -19.39 -27.31
C GLY F 43 19.65 -20.53 -26.42
N LYS F 44 20.43 -21.61 -26.43
CA LYS F 44 20.11 -22.81 -25.65
C LYS F 44 21.30 -23.24 -24.82
N ALA F 45 21.04 -24.08 -23.81
CA ALA F 45 22.12 -24.68 -23.03
C ALA F 45 22.82 -25.79 -23.84
N PRO F 46 24.12 -26.06 -23.53
CA PRO F 46 24.84 -27.18 -24.13
C PRO F 46 24.15 -28.50 -23.88
N LYS F 47 24.32 -29.42 -24.82
CA LYS F 47 23.86 -30.78 -24.71
C LYS F 47 25.09 -31.70 -24.83
N LEU F 48 25.20 -32.65 -23.92
CA LEU F 48 26.28 -33.64 -24.00
C LEU F 48 25.97 -34.60 -25.15
N MET F 49 26.92 -34.72 -26.08
CA MET F 49 26.84 -35.64 -27.22
C MET F 49 27.69 -36.90 -27.03
N ILE F 50 28.88 -36.72 -26.48
CA ILE F 50 29.89 -37.77 -26.30
C ILE F 50 30.61 -37.51 -24.96
N TYR F 51 30.89 -38.57 -24.19
CA TYR F 51 31.74 -38.43 -23.01
C TYR F 51 32.79 -39.54 -22.95
N GLU F 52 33.79 -39.36 -22.09
CA GLU F 52 34.87 -40.33 -22.00
C GLU F 52 35.31 -40.72 -23.39
N VAL F 53 35.44 -39.69 -24.22
CA VAL F 53 36.00 -39.72 -25.59
C VAL F 53 35.19 -40.40 -26.70
N SER F 54 34.55 -41.55 -26.41
CA SER F 54 33.82 -42.33 -27.43
C SER F 54 32.42 -42.74 -26.96
N GLU F 55 32.09 -42.46 -25.70
CA GLU F 55 30.82 -42.93 -25.18
C GLU F 55 29.65 -42.01 -25.52
N ARG F 56 28.51 -42.63 -25.85
CA ARG F 56 27.33 -41.95 -26.34
C ARG F 56 26.23 -42.01 -25.30
N PRO F 57 25.81 -40.84 -24.76
CA PRO F 57 24.66 -40.83 -23.85
C PRO F 57 23.45 -41.48 -24.51
N SER F 58 22.56 -42.05 -23.70
CA SER F 58 21.38 -42.71 -24.25
C SER F 58 20.51 -41.61 -24.85
N GLY F 59 20.03 -41.85 -26.04
CA GLY F 59 19.28 -40.85 -26.77
C GLY F 59 20.14 -40.02 -27.70
N ILE F 60 21.45 -40.26 -27.77
CA ILE F 60 22.21 -39.57 -28.80
C ILE F 60 22.30 -40.51 -30.02
N SER F 61 22.02 -40.02 -31.23
CA SER F 61 22.00 -40.95 -32.37
C SER F 61 23.41 -41.42 -32.70
N ASN F 62 23.52 -42.62 -33.27
CA ASN F 62 24.85 -43.13 -33.59
C ASN F 62 25.54 -42.44 -34.76
N ARG F 63 24.95 -41.36 -35.25
CA ARG F 63 25.61 -40.53 -36.23
C ARG F 63 26.79 -39.79 -35.59
N PHE F 64 26.76 -39.69 -34.27
CA PHE F 64 27.79 -39.01 -33.50
C PHE F 64 28.81 -40.01 -32.92
N SER F 65 30.08 -39.83 -33.23
CA SER F 65 31.09 -40.72 -32.68
C SER F 65 32.33 -39.94 -32.31
N GLY F 66 33.11 -40.48 -31.40
CA GLY F 66 34.29 -39.78 -30.98
C GLY F 66 35.46 -40.71 -30.87
N SER F 67 36.66 -40.17 -31.02
CA SER F 67 37.88 -40.94 -30.80
C SER F 67 38.97 -39.96 -30.40
N LYS F 68 40.16 -40.48 -30.10
CA LYS F 68 41.34 -39.62 -30.00
C LYS F 68 42.60 -40.34 -30.41
N SER F 69 43.59 -39.59 -30.85
CA SER F 69 44.89 -40.16 -31.16
C SER F 69 45.92 -39.17 -30.66
N GLY F 70 46.88 -39.62 -29.83
CA GLY F 70 47.87 -38.73 -29.20
C GLY F 70 47.17 -37.60 -28.45
N ASN F 71 47.52 -36.36 -28.75
CA ASN F 71 46.98 -35.20 -28.06
C ASN F 71 45.72 -34.58 -28.69
N THR F 72 45.20 -35.24 -29.74
CA THR F 72 44.06 -34.76 -30.49
C THR F 72 42.85 -35.69 -30.40
N ALA F 73 41.73 -35.15 -29.94
CA ALA F 73 40.47 -35.89 -29.93
C ALA F 73 39.62 -35.43 -31.10
N SER F 74 38.70 -36.29 -31.56
CA SER F 74 37.86 -35.97 -32.70
C SER F 74 36.38 -36.23 -32.48
N LEU F 75 35.57 -35.29 -32.94
CA LEU F 75 34.16 -35.55 -33.06
C LEU F 75 33.81 -35.80 -34.53
N THR F 76 33.17 -36.94 -34.81
CA THR F 76 32.66 -37.23 -36.14
C THR F 76 31.15 -37.25 -36.17
N ILE F 77 30.59 -36.48 -37.08
CA ILE F 77 29.16 -36.55 -37.37
C ILE F 77 29.01 -37.19 -38.75
N SER F 78 28.34 -38.33 -38.79
CA SER F 78 28.09 -39.06 -40.03
C SER F 78 26.72 -38.65 -40.49
N GLY F 79 26.47 -38.66 -41.79
CA GLY F 79 25.11 -38.43 -42.28
C GLY F 79 24.57 -37.07 -41.85
N LEU F 80 25.35 -36.04 -42.13
CA LEU F 80 25.01 -34.69 -41.73
C LEU F 80 23.55 -34.32 -42.03
N GLN F 81 22.90 -33.68 -41.06
CA GLN F 81 21.54 -33.22 -41.19
C GLN F 81 21.45 -31.75 -40.81
N ALA F 82 20.48 -31.03 -41.37
CA ALA F 82 20.31 -29.60 -41.12
C ALA F 82 20.31 -29.29 -39.62
N GLU F 83 19.73 -30.20 -38.81
CA GLU F 83 19.56 -29.99 -37.37
C GLU F 83 20.91 -30.03 -36.59
N ASP F 84 21.97 -30.57 -37.22
CA ASP F 84 23.32 -30.65 -36.61
C ASP F 84 24.03 -29.30 -36.56
N GLU F 85 23.56 -28.34 -37.34
CA GLU F 85 24.14 -27.00 -37.36
C GLU F 85 24.02 -26.44 -35.92
N ALA F 86 25.15 -26.04 -35.33
CA ALA F 86 25.25 -25.64 -33.91
C ALA F 86 26.71 -25.29 -33.67
N ASP F 87 27.09 -24.83 -32.49
CA ASP F 87 28.50 -24.76 -32.09
C ASP F 87 28.78 -26.05 -31.32
N TYR F 88 29.96 -26.61 -31.50
CA TYR F 88 30.39 -27.85 -30.82
C TYR F 88 31.61 -27.53 -29.97
N TYR F 89 31.59 -27.98 -28.72
CA TYR F 89 32.70 -27.68 -27.81
C TYR F 89 33.31 -28.95 -27.32
N CYS F 90 34.65 -29.01 -27.27
CA CYS F 90 35.23 -30.10 -26.52
C CYS F 90 35.63 -29.67 -25.14
N SER F 91 35.87 -30.66 -24.29
CA SER F 91 36.54 -30.43 -23.02
C SER F 91 37.22 -31.71 -22.52
N SER F 92 38.08 -31.57 -21.52
CA SER F 92 38.82 -32.71 -21.03
C SER F 92 39.11 -32.50 -19.59
N TYR F 93 39.06 -33.57 -18.81
CA TYR F 93 39.72 -33.56 -17.50
C TYR F 93 41.19 -33.24 -17.70
N ALA F 94 41.78 -32.49 -16.77
CA ALA F 94 43.12 -31.94 -16.91
C ALA F 94 44.01 -32.11 -15.65
N GLY F 95 43.83 -33.22 -14.94
CA GLY F 95 44.52 -33.47 -13.65
C GLY F 95 43.88 -32.78 -12.44
N SER F 96 44.38 -33.10 -11.25
CA SER F 96 43.81 -32.61 -9.98
C SER F 96 43.91 -31.10 -9.73
N THR F 97 44.90 -30.42 -10.35
CA THR F 97 45.10 -28.95 -10.21
C THR F 97 44.28 -28.10 -11.18
N THR F 98 44.56 -28.18 -12.49
CA THR F 98 43.77 -27.47 -13.51
C THR F 98 42.33 -27.99 -13.61
N PHE F 99 42.20 -29.30 -13.50
CA PHE F 99 40.91 -29.97 -13.41
C PHE F 99 40.07 -30.08 -14.72
N ARG F 100 39.68 -28.95 -15.30
CA ARG F 100 38.88 -28.94 -16.53
C ARG F 100 39.33 -27.83 -17.46
N VAL F 101 39.45 -28.16 -18.74
CA VAL F 101 39.69 -27.17 -19.79
C VAL F 101 38.70 -27.42 -20.90
N PHE F 102 38.33 -26.37 -21.63
CA PHE F 102 37.46 -26.45 -22.80
C PHE F 102 38.23 -25.98 -24.03
N GLY F 103 37.80 -26.45 -25.20
CA GLY F 103 38.17 -25.79 -26.44
C GLY F 103 37.36 -24.53 -26.73
N GLY F 104 37.83 -23.73 -27.70
CA GLY F 104 37.15 -22.48 -28.10
C GLY F 104 35.83 -22.59 -28.87
N GLY F 105 35.47 -23.80 -29.27
CA GLY F 105 34.18 -24.03 -29.92
C GLY F 105 34.40 -24.09 -31.41
N THR F 106 33.60 -24.90 -32.08
CA THR F 106 33.60 -24.98 -33.53
C THR F 106 32.19 -24.75 -34.04
N LYS F 107 32.05 -23.75 -34.89
CA LYS F 107 30.76 -23.52 -35.55
C LYS F 107 30.58 -24.44 -36.80
N LEU F 108 29.51 -25.22 -36.80
CA LEU F 108 29.24 -26.19 -37.84
C LEU F 108 28.16 -25.71 -38.81
N THR F 109 28.53 -25.61 -40.08
CA THR F 109 27.56 -25.21 -41.10
C THR F 109 27.16 -26.40 -41.98
N VAL F 110 25.87 -26.66 -42.11
CA VAL F 110 25.39 -27.63 -43.08
C VAL F 110 25.03 -26.87 -44.38
N ARG F 111 25.74 -27.14 -45.47
CA ARG F 111 25.76 -26.29 -46.68
C ARG F 111 24.54 -26.39 -47.56
N GLY F 112 23.66 -27.33 -47.24
CA GLY F 112 22.43 -27.46 -48.05
C GLY F 112 21.51 -26.24 -48.31
N GLN F 113 21.47 -25.27 -47.40
CA GLN F 113 20.20 -24.65 -47.03
C GLN F 113 19.52 -23.70 -48.05
N PRO F 114 18.21 -23.91 -48.29
CA PRO F 114 17.43 -23.03 -49.18
C PRO F 114 17.48 -21.60 -48.72
N LYS F 115 17.71 -20.69 -49.65
CA LYS F 115 17.65 -19.27 -49.37
C LYS F 115 16.22 -18.86 -49.07
N ALA F 116 16.04 -17.87 -48.21
CA ALA F 116 14.70 -17.51 -47.76
C ALA F 116 14.63 -16.02 -47.61
N ALA F 117 13.59 -15.43 -48.21
CA ALA F 117 13.33 -14.00 -48.13
C ALA F 117 12.78 -13.67 -46.72
N PRO F 118 13.09 -12.49 -46.20
CA PRO F 118 12.54 -12.29 -44.85
C PRO F 118 11.04 -12.08 -44.85
N SER F 119 10.42 -12.51 -43.77
CA SER F 119 9.05 -12.16 -43.47
C SER F 119 9.12 -10.86 -42.57
N VAL F 120 8.43 -9.80 -43.01
CA VAL F 120 8.53 -8.51 -42.34
C VAL F 120 7.19 -8.06 -41.75
N THR F 121 7.16 -7.72 -40.45
CA THR F 121 5.96 -7.12 -39.84
C THR F 121 6.31 -5.80 -39.21
N LEU F 122 5.57 -4.77 -39.61
CA LEU F 122 5.75 -3.43 -39.09
C LEU F 122 4.60 -3.05 -38.21
N PHE F 123 4.89 -2.67 -36.96
CA PHE F 123 3.83 -2.18 -36.08
C PHE F 123 3.97 -0.69 -35.90
N PRO F 124 2.85 0.06 -35.95
CA PRO F 124 2.76 1.47 -35.63
C PRO F 124 2.87 1.67 -34.10
N PRO F 125 3.07 2.91 -33.65
CA PRO F 125 3.09 3.04 -32.20
C PRO F 125 1.73 2.76 -31.57
N SER F 126 1.72 2.10 -30.42
CA SER F 126 0.49 1.88 -29.65
C SER F 126 -0.16 3.17 -29.13
N SER F 127 -1.49 3.17 -28.99
CA SER F 127 -2.16 4.30 -28.36
C SER F 127 -1.64 4.54 -26.96
N GLU F 128 -1.33 3.47 -26.21
CA GLU F 128 -0.79 3.59 -24.86
C GLU F 128 0.57 4.29 -24.92
N GLU F 129 1.39 3.94 -25.90
CA GLU F 129 2.69 4.58 -25.91
C GLU F 129 2.53 6.06 -26.22
N LEU F 130 1.66 6.39 -27.19
CA LEU F 130 1.45 7.79 -27.57
C LEU F 130 0.91 8.60 -26.39
N GLN F 131 0.08 7.95 -25.56
CA GLN F 131 -0.36 8.52 -24.29
C GLN F 131 0.80 8.90 -23.34
N ALA F 132 1.91 8.15 -23.40
CA ALA F 132 3.10 8.40 -22.58
C ALA F 132 4.03 9.35 -23.34
N ASN F 133 3.47 10.01 -24.35
CA ASN F 133 4.20 10.98 -25.15
C ASN F 133 5.50 10.47 -25.81
N LYS F 134 5.51 9.18 -26.17
CA LYS F 134 6.59 8.57 -26.91
C LYS F 134 6.04 7.83 -28.13
N ALA F 135 6.92 7.46 -29.05
CA ALA F 135 6.49 6.70 -30.21
C ALA F 135 7.59 5.80 -30.69
N THR F 136 7.28 4.52 -30.93
CA THR F 136 8.25 3.58 -31.43
C THR F 136 7.63 2.77 -32.59
N LEU F 137 8.29 2.81 -33.74
CA LEU F 137 7.91 1.90 -34.82
C LEU F 137 8.69 0.61 -34.68
N VAL F 138 8.00 -0.50 -34.82
CA VAL F 138 8.63 -1.80 -34.59
C VAL F 138 8.63 -2.69 -35.83
N CYS F 139 9.84 -2.97 -36.34
CA CYS F 139 9.95 -3.70 -37.60
C CYS F 139 10.56 -5.03 -37.26
N LEU F 140 9.78 -6.09 -37.40
CA LEU F 140 10.28 -7.43 -37.08
C LEU F 140 10.56 -8.28 -38.33
N ILE F 141 11.73 -8.87 -38.39
CA ILE F 141 12.20 -9.48 -39.63
C ILE F 141 12.60 -10.94 -39.38
N SER F 142 11.93 -11.93 -39.97
CA SER F 142 12.25 -13.30 -39.56
C SER F 142 12.26 -14.26 -40.73
N ASP F 143 12.70 -15.48 -40.46
CA ASP F 143 12.64 -16.55 -41.41
C ASP F 143 13.44 -16.28 -42.69
N PHE F 144 14.58 -15.59 -42.56
CA PHE F 144 15.44 -15.36 -43.73
C PHE F 144 16.72 -16.19 -43.68
N TYR F 145 17.25 -16.50 -44.86
CA TYR F 145 18.52 -17.17 -44.98
C TYR F 145 19.14 -16.76 -46.32
N PRO F 146 20.45 -16.43 -46.32
CA PRO F 146 21.35 -16.37 -45.20
C PRO F 146 21.15 -15.16 -44.27
N GLY F 147 21.97 -15.12 -43.23
CA GLY F 147 21.73 -14.26 -42.05
C GLY F 147 22.28 -12.85 -42.10
N ALA F 148 22.15 -12.19 -43.26
CA ALA F 148 22.51 -10.78 -43.38
C ALA F 148 21.31 -10.01 -43.99
N VAL F 149 20.95 -8.87 -43.39
CA VAL F 149 20.02 -7.92 -44.01
C VAL F 149 20.52 -6.52 -43.83
N THR F 150 20.07 -5.59 -44.67
CA THR F 150 20.16 -4.19 -44.33
C THR F 150 18.75 -3.63 -44.18
N VAL F 151 18.56 -2.79 -43.18
CA VAL F 151 17.29 -2.10 -43.03
C VAL F 151 17.41 -0.61 -43.27
N ALA F 152 16.43 -0.07 -43.99
CA ALA F 152 16.30 1.37 -44.19
C ALA F 152 14.87 1.85 -43.83
N TRP F 153 14.77 2.96 -43.10
CA TRP F 153 13.50 3.53 -42.78
C TRP F 153 13.17 4.79 -43.59
N LYS F 154 11.91 5.03 -43.82
CA LYS F 154 11.49 6.21 -44.56
C LYS F 154 10.39 6.88 -43.78
N ALA F 155 10.44 8.21 -43.77
CA ALA F 155 9.31 9.04 -43.36
C ALA F 155 8.76 9.61 -44.67
N ASP F 156 7.46 9.37 -44.94
CA ASP F 156 6.95 9.50 -46.30
C ASP F 156 7.87 8.76 -47.27
N SER F 157 8.54 9.50 -48.18
CA SER F 157 9.53 8.92 -49.11
C SER F 157 10.96 9.18 -48.78
N SER F 158 11.19 9.97 -47.76
CA SER F 158 12.54 10.34 -47.41
C SER F 158 13.22 9.41 -46.36
N PRO F 159 14.52 9.11 -46.58
CA PRO F 159 15.28 8.27 -45.66
C PRO F 159 15.34 8.93 -44.26
N VAL F 160 15.27 8.10 -43.23
CA VAL F 160 15.43 8.55 -41.89
C VAL F 160 16.63 7.79 -41.30
N LYS F 161 17.63 8.50 -40.77
CA LYS F 161 18.81 7.82 -40.19
C LYS F 161 18.85 7.92 -38.65
N ALA F 162 18.32 9.01 -38.08
CA ALA F 162 18.35 9.19 -36.64
C ALA F 162 17.25 8.44 -35.91
N GLY F 163 17.59 7.93 -34.74
CA GLY F 163 16.63 7.22 -33.88
C GLY F 163 16.35 5.79 -34.32
N VAL F 164 17.14 5.28 -35.28
CA VAL F 164 17.04 3.89 -35.76
C VAL F 164 17.96 3.03 -34.94
N GLU F 165 17.45 1.90 -34.45
CA GLU F 165 18.35 0.89 -33.82
C GLU F 165 18.00 -0.53 -34.32
N THR F 166 18.98 -1.20 -34.89
CA THR F 166 18.76 -2.48 -35.56
C THR F 166 19.65 -3.56 -34.94
N THR F 167 19.07 -4.71 -34.58
CA THR F 167 19.87 -5.83 -34.05
C THR F 167 20.69 -6.54 -35.15
N THR F 168 21.76 -7.23 -34.74
CA THR F 168 22.46 -8.09 -35.64
C THR F 168 21.59 -9.34 -35.76
N PRO F 169 21.61 -10.02 -36.93
CA PRO F 169 20.75 -11.20 -37.12
C PRO F 169 21.11 -12.30 -36.16
N SER F 170 20.12 -13.03 -35.64
CA SER F 170 20.41 -14.20 -34.82
C SER F 170 19.72 -15.45 -35.39
N LYS F 171 20.36 -16.60 -35.18
CA LYS F 171 19.89 -17.85 -35.71
C LYS F 171 18.72 -18.30 -34.86
N GLN F 172 17.64 -18.69 -35.53
CA GLN F 172 16.43 -19.24 -34.90
C GLN F 172 16.55 -20.75 -34.81
N SER F 173 15.63 -21.37 -34.08
CA SER F 173 15.60 -22.84 -33.96
C SER F 173 15.37 -23.49 -35.35
N ASN F 174 14.85 -22.68 -36.27
CA ASN F 174 14.66 -22.94 -37.70
C ASN F 174 15.90 -23.13 -38.53
N ASN F 175 17.03 -22.66 -38.02
CA ASN F 175 18.26 -22.40 -38.80
C ASN F 175 18.20 -21.20 -39.74
N LYS F 176 17.00 -20.65 -39.91
CA LYS F 176 16.83 -19.35 -40.57
C LYS F 176 17.15 -18.24 -39.52
N TYR F 177 17.13 -16.97 -39.93
CA TYR F 177 17.50 -15.85 -39.05
C TYR F 177 16.37 -14.85 -38.75
N ALA F 178 16.54 -14.12 -37.65
CA ALA F 178 15.64 -13.07 -37.17
C ALA F 178 16.47 -11.83 -36.83
N ALA F 179 15.90 -10.67 -37.07
CA ALA F 179 16.48 -9.41 -36.63
C ALA F 179 15.34 -8.47 -36.30
N SER F 180 15.65 -7.37 -35.63
CA SER F 180 14.62 -6.36 -35.27
C SER F 180 15.15 -5.02 -35.57
N SER F 181 14.30 -4.10 -36.03
CA SER F 181 14.69 -2.68 -36.15
C SER F 181 13.67 -1.72 -35.50
N TYR F 182 14.18 -0.78 -34.71
CA TYR F 182 13.37 0.17 -33.98
C TYR F 182 13.61 1.59 -34.41
N LEU F 183 12.52 2.26 -34.78
CA LEU F 183 12.55 3.70 -35.03
C LEU F 183 11.87 4.48 -33.89
N SER F 184 12.66 5.29 -33.20
CA SER F 184 12.16 6.27 -32.22
C SER F 184 11.69 7.55 -32.92
N LEU F 185 10.45 7.97 -32.70
CA LEU F 185 10.00 9.29 -33.19
C LEU F 185 9.12 9.95 -32.11
N THR F 186 8.84 11.24 -32.27
CA THR F 186 7.98 11.97 -31.39
C THR F 186 6.53 11.68 -31.88
N PRO F 187 5.55 11.78 -30.99
CA PRO F 187 4.14 11.70 -31.47
C PRO F 187 3.82 12.73 -32.59
N GLU F 188 4.37 13.94 -32.47
CA GLU F 188 4.19 14.98 -33.50
C GLU F 188 4.74 14.53 -34.89
N GLN F 189 5.95 13.96 -34.91
CA GLN F 189 6.50 13.37 -36.14
C GLN F 189 5.59 12.32 -36.75
N TRP F 190 5.07 11.44 -35.89
CA TRP F 190 4.23 10.33 -36.32
C TRP F 190 3.01 10.90 -37.05
N LYS F 191 2.42 11.94 -36.49
CA LYS F 191 1.18 12.54 -37.00
C LYS F 191 1.39 13.58 -38.06
N SER F 192 2.67 13.86 -38.39
CA SER F 192 3.05 14.84 -39.43
C SER F 192 3.61 14.21 -40.67
N HIS F 193 3.40 12.91 -40.86
CA HIS F 193 3.73 12.28 -42.15
C HIS F 193 2.57 11.42 -42.54
N ARG F 194 2.43 11.21 -43.82
CA ARG F 194 1.43 10.31 -44.33
C ARG F 194 1.68 8.93 -43.73
N SER F 195 2.96 8.53 -43.67
CA SER F 195 3.34 7.18 -43.22
C SER F 195 4.81 7.09 -43.01
N TYR F 196 5.21 5.96 -42.40
CA TYR F 196 6.60 5.53 -42.38
C TYR F 196 6.73 4.13 -42.93
N SER F 197 7.92 3.83 -43.45
CA SER F 197 8.20 2.53 -44.03
C SER F 197 9.48 1.94 -43.48
N CYS F 198 9.46 0.62 -43.29
CA CYS F 198 10.61 -0.18 -42.95
C CYS F 198 10.95 -1.00 -44.22
N GLN F 199 12.16 -0.82 -44.75
CA GLN F 199 12.51 -1.45 -46.00
C GLN F 199 13.68 -2.37 -45.76
N VAL F 200 13.51 -3.65 -46.04
CA VAL F 200 14.50 -4.65 -45.62
C VAL F 200 15.09 -5.26 -46.89
N THR F 201 16.40 -5.24 -47.01
CA THR F 201 17.02 -5.76 -48.20
C THR F 201 17.83 -6.96 -47.84
N HIS F 202 17.56 -8.04 -48.57
CA HIS F 202 18.19 -9.33 -48.31
C HIS F 202 18.73 -9.85 -49.64
N GLU F 203 20.05 -9.96 -49.71
CA GLU F 203 20.72 -10.38 -50.94
C GLU F 203 20.15 -9.61 -52.17
N GLY F 204 20.05 -8.29 -52.01
CA GLY F 204 19.68 -7.41 -53.12
C GLY F 204 18.20 -7.29 -53.38
N SER F 205 17.39 -8.12 -52.72
CA SER F 205 15.96 -8.10 -52.93
C SER F 205 15.30 -7.41 -51.74
N THR F 206 14.40 -6.47 -52.03
CA THR F 206 13.86 -5.58 -51.03
C THR F 206 12.43 -5.98 -50.72
N VAL F 207 12.11 -6.04 -49.42
CA VAL F 207 10.78 -6.24 -48.90
C VAL F 207 10.45 -4.97 -48.09
N GLU F 208 9.37 -4.30 -48.44
CA GLU F 208 9.00 -3.07 -47.75
C GLU F 208 7.62 -3.21 -47.07
N LYS F 209 7.49 -2.72 -45.83
CA LYS F 209 6.18 -2.52 -45.20
C LYS F 209 6.00 -1.07 -44.77
N THR F 210 4.75 -0.65 -44.69
CA THR F 210 4.37 0.73 -44.43
C THR F 210 3.17 0.77 -43.45
N VAL F 211 3.24 1.68 -42.48
CA VAL F 211 2.16 1.91 -41.54
C VAL F 211 1.88 3.42 -41.49
N ALA F 212 0.66 3.76 -41.16
CA ALA F 212 0.21 5.14 -41.18
C ALA F 212 -0.65 5.37 -39.90
N PRO F 213 -0.73 6.63 -39.44
CA PRO F 213 -1.51 7.02 -38.28
C PRO F 213 -2.96 6.41 -38.21
N THR F 214 -3.62 6.17 -39.33
CA THR F 214 -4.63 5.08 -39.34
C THR F 214 -5.09 4.77 -40.76
N GLU G 1 -18.32 27.00 -4.30
CA GLU G 1 -17.31 28.08 -4.39
C GLU G 1 -16.67 28.18 -5.81
N VAL G 2 -16.18 29.37 -6.16
CA VAL G 2 -15.53 29.54 -7.49
C VAL G 2 -14.38 28.56 -7.62
N GLN G 3 -14.31 27.83 -8.74
CA GLN G 3 -13.14 26.98 -9.02
C GLN G 3 -12.69 27.24 -10.43
N LEU G 4 -11.37 27.31 -10.64
CA LEU G 4 -10.85 27.34 -11.98
C LEU G 4 -9.77 26.26 -12.11
N VAL G 5 -10.13 25.17 -12.78
CA VAL G 5 -9.29 23.98 -12.78
C VAL G 5 -8.56 23.97 -14.06
N GLU G 6 -7.25 24.10 -13.99
CA GLU G 6 -6.48 24.14 -15.24
C GLU G 6 -5.87 22.78 -15.60
N SER G 7 -5.71 22.54 -16.91
CA SER G 7 -4.99 21.37 -17.42
C SER G 7 -4.31 21.70 -18.76
N GLY G 8 -3.43 20.79 -19.16
CA GLY G 8 -2.96 20.77 -20.51
C GLY G 8 -1.54 21.24 -20.61
N GLY G 9 -0.94 21.61 -19.49
CA GLY G 9 0.47 21.96 -19.47
C GLY G 9 1.35 20.70 -19.54
N GLY G 10 2.63 20.87 -19.82
CA GLY G 10 3.49 19.73 -19.99
C GLY G 10 4.68 20.21 -20.82
N LEU G 11 5.32 19.28 -21.47
CA LEU G 11 6.58 19.56 -22.20
C LEU G 11 6.26 19.74 -23.66
N VAL G 12 6.89 20.74 -24.27
CA VAL G 12 6.72 21.04 -25.68
C VAL G 12 8.07 21.33 -26.27
N GLN G 13 8.34 20.72 -27.42
CA GLN G 13 9.56 21.07 -28.13
C GLN G 13 9.38 22.47 -28.76
N PRO G 14 10.46 23.20 -28.92
CA PRO G 14 10.31 24.52 -29.57
C PRO G 14 9.71 24.44 -30.98
N GLY G 15 8.95 25.46 -31.36
CA GLY G 15 8.20 25.42 -32.58
C GLY G 15 6.86 24.67 -32.39
N GLY G 16 6.71 23.88 -31.30
CA GLY G 16 5.47 23.04 -31.13
C GLY G 16 4.23 23.77 -30.60
N SER G 17 3.12 23.03 -30.43
CA SER G 17 1.79 23.60 -30.07
C SER G 17 1.31 22.94 -28.81
N LEU G 18 0.59 23.70 -27.98
CA LEU G 18 -0.08 23.17 -26.79
C LEU G 18 -1.44 23.88 -26.58
N ARG G 19 -2.44 23.14 -26.12
CA ARG G 19 -3.73 23.74 -25.74
C ARG G 19 -3.98 23.74 -24.21
N LEU G 20 -4.16 24.90 -23.58
CA LEU G 20 -4.47 24.87 -22.15
C LEU G 20 -5.98 24.99 -21.91
N SER G 21 -6.46 24.38 -20.87
CA SER G 21 -7.90 24.49 -20.56
C SER G 21 -8.04 25.07 -19.20
N CYS G 22 -9.14 25.80 -18.95
CA CYS G 22 -9.45 26.29 -17.62
C CYS G 22 -10.93 26.07 -17.41
N ALA G 23 -11.30 25.03 -16.66
CA ALA G 23 -12.75 24.69 -16.52
C ALA G 23 -13.29 25.38 -15.29
N ALA G 24 -14.31 26.25 -15.48
CA ALA G 24 -14.86 27.07 -14.45
C ALA G 24 -16.12 26.52 -13.83
N SER G 25 -16.30 26.81 -12.55
CA SER G 25 -17.56 26.51 -11.88
C SER G 25 -17.77 27.46 -10.72
N GLY G 26 -19.03 27.58 -10.30
CA GLY G 26 -19.41 28.26 -9.07
C GLY G 26 -19.67 29.73 -9.32
N PHE G 27 -19.79 30.10 -10.59
CA PHE G 27 -20.25 31.42 -11.02
C PHE G 27 -20.81 31.25 -12.42
N THR G 28 -21.55 32.26 -12.89
CA THR G 28 -22.07 32.27 -14.27
C THR G 28 -20.93 32.69 -15.22
N PHE G 29 -20.27 31.68 -15.79
CA PHE G 29 -19.03 31.87 -16.57
C PHE G 29 -19.23 32.85 -17.72
N SER G 30 -20.39 32.76 -18.37
CA SER G 30 -20.67 33.61 -19.51
C SER G 30 -20.86 35.09 -19.20
N THR G 31 -20.96 35.45 -17.92
CA THR G 31 -21.13 36.83 -17.57
C THR G 31 -19.77 37.57 -17.54
N TYR G 32 -18.67 36.83 -17.43
CA TYR G 32 -17.34 37.42 -17.09
C TYR G 32 -16.31 37.40 -18.17
N ALA G 33 -15.51 38.46 -18.26
CA ALA G 33 -14.32 38.40 -19.05
C ALA G 33 -13.37 37.43 -18.33
N MET G 34 -12.44 36.77 -19.06
CA MET G 34 -11.44 35.89 -18.44
C MET G 34 -10.06 36.25 -18.99
N SER G 35 -9.00 35.81 -18.34
CA SER G 35 -7.69 36.27 -18.66
C SER G 35 -6.78 35.09 -18.39
N TRP G 36 -5.62 35.15 -19.06
CA TRP G 36 -4.49 34.24 -18.86
C TRP G 36 -3.35 35.17 -18.54
N VAL G 37 -2.60 34.79 -17.50
CA VAL G 37 -1.46 35.52 -17.01
C VAL G 37 -0.41 34.47 -16.75
N ARG G 38 0.83 34.74 -17.10
CA ARG G 38 1.86 33.70 -16.85
C ARG G 38 3.00 34.23 -16.01
N GLN G 39 3.79 33.29 -15.47
CA GLN G 39 4.91 33.66 -14.64
C GLN G 39 6.09 32.69 -14.83
N ALA G 40 7.19 33.17 -15.39
CA ALA G 40 8.37 32.31 -15.57
C ALA G 40 8.90 31.97 -14.16
N PRO G 41 9.68 30.87 -14.06
CA PRO G 41 10.11 30.45 -12.70
C PRO G 41 10.97 31.55 -12.09
N GLY G 42 10.68 31.93 -10.83
CA GLY G 42 11.38 32.99 -10.13
C GLY G 42 11.23 34.42 -10.68
N LYS G 43 10.21 34.66 -11.52
CA LYS G 43 10.02 35.97 -12.14
C LYS G 43 8.63 36.48 -11.87
N GLY G 44 8.30 37.61 -12.50
CA GLY G 44 7.03 38.32 -12.26
C GLY G 44 5.80 37.86 -13.05
N LEU G 45 4.62 38.37 -12.68
CA LEU G 45 3.41 38.13 -13.48
C LEU G 45 3.45 38.86 -14.87
N GLU G 46 2.96 38.21 -15.93
CA GLU G 46 2.93 38.87 -17.24
C GLU G 46 1.57 38.59 -17.84
N TRP G 47 0.83 39.63 -18.23
CA TRP G 47 -0.51 39.40 -18.83
C TRP G 47 -0.26 38.77 -20.19
N VAL G 48 -1.01 37.70 -20.49
CA VAL G 48 -0.93 37.04 -21.83
C VAL G 48 -2.10 37.46 -22.76
N SER G 49 -3.36 37.26 -22.34
CA SER G 49 -4.53 37.62 -23.19
C SER G 49 -5.78 37.59 -22.35
N SER G 50 -6.82 38.29 -22.81
CA SER G 50 -8.14 38.39 -22.13
C SER G 50 -9.19 38.29 -23.20
N ILE G 51 -10.39 37.90 -22.79
CA ILE G 51 -11.44 37.67 -23.72
C ILE G 51 -12.74 38.14 -23.06
N ASN G 52 -13.62 38.81 -23.79
CA ASN G 52 -14.90 39.27 -23.18
C ASN G 52 -15.80 38.13 -22.89
N ASN G 53 -16.98 38.41 -22.28
CA ASN G 53 -17.93 37.38 -21.90
C ASN G 53 -18.44 36.47 -23.06
N SER G 54 -18.86 37.08 -24.15
CA SER G 54 -19.31 36.42 -25.34
C SER G 54 -18.22 35.74 -26.14
N GLY G 55 -16.95 36.09 -25.93
CA GLY G 55 -15.86 35.57 -26.79
C GLY G 55 -15.66 36.33 -28.09
N ARG G 56 -16.59 37.25 -28.42
CA ARG G 56 -16.43 38.06 -29.66
C ARG G 56 -15.31 39.02 -29.67
N ASN G 57 -14.76 39.39 -28.53
CA ASN G 57 -13.56 40.26 -28.59
C ASN G 57 -12.38 39.70 -27.75
N THR G 58 -11.18 39.71 -28.30
CA THR G 58 -10.03 39.10 -27.60
C THR G 58 -8.87 40.08 -27.66
N PHE G 59 -7.93 39.95 -26.73
CA PHE G 59 -6.81 40.97 -26.63
C PHE G 59 -5.59 40.21 -26.27
N SER G 60 -4.40 40.49 -26.84
CA SER G 60 -3.31 39.64 -26.47
C SER G 60 -2.07 40.53 -26.41
N ALA G 61 -1.11 40.12 -25.61
CA ALA G 61 0.23 40.84 -25.53
C ALA G 61 0.99 40.73 -26.79
N ASP G 62 1.79 41.77 -27.10
CA ASP G 62 2.71 41.76 -28.23
C ASP G 62 3.66 40.57 -28.24
N SER G 63 4.11 40.14 -27.07
CA SER G 63 4.99 38.95 -26.94
C SER G 63 4.38 37.66 -27.53
N VAL G 64 3.04 37.61 -27.68
CA VAL G 64 2.34 36.36 -28.11
C VAL G 64 1.45 36.50 -29.37
N LYS G 65 1.33 37.74 -29.86
CA LYS G 65 0.52 37.98 -31.04
C LYS G 65 0.91 37.10 -32.24
N GLY G 66 -0.08 36.50 -32.87
CA GLY G 66 0.12 35.69 -34.06
C GLY G 66 0.52 34.32 -33.62
N ARG G 67 0.76 34.14 -32.32
CA ARG G 67 1.17 32.82 -31.81
C ARG G 67 0.10 32.19 -30.94
N PHE G 68 -0.41 32.92 -29.94
CA PHE G 68 -1.39 32.29 -28.99
C PHE G 68 -2.76 32.84 -29.34
N THR G 69 -3.80 32.04 -29.12
CA THR G 69 -5.14 32.38 -29.44
C THR G 69 -5.98 31.98 -28.19
N ILE G 70 -6.47 32.96 -27.47
CA ILE G 70 -7.45 32.75 -26.40
C ILE G 70 -8.83 32.45 -26.94
N SER G 71 -9.59 31.58 -26.29
CA SER G 71 -10.93 31.35 -26.78
C SER G 71 -11.73 30.77 -25.64
N ARG G 72 -13.06 30.68 -25.81
CA ARG G 72 -13.88 30.12 -24.74
C ARG G 72 -15.07 29.34 -25.27
N ASP G 73 -15.49 28.37 -24.50
CA ASP G 73 -16.73 27.68 -24.82
C ASP G 73 -17.71 27.88 -23.67
N ASN G 74 -18.70 28.74 -23.87
CA ASN G 74 -19.60 29.12 -22.81
C ASN G 74 -20.53 27.97 -22.51
N SER G 75 -20.69 27.04 -23.46
CA SER G 75 -21.65 25.94 -23.19
C SER G 75 -20.93 24.92 -22.30
N LYS G 76 -19.60 24.92 -22.32
CA LYS G 76 -18.84 24.02 -21.47
C LYS G 76 -18.18 24.72 -20.27
N ASN G 77 -18.44 26.00 -20.09
CA ASN G 77 -17.76 26.80 -19.08
C ASN G 77 -16.25 26.62 -19.00
N THR G 78 -15.59 26.62 -20.15
CA THR G 78 -14.15 26.38 -20.18
C THR G 78 -13.48 27.51 -20.96
N LEU G 79 -12.29 27.92 -20.52
CA LEU G 79 -11.49 28.90 -21.23
C LEU G 79 -10.30 28.17 -21.76
N PHE G 80 -9.85 28.54 -22.97
CA PHE G 80 -8.76 27.83 -23.58
C PHE G 80 -7.69 28.81 -23.93
N LEU G 81 -6.48 28.32 -24.01
CA LEU G 81 -5.41 29.06 -24.68
C LEU G 81 -4.68 28.11 -25.62
N VAL G 82 -4.74 28.38 -26.94
CA VAL G 82 -4.02 27.57 -27.92
C VAL G 82 -2.72 28.28 -28.12
N MET G 83 -1.65 27.55 -27.89
CA MET G 83 -0.32 28.14 -28.04
C MET G 83 0.40 27.49 -29.22
N ASN G 84 0.67 28.24 -30.29
CA ASN G 84 1.48 27.68 -31.40
C ASN G 84 2.84 28.26 -31.39
N SER G 85 3.77 27.67 -32.14
CA SER G 85 5.13 28.23 -32.29
C SER G 85 5.81 28.57 -30.99
N LEU G 86 5.80 27.65 -30.06
CA LEU G 86 6.30 27.95 -28.74
C LEU G 86 7.83 28.06 -28.79
N ARG G 87 8.35 28.86 -27.87
CA ARG G 87 9.81 29.10 -27.78
C ARG G 87 10.22 28.95 -26.35
N ALA G 88 11.54 28.82 -26.11
CA ALA G 88 12.00 28.51 -24.76
C ALA G 88 11.49 29.56 -23.74
N GLU G 89 11.48 30.81 -24.14
CA GLU G 89 11.13 31.93 -23.29
C GLU G 89 9.62 31.97 -22.94
N ASP G 90 8.82 31.09 -23.54
CA ASP G 90 7.41 30.94 -23.13
C ASP G 90 7.22 30.01 -21.89
N THR G 91 8.30 29.38 -21.46
CA THR G 91 8.26 28.48 -20.28
C THR G 91 7.79 29.24 -19.06
N ALA G 92 6.77 28.76 -18.38
CA ALA G 92 6.16 29.53 -17.32
C ALA G 92 5.02 28.78 -16.72
N VAL G 93 4.59 29.16 -15.53
CA VAL G 93 3.31 28.74 -14.99
C VAL G 93 2.22 29.64 -15.63
N TYR G 94 1.18 29.05 -16.18
CA TYR G 94 0.10 29.83 -16.87
C TYR G 94 -1.10 29.79 -16.00
N TYR G 95 -1.51 30.97 -15.53
CA TYR G 95 -2.80 31.06 -14.76
C TYR G 95 -3.96 31.54 -15.56
N CYS G 96 -5.13 31.00 -15.28
CA CYS G 96 -6.33 31.66 -15.76
C CYS G 96 -6.96 32.40 -14.61
N ALA G 97 -7.77 33.41 -14.92
CA ALA G 97 -8.40 34.19 -13.87
C ALA G 97 -9.68 34.78 -14.38
N LYS G 98 -10.63 34.89 -13.47
CA LYS G 98 -11.94 35.55 -13.71
C LYS G 98 -11.68 37.03 -13.40
N ASP G 99 -12.06 37.92 -14.33
CA ASP G 99 -11.90 39.40 -14.16
C ASP G 99 -13.20 40.01 -13.67
N LEU G 100 -13.08 41.07 -12.87
CA LEU G 100 -14.24 41.75 -12.29
C LEU G 100 -15.08 42.35 -13.42
N ARG G 101 -14.39 42.81 -14.46
CA ARG G 101 -15.00 43.36 -15.64
C ARG G 101 -13.94 43.29 -16.72
N LEU G 102 -14.36 43.31 -17.98
CA LEU G 102 -13.37 43.30 -19.08
C LEU G 102 -12.37 44.41 -18.88
N GLY G 103 -11.07 44.10 -18.91
CA GLY G 103 -10.06 45.11 -18.71
C GLY G 103 -9.81 45.46 -17.23
N GLY G 104 -10.63 44.93 -16.31
CA GLY G 104 -10.42 45.18 -14.86
C GLY G 104 -9.47 44.21 -14.15
N GLY G 105 -9.46 44.26 -12.81
CA GLY G 105 -8.64 43.36 -12.01
C GLY G 105 -9.12 41.91 -12.04
N SER G 106 -8.24 40.98 -11.69
CA SER G 106 -8.66 39.58 -11.71
C SER G 106 -9.01 39.09 -10.33
N ASP G 107 -10.29 38.73 -10.07
CA ASP G 107 -10.64 38.51 -8.65
C ASP G 107 -10.52 37.03 -8.20
N TYR G 108 -10.33 36.13 -9.16
CA TYR G 108 -10.11 34.72 -8.77
C TYR G 108 -9.21 34.09 -9.79
N TRP G 109 -8.24 33.34 -9.32
CA TRP G 109 -7.10 32.83 -10.09
C TRP G 109 -7.11 31.33 -9.86
N GLY G 110 -6.99 30.56 -10.96
CA GLY G 110 -6.72 29.14 -10.88
C GLY G 110 -5.33 28.85 -10.31
N GLN G 111 -5.04 27.59 -10.09
CA GLN G 111 -3.78 27.21 -9.44
C GLN G 111 -2.51 27.29 -10.34
N GLY G 112 -2.70 27.45 -11.65
CA GLY G 112 -1.52 27.53 -12.57
C GLY G 112 -1.28 26.17 -13.22
N THR G 113 -0.85 26.16 -14.46
CA THR G 113 -0.38 24.89 -15.01
C THR G 113 1.01 25.18 -15.60
N LEU G 114 1.99 24.31 -15.36
CA LEU G 114 3.34 24.60 -15.89
C LEU G 114 3.54 24.19 -17.35
N VAL G 115 4.06 25.12 -18.16
CA VAL G 115 4.38 24.81 -19.55
C VAL G 115 5.90 24.88 -19.66
N THR G 116 6.51 23.78 -20.08
CA THR G 116 7.98 23.74 -20.32
C THR G 116 8.26 23.61 -21.81
N VAL G 117 8.89 24.63 -22.38
CA VAL G 117 9.32 24.55 -23.76
C VAL G 117 10.86 24.35 -23.76
N SER G 118 11.29 23.16 -24.08
CA SER G 118 12.72 22.96 -24.26
C SER G 118 13.01 21.76 -25.17
N SER G 119 14.26 21.73 -25.65
CA SER G 119 14.75 20.65 -26.47
C SER G 119 15.10 19.52 -25.49
N ALA G 120 14.19 18.55 -25.41
CA ALA G 120 14.24 17.56 -24.34
C ALA G 120 13.14 16.59 -24.63
N SER G 121 13.16 15.42 -23.99
CA SER G 121 11.98 14.54 -24.07
C SER G 121 11.50 14.13 -22.67
N THR G 122 10.26 13.67 -22.60
CA THR G 122 9.66 13.33 -21.33
C THR G 122 10.38 12.10 -20.74
N LYS G 123 10.48 12.04 -19.41
CA LYS G 123 10.99 10.86 -18.74
C LYS G 123 10.22 10.66 -17.47
N GLY G 124 9.61 9.50 -17.34
CA GLY G 124 8.81 9.15 -16.14
C GLY G 124 9.68 8.67 -14.99
N PRO G 125 9.28 8.97 -13.75
CA PRO G 125 10.11 8.63 -12.59
C PRO G 125 10.01 7.17 -12.21
N SER G 126 11.04 6.66 -11.53
CA SER G 126 10.83 5.46 -10.68
C SER G 126 10.47 5.90 -9.25
N VAL G 127 9.68 5.08 -8.57
CA VAL G 127 9.26 5.41 -7.25
C VAL G 127 9.69 4.35 -6.22
N PHE G 128 10.12 4.79 -5.06
CA PHE G 128 10.62 3.86 -4.05
C PHE G 128 10.04 4.28 -2.71
N PRO G 129 9.61 3.33 -1.88
CA PRO G 129 9.09 3.65 -0.55
C PRO G 129 10.16 4.06 0.47
N LEU G 130 9.84 5.06 1.28
CA LEU G 130 10.67 5.46 2.41
C LEU G 130 9.99 5.08 3.72
N ALA G 131 10.49 4.05 4.39
CA ALA G 131 9.98 3.74 5.73
C ALA G 131 11.09 3.91 6.76
N PRO G 132 10.72 3.98 8.05
CA PRO G 132 11.77 3.79 9.10
C PRO G 132 11.98 2.30 9.37
N GLY G 140 2.31 7.01 18.00
CA GLY G 140 2.76 8.25 17.38
C GLY G 140 4.15 8.72 17.79
N THR G 141 4.87 9.37 16.88
CA THR G 141 4.51 9.50 15.47
C THR G 141 5.72 9.09 14.62
N ALA G 142 5.45 8.57 13.43
CA ALA G 142 6.51 8.15 12.53
C ALA G 142 6.29 8.73 11.14
N ALA G 143 7.41 8.97 10.46
CA ALA G 143 7.44 9.55 9.12
C ALA G 143 7.65 8.44 8.07
N LEU G 144 6.79 8.49 7.05
CA LEU G 144 6.83 7.58 5.92
C LEU G 144 7.00 8.48 4.72
N GLY G 145 7.51 7.95 3.61
CA GLY G 145 7.61 8.80 2.42
C GLY G 145 7.68 7.97 1.17
N CYS G 146 7.86 8.66 0.04
CA CYS G 146 8.11 8.06 -1.25
C CYS G 146 9.12 8.89 -1.95
N LEU G 147 10.13 8.25 -2.51
CA LEU G 147 11.12 8.94 -3.25
C LEU G 147 10.74 8.83 -4.74
N VAL G 148 10.70 9.96 -5.45
CA VAL G 148 10.31 9.98 -6.84
C VAL G 148 11.51 10.42 -7.66
N LYS G 149 12.13 9.44 -8.34
CA LYS G 149 13.51 9.59 -8.82
C LYS G 149 13.61 9.82 -10.33
N ASP G 150 14.39 10.82 -10.75
CA ASP G 150 14.80 10.91 -12.19
C ASP G 150 13.71 11.18 -13.24
N TYR G 151 13.04 12.32 -13.17
CA TYR G 151 11.97 12.57 -14.13
C TYR G 151 12.13 13.91 -14.86
N PHE G 152 11.47 14.07 -16.01
CA PHE G 152 11.41 15.37 -16.66
C PHE G 152 10.14 15.45 -17.48
N PRO G 153 9.49 16.62 -17.55
CA PRO G 153 9.75 17.94 -16.89
C PRO G 153 9.06 17.90 -15.53
N GLU G 154 9.09 19.00 -14.77
CA GLU G 154 8.12 19.12 -13.65
C GLU G 154 6.69 19.27 -14.24
N PRO G 155 5.62 19.09 -13.46
CA PRO G 155 5.70 18.70 -12.04
C PRO G 155 5.31 17.25 -11.84
N VAL G 156 5.43 16.80 -10.60
CA VAL G 156 4.98 15.46 -10.18
C VAL G 156 4.02 15.77 -9.07
N THR G 157 2.86 15.14 -9.03
CA THR G 157 2.04 15.26 -7.85
C THR G 157 2.04 13.93 -7.11
N VAL G 158 1.88 13.98 -5.77
CA VAL G 158 1.82 12.77 -4.97
C VAL G 158 0.66 12.88 -4.02
N SER G 159 -0.19 11.86 -3.98
CA SER G 159 -1.13 11.84 -2.90
C SER G 159 -0.81 10.63 -2.02
N TRP G 160 -1.59 10.47 -0.93
CA TRP G 160 -1.48 9.33 -0.04
C TRP G 160 -2.86 8.69 0.17
N ASN G 161 -2.93 7.37 0.04
CA ASN G 161 -4.20 6.64 0.19
C ASN G 161 -5.32 7.24 -0.67
N SER G 162 -4.93 7.54 -1.92
CA SER G 162 -5.79 8.08 -2.97
C SER G 162 -6.46 9.38 -2.51
N GLY G 163 -5.72 10.17 -1.75
CA GLY G 163 -6.26 11.41 -1.25
C GLY G 163 -6.98 11.33 0.09
N ALA G 164 -7.23 10.12 0.61
CA ALA G 164 -7.83 9.97 1.96
C ALA G 164 -6.96 10.56 3.09
N LEU G 165 -5.65 10.57 2.89
CA LEU G 165 -4.73 10.99 3.94
C LEU G 165 -4.06 12.27 3.47
N THR G 166 -4.48 13.39 4.05
CA THR G 166 -4.01 14.72 3.69
C THR G 166 -3.28 15.34 4.89
N SER G 167 -3.48 14.78 6.09
CA SER G 167 -2.85 15.32 7.30
C SER G 167 -1.39 14.94 7.47
N GLY G 168 -0.55 15.95 7.70
CA GLY G 168 0.89 15.75 7.87
C GLY G 168 1.63 15.54 6.56
N VAL G 169 0.97 15.79 5.44
CA VAL G 169 1.54 15.51 4.11
C VAL G 169 2.37 16.68 3.66
N HIS G 170 3.62 16.40 3.29
CA HIS G 170 4.49 17.44 2.77
C HIS G 170 5.27 16.92 1.55
N THR G 171 5.03 17.52 0.39
CA THR G 171 5.77 17.20 -0.82
C THR G 171 6.76 18.31 -1.11
N PHE G 172 8.04 17.94 -1.00
CA PHE G 172 9.16 18.86 -1.12
C PHE G 172 9.46 19.36 -2.53
N PRO G 173 10.00 20.57 -2.59
CA PRO G 173 10.54 21.04 -3.86
C PRO G 173 11.54 20.00 -4.41
N ALA G 174 11.59 19.85 -5.73
CA ALA G 174 12.47 18.91 -6.38
C ALA G 174 13.91 19.39 -6.43
N VAL G 175 14.84 18.45 -6.52
CA VAL G 175 16.22 18.79 -6.81
C VAL G 175 16.34 18.68 -8.31
N LEU G 176 17.09 19.59 -8.91
CA LEU G 176 17.47 19.44 -10.30
C LEU G 176 18.92 18.92 -10.36
N GLN G 177 19.10 17.72 -10.91
CA GLN G 177 20.43 17.10 -10.97
C GLN G 177 21.23 17.53 -12.21
N SER G 178 22.50 17.17 -12.24
CA SER G 178 23.38 17.48 -13.39
C SER G 178 22.83 16.93 -14.72
N SER G 179 22.31 15.72 -14.67
CA SER G 179 21.67 15.10 -15.83
C SER G 179 20.57 15.96 -16.44
N GLY G 180 20.09 16.95 -15.68
CA GLY G 180 18.94 17.73 -16.11
C GLY G 180 17.63 17.06 -15.75
N LEU G 181 17.69 15.95 -15.02
CA LEU G 181 16.48 15.29 -14.43
C LEU G 181 16.18 15.70 -12.94
N TYR G 182 14.91 15.71 -12.56
CA TYR G 182 14.40 16.10 -11.24
C TYR G 182 14.24 14.85 -10.39
N SER G 183 14.37 14.99 -9.08
CA SER G 183 13.83 14.00 -8.16
C SER G 183 13.19 14.79 -7.06
N LEU G 184 12.11 14.28 -6.43
CA LEU G 184 11.62 14.89 -5.19
C LEU G 184 11.21 13.82 -4.17
N SER G 185 10.94 14.20 -2.92
CA SER G 185 10.39 13.20 -1.99
C SER G 185 9.08 13.75 -1.47
N SER G 186 8.18 12.87 -1.04
CA SER G 186 6.99 13.26 -0.34
C SER G 186 6.91 12.46 0.95
N VAL G 187 6.58 13.14 2.05
CA VAL G 187 6.60 12.54 3.38
C VAL G 187 5.27 12.81 4.12
N VAL G 188 4.86 11.81 4.89
CA VAL G 188 3.65 11.92 5.70
C VAL G 188 4.02 11.44 7.10
N THR G 189 3.53 12.16 8.11
CA THR G 189 3.75 11.78 9.49
C THR G 189 2.46 11.16 10.04
N VAL G 190 2.58 9.98 10.63
CA VAL G 190 1.46 9.10 10.99
C VAL G 190 1.74 8.53 12.39
N PRO G 191 0.72 7.94 13.05
CA PRO G 191 0.96 7.31 14.36
C PRO G 191 1.92 6.11 14.28
N SER G 192 2.94 6.07 15.13
CA SER G 192 3.78 4.89 15.26
C SER G 192 2.96 3.65 15.52
N SER G 193 1.98 3.75 16.40
CA SER G 193 1.27 2.57 16.87
C SER G 193 0.39 1.88 15.80
N SER G 194 0.07 2.64 14.74
CA SER G 194 -0.77 2.20 13.62
C SER G 194 0.03 1.57 12.49
N LEU G 195 1.37 1.55 12.59
CA LEU G 195 2.22 1.14 11.47
C LEU G 195 1.99 -0.27 10.93
N GLY G 196 1.60 -1.21 11.78
CA GLY G 196 1.39 -2.59 11.38
C GLY G 196 -0.06 -2.98 11.13
N THR G 197 -0.98 -2.07 11.44
CA THR G 197 -2.43 -2.28 11.25
C THR G 197 -3.04 -1.41 10.11
N GLN G 198 -2.18 -0.67 9.41
CA GLN G 198 -2.66 0.35 8.48
C GLN G 198 -1.91 0.31 7.13
N THR G 199 -2.66 0.37 6.03
CA THR G 199 -2.03 0.38 4.72
C THR G 199 -1.62 1.80 4.37
N TYR G 200 -0.36 1.99 3.97
CA TYR G 200 0.05 3.31 3.46
C TYR G 200 0.61 3.25 2.06
N ILE G 201 -0.01 4.03 1.17
CA ILE G 201 0.31 3.97 -0.23
C ILE G 201 0.47 5.37 -0.82
N CYS G 202 1.60 5.64 -1.45
CA CYS G 202 1.72 6.92 -2.13
C CYS G 202 1.32 6.76 -3.59
N ASN G 203 0.51 7.67 -4.13
CA ASN G 203 0.08 7.62 -5.53
C ASN G 203 0.82 8.72 -6.26
N VAL G 204 1.67 8.32 -7.18
CA VAL G 204 2.55 9.29 -7.82
C VAL G 204 2.02 9.45 -9.22
N ASN G 205 1.78 10.70 -9.64
CA ASN G 205 1.43 10.97 -11.03
C ASN G 205 2.43 11.90 -11.67
N HIS G 206 2.94 11.49 -12.83
CA HIS G 206 3.69 12.36 -13.72
C HIS G 206 2.94 12.41 -15.06
N LYS G 207 2.22 13.51 -15.29
CA LYS G 207 1.35 13.59 -16.48
C LYS G 207 2.06 13.49 -17.81
N PRO G 208 3.19 14.23 -17.98
CA PRO G 208 3.87 14.23 -19.25
C PRO G 208 4.28 12.82 -19.72
N SER G 209 4.43 11.88 -18.78
CA SER G 209 4.87 10.51 -19.18
C SER G 209 3.73 9.53 -18.95
N ASN G 210 2.60 10.07 -18.55
CA ASN G 210 1.45 9.24 -18.20
C ASN G 210 1.79 8.18 -17.14
N THR G 211 2.73 8.51 -16.23
CA THR G 211 3.07 7.59 -15.15
C THR G 211 2.10 7.76 -14.00
N LYS G 212 1.57 6.63 -13.55
CA LYS G 212 0.74 6.60 -12.37
C LYS G 212 1.19 5.37 -11.63
N VAL G 213 1.74 5.59 -10.43
CA VAL G 213 2.30 4.52 -9.62
C VAL G 213 1.66 4.61 -8.25
N ASP G 214 1.21 3.47 -7.72
CA ASP G 214 0.76 3.40 -6.37
C ASP G 214 1.77 2.53 -5.68
N LYS G 215 2.55 3.10 -4.77
CA LYS G 215 3.57 2.35 -4.09
C LYS G 215 3.16 2.18 -2.62
N ARG G 216 3.01 0.93 -2.19
CA ARG G 216 2.78 0.56 -0.79
C ARG G 216 4.06 0.89 -0.03
N VAL G 217 3.93 1.57 1.11
CA VAL G 217 5.09 1.93 1.90
C VAL G 217 5.23 1.04 3.17
N ALA H 3 6.48 46.50 -17.49
CA ALA H 3 6.34 47.91 -17.95
C ALA H 3 5.79 48.90 -16.88
N LEU H 4 5.43 48.42 -15.70
CA LEU H 4 5.17 49.33 -14.56
C LEU H 4 6.34 49.16 -13.57
N THR H 5 6.79 50.25 -12.93
CA THR H 5 8.04 50.17 -12.10
C THR H 5 7.70 50.18 -10.64
N GLN H 6 8.12 49.13 -9.96
CA GLN H 6 7.89 48.94 -8.55
C GLN H 6 9.30 48.84 -7.96
N PRO H 7 9.49 49.27 -6.71
CA PRO H 7 10.73 48.90 -6.03
C PRO H 7 10.84 47.36 -5.89
N ALA H 8 12.06 46.88 -5.96
CA ALA H 8 12.36 45.46 -5.93
C ALA H 8 11.95 44.90 -4.57
N SER H 9 12.09 45.73 -3.53
CA SER H 9 11.80 45.19 -2.22
C SER H 9 11.59 46.35 -1.24
N VAL H 10 10.80 46.06 -0.14
CA VAL H 10 10.45 47.04 0.86
C VAL H 10 10.49 46.22 2.10
N SER H 11 10.78 46.82 3.25
CA SER H 11 10.66 46.06 4.49
C SER H 11 10.21 46.95 5.63
N GLY H 12 9.55 46.31 6.59
CA GLY H 12 9.04 47.03 7.74
C GLY H 12 8.97 46.09 8.91
N SER H 13 8.79 46.65 10.09
CA SER H 13 8.62 45.87 11.31
C SER H 13 7.12 45.79 11.64
N PRO H 14 6.74 44.80 12.46
CA PRO H 14 5.37 44.63 12.91
C PRO H 14 4.80 45.93 13.49
N GLY H 15 3.58 46.27 13.08
CA GLY H 15 2.94 47.47 13.58
C GLY H 15 3.20 48.68 12.69
N GLN H 16 4.29 48.65 11.94
CA GLN H 16 4.62 49.78 11.05
C GLN H 16 3.70 49.95 9.83
N SER H 17 3.91 51.07 9.14
CA SER H 17 3.26 51.29 7.86
C SER H 17 4.26 51.29 6.75
N ILE H 18 3.93 50.63 5.66
CA ILE H 18 4.82 50.61 4.48
C ILE H 18 4.03 51.03 3.25
N THR H 19 4.74 51.61 2.30
CA THR H 19 4.16 51.97 1.01
C THR H 19 4.87 51.32 -0.13
N ILE H 20 4.09 50.74 -1.04
CA ILE H 20 4.66 50.19 -2.27
C ILE H 20 4.25 51.06 -3.47
N SER H 21 5.22 51.62 -4.21
CA SER H 21 4.82 52.48 -5.33
C SER H 21 4.79 51.68 -6.64
N CYS H 22 4.09 52.20 -7.65
CA CYS H 22 3.92 51.56 -8.93
C CYS H 22 3.81 52.67 -9.94
N THR H 23 4.92 53.00 -10.63
CA THR H 23 4.88 54.10 -11.60
C THR H 23 4.71 53.54 -13.03
N GLY H 24 3.66 54.00 -13.72
CA GLY H 24 3.31 53.58 -15.05
C GLY H 24 3.56 54.76 -15.97
N THR H 25 2.75 54.84 -17.02
CA THR H 25 2.89 55.90 -18.00
C THR H 25 1.59 56.63 -18.06
N SER H 26 1.60 57.79 -18.71
CA SER H 26 0.34 58.50 -18.92
C SER H 26 -0.74 57.71 -19.63
N SER H 27 -0.38 56.67 -20.37
CA SER H 27 -1.35 55.86 -21.13
C SER H 27 -2.03 54.77 -20.30
N ASP H 28 -1.56 54.54 -19.10
CA ASP H 28 -2.15 53.43 -18.28
C ASP H 28 -2.51 53.98 -16.90
N VAL H 29 -1.56 53.99 -15.96
CA VAL H 29 -1.76 54.53 -14.59
C VAL H 29 -2.26 55.99 -14.64
N GLY H 30 -1.64 56.82 -15.45
CA GLY H 30 -2.01 58.20 -15.60
C GLY H 30 -3.41 58.49 -16.13
N SER H 31 -3.96 57.62 -16.99
CA SER H 31 -5.24 57.92 -17.68
C SER H 31 -6.47 57.30 -17.05
N TYR H 32 -6.30 56.17 -16.36
CA TYR H 32 -7.48 55.41 -15.91
C TYR H 32 -7.46 55.24 -14.42
N ASN H 33 -8.63 54.97 -13.89
CA ASN H 33 -8.77 54.47 -12.57
C ASN H 33 -8.83 52.95 -12.55
N PHE H 34 -7.87 52.27 -13.18
CA PHE H 34 -7.94 50.81 -13.19
C PHE H 34 -6.63 50.18 -12.74
N VAL H 35 -6.26 50.47 -11.51
CA VAL H 35 -5.09 49.86 -10.98
C VAL H 35 -5.51 48.83 -10.00
N SER H 36 -4.93 47.66 -10.14
CA SER H 36 -5.16 46.55 -9.22
C SER H 36 -3.84 46.14 -8.58
N TRP H 37 -3.93 45.51 -7.41
CA TRP H 37 -2.77 45.07 -6.65
C TRP H 37 -3.06 43.64 -6.18
N TYR H 38 -2.05 42.81 -6.26
CA TYR H 38 -2.13 41.39 -5.96
C TYR H 38 -1.05 41.03 -4.99
N GLN H 39 -1.40 40.15 -4.06
CA GLN H 39 -0.45 39.56 -3.14
C GLN H 39 -0.17 38.13 -3.59
N GLN H 40 1.09 37.71 -3.52
CA GLN H 40 1.35 36.35 -3.91
C GLN H 40 2.28 35.76 -2.90
N HIS H 41 1.77 34.75 -2.19
CA HIS H 41 2.65 33.97 -1.33
C HIS H 41 3.43 32.93 -2.10
N PRO H 42 4.65 32.58 -1.60
CA PRO H 42 5.42 31.56 -2.33
C PRO H 42 4.60 30.30 -2.56
N GLY H 43 4.65 29.77 -3.79
CA GLY H 43 3.91 28.56 -4.13
C GLY H 43 2.39 28.68 -4.29
N LYS H 44 1.86 29.89 -4.47
CA LYS H 44 0.43 30.10 -4.49
C LYS H 44 0.10 31.04 -5.61
N ALA H 45 -1.16 30.97 -6.01
CA ALA H 45 -1.75 31.87 -6.99
C ALA H 45 -1.84 33.28 -6.38
N PRO H 46 -1.79 34.32 -7.23
CA PRO H 46 -2.07 35.67 -6.70
C PRO H 46 -3.52 35.83 -6.18
N LYS H 47 -3.68 36.80 -5.27
CA LYS H 47 -4.92 37.12 -4.59
C LYS H 47 -5.11 38.60 -4.77
N LEU H 48 -6.27 39.01 -5.24
CA LEU H 48 -6.52 40.39 -5.42
C LEU H 48 -6.76 41.08 -4.05
N MET H 49 -6.04 42.13 -3.82
CA MET H 49 -6.11 42.96 -2.56
C MET H 49 -6.89 44.26 -2.81
N ILE H 50 -6.71 44.91 -3.96
CA ILE H 50 -7.27 46.24 -4.24
C ILE H 50 -7.58 46.23 -5.73
N TYR H 51 -8.73 46.78 -6.14
CA TYR H 51 -8.90 47.06 -7.56
C TYR H 51 -9.51 48.44 -7.81
N GLU H 52 -9.48 48.93 -9.07
CA GLU H 52 -9.91 50.32 -9.39
C GLU H 52 -9.31 51.36 -8.45
N VAL H 53 -8.04 51.16 -8.31
CA VAL H 53 -7.07 51.95 -7.57
C VAL H 53 -7.15 51.94 -6.02
N SER H 54 -8.37 51.95 -5.48
CA SER H 54 -8.64 52.08 -4.06
C SER H 54 -9.77 51.12 -3.52
N GLU H 55 -10.41 50.32 -4.38
CA GLU H 55 -11.56 49.47 -3.92
C GLU H 55 -11.10 48.14 -3.31
N ARG H 56 -11.65 47.74 -2.18
CA ARG H 56 -11.14 46.56 -1.50
C ARG H 56 -12.16 45.45 -1.64
N PRO H 57 -11.77 44.30 -2.20
CA PRO H 57 -12.78 43.22 -2.19
C PRO H 57 -13.17 42.81 -0.78
N SER H 58 -14.32 42.16 -0.69
CA SER H 58 -14.79 41.74 0.62
C SER H 58 -13.86 40.63 1.14
N GLY H 59 -13.60 40.63 2.45
CA GLY H 59 -12.70 39.66 3.08
C GLY H 59 -11.24 40.17 3.12
N ILE H 60 -10.93 41.24 2.40
CA ILE H 60 -9.58 41.79 2.49
C ILE H 60 -9.50 42.76 3.71
N SER H 61 -8.41 42.65 4.47
CA SER H 61 -8.20 43.46 5.71
C SER H 61 -8.25 44.94 5.37
N ASN H 62 -8.85 45.77 6.22
CA ASN H 62 -8.86 47.19 5.88
C ASN H 62 -7.51 47.87 6.22
N ARG H 63 -6.52 47.10 6.63
CA ARG H 63 -5.16 47.65 6.75
C ARG H 63 -4.58 47.97 5.38
N PHE H 64 -5.18 47.38 4.33
CA PHE H 64 -4.64 47.57 2.94
C PHE H 64 -5.43 48.72 2.29
N SER H 65 -4.72 49.70 1.71
CA SER H 65 -5.44 50.77 0.98
C SER H 65 -4.61 51.13 -0.24
N GLY H 66 -5.24 51.81 -1.20
CA GLY H 66 -4.49 52.21 -2.39
C GLY H 66 -4.96 53.56 -2.77
N SER H 67 -4.11 54.26 -3.52
CA SER H 67 -4.42 55.58 -3.98
C SER H 67 -3.58 55.74 -5.24
N LYS H 68 -3.70 56.87 -5.94
CA LYS H 68 -2.72 57.20 -6.95
C LYS H 68 -2.64 58.71 -7.17
N SER H 69 -1.54 59.12 -7.75
CA SER H 69 -1.32 60.53 -8.05
C SER H 69 -0.52 60.56 -9.31
N GLY H 70 -0.99 61.27 -10.35
CA GLY H 70 -0.13 61.42 -11.54
C GLY H 70 0.05 60.03 -12.14
N ASN H 71 1.27 59.66 -12.49
CA ASN H 71 1.50 58.32 -13.06
C ASN H 71 1.88 57.24 -12.03
N THR H 72 1.80 57.53 -10.73
CA THR H 72 2.20 56.56 -9.70
C THR H 72 1.04 56.19 -8.79
N ALA H 73 0.76 54.89 -8.71
CA ALA H 73 -0.15 54.32 -7.76
C ALA H 73 0.66 53.80 -6.59
N SER H 74 0.00 53.73 -5.43
CA SER H 74 0.58 53.27 -4.21
C SER H 74 -0.31 52.31 -3.48
N LEU H 75 0.30 51.22 -3.02
CA LEU H 75 -0.39 50.36 -2.01
C LEU H 75 0.21 50.63 -0.63
N THR H 76 -0.66 50.89 0.35
CA THR H 76 -0.15 51.11 1.71
C THR H 76 -0.67 49.97 2.57
N ILE H 77 0.21 49.37 3.33
CA ILE H 77 -0.22 48.40 4.37
C ILE H 77 0.07 49.06 5.74
N SER H 78 -0.96 49.29 6.54
CA SER H 78 -0.79 49.88 7.88
C SER H 78 -0.73 48.71 8.87
N GLY H 79 -0.03 48.87 9.97
CA GLY H 79 -0.12 47.84 11.03
C GLY H 79 0.41 46.50 10.52
N LEU H 80 1.63 46.51 9.98
CA LEU H 80 2.18 45.32 9.31
C LEU H 80 2.09 44.11 10.22
N GLN H 81 1.67 42.96 9.67
CA GLN H 81 1.70 41.66 10.40
C GLN H 81 2.63 40.72 9.63
N ALA H 82 3.16 39.68 10.30
CA ALA H 82 4.03 38.73 9.61
C ALA H 82 3.36 38.03 8.40
N GLU H 83 2.05 37.84 8.46
CA GLU H 83 1.36 37.23 7.37
C GLU H 83 1.39 38.11 6.09
N ASP H 84 1.65 39.41 6.21
CA ASP H 84 1.71 40.25 5.02
C ASP H 84 2.93 40.02 4.22
N GLU H 85 3.93 39.33 4.79
CA GLU H 85 5.14 39.06 4.06
C GLU H 85 4.81 38.27 2.76
N ALA H 86 5.17 38.83 1.61
CA ALA H 86 4.73 38.30 0.29
C ALA H 86 5.31 39.12 -0.82
N ASP H 87 5.14 38.66 -2.08
CA ASP H 87 5.38 39.53 -3.23
C ASP H 87 4.06 40.19 -3.60
N TYR H 88 4.16 41.46 -4.00
CA TYR H 88 3.02 42.31 -4.37
C TYR H 88 3.23 42.85 -5.75
N TYR H 89 2.17 42.80 -6.57
CA TYR H 89 2.26 43.24 -7.99
C TYR H 89 1.18 44.26 -8.18
N CYS H 90 1.51 45.37 -8.86
CA CYS H 90 0.43 46.17 -9.39
C CYS H 90 0.14 45.81 -10.88
N SER H 91 -1.05 46.19 -11.39
CA SER H 91 -1.25 46.20 -12.85
C SER H 91 -2.28 47.26 -13.21
N SER H 92 -2.37 47.61 -14.47
CA SER H 92 -3.25 48.70 -14.85
C SER H 92 -3.84 48.36 -16.20
N TYR H 93 -5.11 48.73 -16.42
CA TYR H 93 -5.62 48.87 -17.77
C TYR H 93 -4.73 49.81 -18.60
N ALA H 94 -4.60 49.51 -19.89
CA ALA H 94 -3.61 50.28 -20.67
C ALA H 94 -4.07 50.69 -22.08
N GLY H 95 -5.38 50.90 -22.23
CA GLY H 95 -5.99 51.20 -23.51
C GLY H 95 -6.36 49.90 -24.24
N SER H 96 -7.18 50.04 -25.27
CA SER H 96 -7.70 48.93 -26.07
C SER H 96 -6.69 48.06 -26.83
N THR H 97 -5.46 48.57 -27.11
CA THR H 97 -4.39 47.81 -27.75
C THR H 97 -3.44 47.11 -26.75
N THR H 98 -2.84 47.88 -25.82
CA THR H 98 -1.88 47.30 -24.88
C THR H 98 -2.67 46.52 -23.84
N PHE H 99 -3.86 47.02 -23.55
CA PHE H 99 -4.76 46.35 -22.66
C PHE H 99 -4.41 46.25 -21.18
N ARG H 100 -3.42 45.40 -20.82
CA ARG H 100 -3.08 45.23 -19.45
C ARG H 100 -1.55 45.12 -19.31
N VAL H 101 -1.02 45.86 -18.34
CA VAL H 101 0.37 45.75 -17.98
C VAL H 101 0.55 45.51 -16.47
N PHE H 102 1.63 44.80 -16.12
CA PHE H 102 1.93 44.48 -14.71
C PHE H 102 3.19 45.19 -14.31
N GLY H 103 3.32 45.58 -13.03
CA GLY H 103 4.66 45.92 -12.50
C GLY H 103 5.51 44.68 -12.26
N GLY H 104 6.81 44.91 -12.10
CA GLY H 104 7.76 43.82 -11.92
C GLY H 104 7.74 43.18 -10.58
N GLY H 105 6.86 43.62 -9.68
CA GLY H 105 6.77 43.00 -8.35
C GLY H 105 7.72 43.56 -7.30
N THR H 106 7.24 43.53 -6.09
CA THR H 106 7.93 44.00 -4.90
C THR H 106 7.91 42.90 -3.85
N LYS H 107 9.09 42.50 -3.41
CA LYS H 107 9.14 41.58 -2.26
C LYS H 107 9.04 42.38 -0.94
N LEU H 108 8.02 42.14 -0.16
CA LEU H 108 7.90 42.80 1.12
C LEU H 108 8.39 41.86 2.21
N THR H 109 9.36 42.31 2.97
CA THR H 109 9.82 41.54 4.12
C THR H 109 9.25 42.18 5.37
N VAL H 110 8.82 41.35 6.32
CA VAL H 110 8.37 41.85 7.62
C VAL H 110 9.37 41.38 8.66
N ARG H 111 10.06 42.32 9.32
CA ARG H 111 11.24 42.02 10.18
C ARG H 111 10.76 41.42 11.49
N GLY H 112 11.69 40.85 12.23
CA GLY H 112 11.37 40.36 13.55
C GLY H 112 10.62 39.05 13.61
N GLN H 113 10.54 38.35 12.49
CA GLN H 113 10.09 36.95 12.43
C GLN H 113 10.94 36.04 13.38
N PRO H 114 10.25 35.21 14.21
CA PRO H 114 11.03 34.39 15.16
C PRO H 114 11.91 33.37 14.45
N LYS H 115 13.14 33.19 14.93
CA LYS H 115 13.97 32.15 14.39
C LYS H 115 13.36 30.76 14.71
N ALA H 116 13.31 29.87 13.72
CA ALA H 116 12.75 28.52 13.90
C ALA H 116 13.74 27.47 13.42
N ALA H 117 13.98 26.49 14.29
CA ALA H 117 14.93 25.43 14.02
C ALA H 117 14.31 24.39 13.08
N PRO H 118 15.14 23.75 12.24
CA PRO H 118 14.70 22.77 11.24
C PRO H 118 14.32 21.46 11.88
N SER H 119 13.17 20.97 11.47
CA SER H 119 12.77 19.60 11.66
C SER H 119 13.40 18.73 10.55
N VAL H 120 14.11 17.68 10.95
CA VAL H 120 14.89 16.87 10.03
C VAL H 120 14.46 15.42 10.09
N THR H 121 14.20 14.83 8.92
CA THR H 121 13.89 13.42 8.80
C THR H 121 14.82 12.77 7.78
N LEU H 122 15.50 11.69 8.19
CA LEU H 122 16.45 11.03 7.34
C LEU H 122 15.90 9.64 7.08
N PHE H 123 15.75 9.33 5.80
CA PHE H 123 15.44 7.99 5.37
C PHE H 123 16.67 7.25 4.83
N PRO H 124 16.87 5.98 5.27
CA PRO H 124 17.86 5.08 4.67
C PRO H 124 17.39 4.62 3.27
N PRO H 125 18.24 3.91 2.53
CA PRO H 125 17.81 3.39 1.24
C PRO H 125 16.72 2.33 1.47
N SER H 126 15.70 2.30 0.61
CA SER H 126 14.73 1.21 0.59
C SER H 126 15.39 -0.07 0.11
N SER H 127 14.88 -1.22 0.53
CA SER H 127 15.41 -2.50 0.11
C SER H 127 15.14 -2.63 -1.37
N GLU H 128 14.00 -2.08 -1.78
CA GLU H 128 13.64 -2.08 -3.18
C GLU H 128 14.65 -1.31 -4.01
N GLU H 129 15.15 -0.20 -3.50
CA GLU H 129 16.18 0.55 -4.21
C GLU H 129 17.52 -0.21 -4.21
N LEU H 130 17.85 -0.80 -3.07
CA LEU H 130 19.09 -1.58 -2.96
C LEU H 130 19.09 -2.74 -3.95
N GLN H 131 17.96 -3.44 -4.07
CA GLN H 131 17.81 -4.49 -5.09
C GLN H 131 17.96 -3.96 -6.53
N ALA H 132 17.83 -2.64 -6.74
CA ALA H 132 18.00 -2.03 -8.09
C ALA H 132 19.40 -1.48 -8.29
N ASN H 133 20.30 -1.89 -7.41
CA ASN H 133 21.74 -1.54 -7.51
C ASN H 133 22.06 -0.08 -7.18
N LYS H 134 21.17 0.57 -6.43
CA LYS H 134 21.35 1.97 -6.06
C LYS H 134 21.04 2.21 -4.58
N ALA H 135 21.54 3.29 -4.02
CA ALA H 135 21.29 3.65 -2.63
C ALA H 135 21.21 5.15 -2.53
N THR H 136 20.05 5.64 -2.11
CA THR H 136 19.85 7.07 -1.84
C THR H 136 19.43 7.30 -0.38
N LEU H 137 20.20 8.14 0.30
CA LEU H 137 19.80 8.63 1.62
C LEU H 137 19.03 9.92 1.35
N VAL H 138 17.87 10.05 1.98
CA VAL H 138 16.98 11.22 1.73
C VAL H 138 16.94 12.02 3.02
N CYS H 139 17.47 13.26 3.01
CA CYS H 139 17.40 14.12 4.22
C CYS H 139 16.47 15.29 3.95
N LEU H 140 15.36 15.31 4.70
CA LEU H 140 14.28 16.25 4.49
C LEU H 140 14.24 17.26 5.67
N ILE H 141 14.25 18.55 5.33
CA ILE H 141 14.58 19.62 6.26
C ILE H 141 13.46 20.63 6.10
N SER H 142 12.76 20.91 7.20
CA SER H 142 11.53 21.67 7.06
C SER H 142 11.29 22.58 8.23
N ASP H 143 10.38 23.52 8.01
CA ASP H 143 9.92 24.40 9.08
C ASP H 143 10.98 25.31 9.70
N PHE H 144 11.95 25.76 8.93
CA PHE H 144 13.02 26.56 9.49
C PHE H 144 12.98 28.03 9.08
N TYR H 145 13.33 28.92 10.00
CA TYR H 145 13.54 30.31 9.59
C TYR H 145 14.69 30.92 10.39
N PRO H 146 15.59 31.70 9.74
CA PRO H 146 15.57 32.16 8.35
C PRO H 146 15.98 31.05 7.41
N GLY H 147 16.07 31.39 6.13
CA GLY H 147 16.30 30.39 5.08
C GLY H 147 17.66 29.77 4.95
N ALA H 148 18.70 30.43 5.47
CA ALA H 148 20.09 29.96 5.38
C ALA H 148 20.35 28.65 6.14
N VAL H 149 20.92 27.67 5.43
CA VAL H 149 21.11 26.38 6.05
C VAL H 149 22.31 25.67 5.44
N THR H 150 23.03 24.89 6.22
CA THR H 150 24.10 24.12 5.62
C THR H 150 23.96 22.65 6.01
N VAL H 151 24.02 21.77 5.02
CA VAL H 151 23.89 20.36 5.23
C VAL H 151 25.27 19.71 4.99
N ALA H 152 25.65 18.74 5.83
CA ALA H 152 26.90 18.02 5.67
C ALA H 152 26.54 16.58 5.96
N TRP H 153 27.14 15.66 5.20
CA TRP H 153 26.90 14.23 5.38
C TRP H 153 28.13 13.54 6.03
N LYS H 154 27.86 12.56 6.87
CA LYS H 154 28.91 11.72 7.43
C LYS H 154 28.67 10.26 7.06
N ALA H 155 29.77 9.57 6.73
CA ALA H 155 29.87 8.11 6.68
C ALA H 155 30.63 7.68 7.94
N ASP H 156 29.92 7.02 8.86
CA ASP H 156 30.36 6.95 10.24
C ASP H 156 30.61 8.36 10.72
N SER H 157 31.85 8.72 11.03
CA SER H 157 32.11 10.08 11.47
C SER H 157 32.81 10.87 10.40
N SER H 158 33.14 10.24 9.29
CA SER H 158 33.90 10.93 8.26
C SER H 158 32.99 11.72 7.32
N PRO H 159 33.44 12.93 6.94
CA PRO H 159 32.66 13.76 6.03
C PRO H 159 32.58 13.10 4.67
N VAL H 160 31.42 13.22 4.04
CA VAL H 160 31.25 12.74 2.69
C VAL H 160 30.79 13.88 1.81
N LYS H 161 31.70 14.36 0.98
CA LYS H 161 31.27 14.90 -0.29
C LYS H 161 31.38 13.71 -1.28
N ALA H 162 31.20 13.98 -2.57
CA ALA H 162 30.90 12.95 -3.55
C ALA H 162 29.45 12.53 -3.38
N GLY H 163 28.66 12.93 -4.35
CA GLY H 163 27.34 12.34 -4.59
C GLY H 163 26.25 13.01 -3.75
N VAL H 164 26.57 14.21 -3.25
CA VAL H 164 25.65 15.05 -2.51
C VAL H 164 24.97 16.04 -3.46
N GLU H 165 23.65 16.09 -3.39
CA GLU H 165 22.86 17.13 -4.08
C GLU H 165 21.86 17.68 -3.08
N THR H 166 21.91 18.99 -2.88
CA THR H 166 21.10 19.70 -1.91
C THR H 166 20.37 20.81 -2.63
N THR H 167 19.07 20.92 -2.37
CA THR H 167 18.27 21.98 -2.96
C THR H 167 18.52 23.28 -2.25
N THR H 168 18.18 24.36 -2.95
CA THR H 168 18.20 25.70 -2.39
C THR H 168 16.93 25.84 -1.58
N PRO H 169 17.04 26.29 -0.32
CA PRO H 169 15.86 26.40 0.52
C PRO H 169 14.76 27.26 -0.16
N SER H 170 13.51 26.85 -0.05
CA SER H 170 12.45 27.72 -0.51
C SER H 170 11.32 27.76 0.52
N LYS H 171 10.57 28.85 0.49
CA LYS H 171 9.55 29.14 1.48
C LYS H 171 8.41 28.21 1.25
N GLN H 172 7.90 27.61 2.29
CA GLN H 172 7.08 26.47 2.07
C GLN H 172 5.65 26.80 1.83
N SER H 173 4.80 26.35 2.74
CA SER H 173 3.51 26.91 2.77
C SER H 173 4.05 28.22 3.22
N ASN H 174 3.63 28.61 4.40
CA ASN H 174 4.11 29.84 4.95
C ASN H 174 4.58 29.50 6.32
N ASN H 175 5.46 30.32 6.84
CA ASN H 175 6.20 31.24 6.05
C ASN H 175 7.60 30.68 6.17
N LYS H 176 7.68 29.37 6.36
CA LYS H 176 8.98 28.78 6.67
C LYS H 176 9.64 28.08 5.47
N TYR H 177 10.94 27.80 5.58
CA TYR H 177 11.64 27.17 4.51
C TYR H 177 11.65 25.65 4.58
N ALA H 178 11.74 25.01 3.42
CA ALA H 178 12.12 23.61 3.30
C ALA H 178 13.34 23.45 2.38
N ALA H 179 14.10 22.38 2.61
CA ALA H 179 15.16 21.95 1.68
C ALA H 179 15.29 20.41 1.78
N SER H 180 15.76 19.79 0.74
CA SER H 180 16.14 18.39 0.88
C SER H 180 17.57 18.26 0.43
N SER H 181 18.20 17.22 0.96
CA SER H 181 19.51 16.78 0.51
C SER H 181 19.48 15.24 0.21
N TYR H 182 20.18 14.88 -0.84
CA TYR H 182 20.26 13.50 -1.28
C TYR H 182 21.72 13.03 -1.36
N LEU H 183 22.02 11.90 -0.71
CA LEU H 183 23.35 11.28 -0.81
C LEU H 183 23.21 9.99 -1.65
N SER H 184 23.94 9.92 -2.77
CA SER H 184 24.01 8.74 -3.62
C SER H 184 25.21 7.85 -3.22
N LEU H 185 24.90 6.58 -2.90
CA LEU H 185 25.86 5.54 -2.57
C LEU H 185 25.62 4.30 -3.45
N THR H 186 26.64 3.42 -3.50
CA THR H 186 26.40 2.04 -3.93
C THR H 186 25.82 1.28 -2.73
N PRO H 187 25.11 0.19 -2.97
CA PRO H 187 24.64 -0.63 -1.83
C PRO H 187 25.80 -1.12 -0.96
N GLU H 188 26.89 -1.46 -1.60
CA GLU H 188 28.09 -1.93 -0.92
C GLU H 188 28.55 -0.88 0.12
N GLN H 189 28.58 0.41 -0.28
CA GLN H 189 28.97 1.50 0.64
C GLN H 189 28.02 1.60 1.82
N TRP H 190 26.71 1.53 1.53
CA TRP H 190 25.67 1.58 2.55
C TRP H 190 25.87 0.50 3.61
N LYS H 191 26.02 -0.76 3.20
CA LYS H 191 26.13 -1.87 4.16
C LYS H 191 27.47 -1.99 4.90
N SER H 192 28.47 -1.22 4.45
CA SER H 192 29.81 -1.38 4.97
C SER H 192 30.19 -0.27 5.92
N HIS H 193 29.21 0.46 6.45
CA HIS H 193 29.46 1.47 7.49
C HIS H 193 28.52 1.19 8.63
N ARG H 194 28.88 1.63 9.84
CA ARG H 194 28.00 1.47 11.02
C ARG H 194 26.70 2.27 10.84
N SER H 195 26.85 3.44 10.22
CA SER H 195 25.73 4.36 9.95
C SER H 195 26.14 5.50 9.02
N TYR H 196 25.14 6.26 8.58
CA TYR H 196 25.36 7.53 7.87
C TYR H 196 24.54 8.61 8.54
N SER H 197 25.10 9.83 8.59
CA SER H 197 24.41 10.95 9.22
C SER H 197 24.25 12.14 8.26
N CYS H 198 23.06 12.75 8.37
CA CYS H 198 22.79 14.08 7.84
C CYS H 198 22.79 15.11 9.00
N GLN H 199 23.67 16.11 8.89
CA GLN H 199 23.87 17.17 9.89
C GLN H 199 23.43 18.48 9.27
N VAL H 200 22.41 19.09 9.86
CA VAL H 200 21.88 20.33 9.36
C VAL H 200 22.29 21.42 10.34
N THR H 201 23.10 22.38 9.90
CA THR H 201 23.38 23.60 10.65
C THR H 201 22.50 24.77 10.21
N HIS H 202 21.89 25.43 11.19
CA HIS H 202 21.05 26.58 10.98
C HIS H 202 21.32 27.54 12.15
N GLU H 203 21.56 28.82 11.82
CA GLU H 203 21.94 29.82 12.82
C GLU H 203 23.04 29.30 13.74
N GLY H 204 24.02 28.60 13.16
CA GLY H 204 25.20 28.08 13.88
C GLY H 204 24.95 26.92 14.85
N SER H 205 23.70 26.48 14.94
CA SER H 205 23.30 25.37 15.82
C SER H 205 22.90 24.11 15.02
N THR H 206 23.53 22.98 15.34
CA THR H 206 23.44 21.75 14.54
C THR H 206 22.36 20.73 15.00
N VAL H 207 21.67 20.18 14.02
CA VAL H 207 20.67 19.13 14.22
C VAL H 207 21.13 17.93 13.38
N GLU H 208 21.37 16.79 14.02
CA GLU H 208 21.89 15.63 13.33
C GLU H 208 20.93 14.47 13.38
N LYS H 209 20.80 13.78 12.26
CA LYS H 209 20.06 12.53 12.21
C LYS H 209 20.94 11.45 11.60
N THR H 210 20.74 10.23 12.07
CA THR H 210 21.61 9.12 11.77
C THR H 210 20.79 7.88 11.36
N VAL H 211 21.19 7.21 10.28
CA VAL H 211 20.54 5.96 9.88
C VAL H 211 21.56 4.85 9.78
N ALA H 212 21.11 3.65 10.12
CA ALA H 212 21.99 2.48 10.11
C ALA H 212 21.38 1.37 9.23
N PRO H 213 22.22 0.59 8.53
CA PRO H 213 21.63 -0.56 7.80
C PRO H 213 20.80 -1.50 8.70
N THR H 214 19.82 -2.16 8.08
CA THR H 214 18.95 -3.13 8.71
C THR H 214 18.52 -4.15 7.63
#